data_2FDY
#
_entry.id   2FDY
#
_cell.length_a   70.197
_cell.length_b   156.620
_cell.length_c   103.997
_cell.angle_alpha   90.00
_cell.angle_beta   91.79
_cell.angle_gamma   90.00
#
_symmetry.space_group_name_H-M   'P 1 21 1'
#
loop_
_entity.id
_entity.type
_entity.pdbx_description
1 polymer 'Cytochrome P450 2A6'
2 non-polymer 'SULFATE ION'
3 non-polymer 'PROTOPORPHYRIN IX CONTAINING FE'
4 non-polymer "4,4'-DIPYRIDYL DISULFIDE"
5 water water
#
_entity_poly.entity_id   1
_entity_poly.type   'polypeptide(L)'
_entity_poly.pdbx_seq_one_letter_code
;MAKKTSSKGKLPPGPTPLPFIGNYLQLNTEQMYNSLMKISERYGPVFTIHLGPRRVVVLCGHDAVREALVDQAEEFSGRG
EQATFDWVFKGYGVVFSNGERAKQLRRFSIATLRDFGVGKRGIEERIQEEAGFLIDALRGTGGANIDPTFFLSRTVSNVI
SSIVFGDRFDYKDKEFLSLLRMMLGIFQFTSTSTGQLYEMFSSVMKHLPGPQQQAFQLLQGLEDFIAKKVEHNQRTLDPN
SPRDFIDSFLIRMQEEEKNPNTEFYLKNLVMTTLNLFIGGTETVSTTLRYGFLLLMKHPEVEAKVHEEIDRVIGKNRQPK
FEDRAKMPYMEAVIHEIQRFGDVIPMSLARRVKKDTKFRDFFLPKGTEVYPMLGSVLRDPSFFSNPQDFNPQHFLNEKGQ
FKKSDAFVPFSIGKRNCFGEGLARMELFLFFTTVMQNFRLKSSQSPKDIDVSPKHVGFATIPRNYTMSFLPRHHHH
;
_entity_poly.pdbx_strand_id   A,B,C,D
#
# COMPACT_ATOMS: atom_id res chain seq x y z
N LYS A 8 -23.22 23.53 14.31
CA LYS A 8 -23.53 23.97 12.92
C LYS A 8 -24.00 22.78 12.09
N GLY A 9 -24.33 21.68 12.76
CA GLY A 9 -24.76 20.48 12.06
C GLY A 9 -23.63 19.93 11.22
N LYS A 10 -22.50 20.60 11.26
CA LYS A 10 -21.31 20.21 10.51
C LYS A 10 -20.14 19.91 11.45
N LEU A 11 -19.36 18.91 11.08
CA LEU A 11 -18.21 18.53 11.88
C LEU A 11 -17.14 19.61 11.76
N PRO A 12 -16.21 19.66 12.71
CA PRO A 12 -15.14 20.67 12.67
C PRO A 12 -14.46 20.64 11.30
N PRO A 13 -13.91 21.77 10.86
CA PRO A 13 -13.23 21.86 9.56
C PRO A 13 -11.93 21.06 9.52
N GLY A 14 -11.55 20.62 8.32
CA GLY A 14 -10.33 19.85 8.14
C GLY A 14 -10.07 19.54 6.68
N PRO A 15 -8.85 19.10 6.34
CA PRO A 15 -8.51 18.77 4.94
C PRO A 15 -9.39 17.67 4.36
N THR A 16 -9.73 17.82 3.08
CA THR A 16 -10.57 16.85 2.39
C THR A 16 -9.90 15.48 2.37
N PRO A 17 -10.60 14.46 2.88
CA PRO A 17 -10.03 13.10 2.91
C PRO A 17 -10.24 12.32 1.61
N LEU A 18 -9.32 11.40 1.33
CA LEU A 18 -9.41 10.54 0.16
C LEU A 18 -9.94 9.18 0.60
N PRO A 19 -10.55 8.43 -0.34
CA PRO A 19 -11.10 7.10 -0.01
C PRO A 19 -10.11 6.17 0.68
N PHE A 20 -10.54 5.65 1.83
CA PHE A 20 -9.78 4.72 2.64
C PHE A 20 -8.53 5.29 3.30
N ILE A 21 -7.63 5.90 2.54
CA ILE A 21 -6.41 6.44 3.14
C ILE A 21 -6.63 7.76 3.92
N GLY A 22 -7.84 8.30 3.84
CA GLY A 22 -8.16 9.54 4.55
C GLY A 22 -7.20 10.68 4.26
N ASN A 23 -6.61 11.24 5.31
CA ASN A 23 -5.67 12.36 5.16
C ASN A 23 -4.22 11.89 5.27
N TYR A 24 -4.00 10.61 5.04
CA TYR A 24 -2.68 10.04 5.11
C TYR A 24 -1.62 10.84 4.36
N LEU A 25 -1.95 11.33 3.17
CA LEU A 25 -0.96 12.07 2.37
C LEU A 25 -0.57 13.44 2.94
N GLN A 26 -1.36 13.95 3.88
CA GLN A 26 -1.06 15.24 4.50
C GLN A 26 -0.52 15.02 5.91
N LEU A 27 -0.13 13.79 6.21
CA LEU A 27 0.39 13.44 7.52
C LEU A 27 1.74 12.75 7.41
N ASN A 28 2.55 12.86 8.47
CA ASN A 28 3.86 12.22 8.52
C ASN A 28 3.78 11.26 9.70
N THR A 29 3.65 9.97 9.43
CA THR A 29 3.54 8.98 10.49
C THR A 29 4.66 9.03 11.52
N GLU A 30 5.84 9.45 11.10
CA GLU A 30 6.97 9.52 12.03
C GLU A 30 6.83 10.73 12.93
N GLN A 31 6.05 11.71 12.50
CA GLN A 31 5.85 12.93 13.28
C GLN A 31 4.39 13.36 13.32
N MET A 32 3.52 12.52 13.88
CA MET A 32 2.11 12.85 13.94
C MET A 32 1.80 14.22 14.57
N TYR A 33 2.41 14.50 15.73
CA TYR A 33 2.18 15.78 16.42
C TYR A 33 2.46 16.98 15.50
N ASN A 34 3.66 17.04 14.92
CA ASN A 34 4.03 18.16 14.04
C ASN A 34 3.13 18.27 12.82
N SER A 35 2.69 17.12 12.31
CA SER A 35 1.81 17.10 11.14
C SER A 35 0.46 17.70 11.49
N LEU A 36 -0.07 17.33 12.65
CA LEU A 36 -1.35 17.83 13.12
C LEU A 36 -1.29 19.30 13.49
N MET A 37 -0.21 19.73 14.14
CA MET A 37 -0.08 21.12 14.51
C MET A 37 -0.02 21.97 13.24
N LYS A 38 0.61 21.43 12.19
CA LYS A 38 0.70 22.14 10.92
C LYS A 38 -0.70 22.33 10.32
N ILE A 39 -1.51 21.29 10.38
CA ILE A 39 -2.87 21.36 9.85
C ILE A 39 -3.72 22.29 10.70
N SER A 40 -3.45 22.29 12.01
CA SER A 40 -4.18 23.14 12.93
C SER A 40 -3.95 24.61 12.61
N GLU A 41 -2.72 24.95 12.22
CA GLU A 41 -2.40 26.33 11.89
C GLU A 41 -3.29 26.83 10.76
N ARG A 42 -3.71 25.91 9.90
CA ARG A 42 -4.56 26.28 8.78
C ARG A 42 -6.04 26.14 9.05
N TYR A 43 -6.43 25.17 9.87
CA TYR A 43 -7.84 24.94 10.16
C TYR A 43 -8.35 25.39 11.53
N GLY A 44 -7.43 25.65 12.46
CA GLY A 44 -7.85 26.07 13.79
C GLY A 44 -7.54 25.08 14.90
N PRO A 45 -7.79 25.46 16.16
CA PRO A 45 -7.54 24.63 17.35
C PRO A 45 -8.40 23.38 17.45
N VAL A 46 -9.53 23.35 16.74
CA VAL A 46 -10.40 22.19 16.77
C VAL A 46 -10.69 21.81 15.34
N PHE A 47 -10.23 20.63 14.92
CA PHE A 47 -10.45 20.21 13.55
C PHE A 47 -10.66 18.71 13.37
N THR A 48 -11.13 18.34 12.18
CA THR A 48 -11.39 16.94 11.85
C THR A 48 -10.24 16.39 10.99
N ILE A 49 -9.84 15.16 11.27
CA ILE A 49 -8.78 14.51 10.52
C ILE A 49 -9.19 13.06 10.28
N HIS A 50 -8.66 12.46 9.21
CA HIS A 50 -8.98 11.09 8.90
C HIS A 50 -7.72 10.23 8.87
N LEU A 51 -7.51 9.49 9.94
CA LEU A 51 -6.34 8.62 10.03
C LEU A 51 -6.81 7.37 9.31
N GLY A 52 -6.53 7.32 8.01
CA GLY A 52 -7.02 6.21 7.23
C GLY A 52 -8.52 6.44 7.28
N PRO A 53 -9.33 5.40 7.51
CA PRO A 53 -10.79 5.59 7.57
C PRO A 53 -11.32 6.06 8.94
N ARG A 54 -10.44 6.17 9.94
CA ARG A 54 -10.87 6.64 11.26
C ARG A 54 -11.03 8.15 11.26
N ARG A 55 -12.26 8.62 11.42
CA ARG A 55 -12.48 10.06 11.47
C ARG A 55 -12.27 10.46 12.92
N VAL A 56 -11.43 11.47 13.13
CA VAL A 56 -11.12 11.92 14.48
C VAL A 56 -11.14 13.44 14.63
N VAL A 57 -11.70 13.92 15.74
CA VAL A 57 -11.71 15.36 16.00
C VAL A 57 -10.50 15.66 16.88
N VAL A 58 -9.63 16.55 16.41
CA VAL A 58 -8.44 16.92 17.15
C VAL A 58 -8.65 18.21 17.95
N LEU A 59 -8.28 18.18 19.23
CA LEU A 59 -8.40 19.34 20.12
C LEU A 59 -7.02 19.88 20.48
N CYS A 60 -6.71 21.11 20.08
CA CYS A 60 -5.40 21.71 20.37
C CYS A 60 -5.47 22.89 21.33
N GLY A 61 -4.49 22.99 22.22
CA GLY A 61 -4.46 24.08 23.19
C GLY A 61 -5.29 23.84 24.43
N HIS A 62 -4.92 24.50 25.52
CA HIS A 62 -5.63 24.34 26.78
C HIS A 62 -7.14 24.60 26.72
N ASP A 63 -7.54 25.73 26.15
CA ASP A 63 -8.96 26.05 26.09
C ASP A 63 -9.83 24.98 25.43
N ALA A 64 -9.46 24.57 24.22
CA ALA A 64 -10.23 23.57 23.51
C ALA A 64 -10.33 22.25 24.29
N VAL A 65 -9.21 21.81 24.86
CA VAL A 65 -9.18 20.55 25.61
C VAL A 65 -10.01 20.61 26.89
N ARG A 66 -9.85 21.68 27.67
CA ARG A 66 -10.61 21.77 28.91
C ARG A 66 -12.11 21.89 28.63
N GLU A 67 -12.48 22.73 27.66
CA GLU A 67 -13.88 22.91 27.31
C GLU A 67 -14.56 21.58 26.99
N ALA A 68 -13.84 20.70 26.29
CA ALA A 68 -14.39 19.41 25.93
C ALA A 68 -14.37 18.39 27.07
N LEU A 69 -13.17 18.02 27.50
CA LEU A 69 -13.03 17.00 28.54
C LEU A 69 -13.57 17.33 29.93
N VAL A 70 -13.65 18.61 30.28
CA VAL A 70 -14.17 19.00 31.60
C VAL A 70 -15.52 19.69 31.48
N ASP A 71 -15.60 20.75 30.69
CA ASP A 71 -16.85 21.48 30.52
C ASP A 71 -17.97 20.61 29.95
N GLN A 72 -17.60 19.62 29.15
CA GLN A 72 -18.59 18.69 28.60
C GLN A 72 -18.08 17.28 28.87
N ALA A 73 -17.57 17.11 30.09
CA ALA A 73 -16.99 15.86 30.57
C ALA A 73 -17.80 14.61 30.22
N GLU A 74 -19.11 14.67 30.46
CA GLU A 74 -19.97 13.54 30.16
C GLU A 74 -20.01 13.23 28.67
N GLU A 75 -20.13 14.29 27.85
CA GLU A 75 -20.18 14.13 26.41
C GLU A 75 -18.89 13.51 25.83
N PHE A 76 -17.75 13.85 26.43
CA PHE A 76 -16.47 13.34 25.95
C PHE A 76 -15.90 12.22 26.80
N SER A 77 -16.75 11.61 27.61
CA SER A 77 -16.32 10.54 28.51
C SER A 77 -16.22 9.15 27.91
N GLY A 78 -16.47 9.01 26.61
CA GLY A 78 -16.36 7.71 25.98
C GLY A 78 -14.88 7.41 25.68
N ARG A 79 -14.54 6.14 25.49
CA ARG A 79 -13.17 5.75 25.19
C ARG A 79 -12.98 5.41 23.72
N GLY A 80 -11.93 5.98 23.12
CA GLY A 80 -11.63 5.72 21.73
C GLY A 80 -10.73 4.49 21.62
N GLU A 81 -9.98 4.39 20.53
CA GLU A 81 -9.11 3.23 20.36
C GLU A 81 -7.63 3.56 20.20
N GLN A 82 -6.83 2.53 20.40
CA GLN A 82 -5.39 2.57 20.22
C GLN A 82 -5.27 1.18 19.60
N ALA A 83 -5.25 1.17 18.27
CA ALA A 83 -5.21 -0.08 17.49
C ALA A 83 -4.25 -1.15 17.94
N THR A 84 -3.00 -0.79 18.25
CA THR A 84 -2.03 -1.79 18.68
C THR A 84 -2.49 -2.53 19.93
N PHE A 85 -2.85 -1.77 20.96
CA PHE A 85 -3.32 -2.37 22.21
C PHE A 85 -4.64 -3.12 22.03
N ASP A 86 -5.50 -2.60 21.16
CA ASP A 86 -6.79 -3.24 20.89
C ASP A 86 -6.61 -4.65 20.35
N TRP A 87 -5.47 -4.90 19.71
CA TRP A 87 -5.20 -6.22 19.16
C TRP A 87 -5.35 -7.29 20.24
N VAL A 88 -4.90 -6.98 21.45
CA VAL A 88 -4.99 -7.94 22.54
C VAL A 88 -6.20 -7.70 23.44
N PHE A 89 -6.47 -6.44 23.78
CA PHE A 89 -7.60 -6.10 24.65
C PHE A 89 -8.99 -6.29 24.05
N LYS A 90 -9.13 -5.95 22.77
CA LYS A 90 -10.40 -6.10 22.08
C LYS A 90 -11.59 -5.49 22.81
N GLY A 91 -11.36 -4.36 23.45
CA GLY A 91 -12.43 -3.68 24.16
C GLY A 91 -12.68 -4.18 25.57
N TYR A 92 -11.91 -5.17 26.02
CA TYR A 92 -12.09 -5.68 27.38
C TYR A 92 -11.08 -4.99 28.30
N GLY A 93 -11.30 -5.13 29.60
CA GLY A 93 -10.39 -4.49 30.56
C GLY A 93 -10.88 -3.09 30.83
N VAL A 94 -10.40 -2.47 31.90
CA VAL A 94 -10.82 -1.13 32.30
C VAL A 94 -10.44 0.04 31.36
N VAL A 95 -9.22 0.01 30.82
CA VAL A 95 -8.77 1.10 29.96
C VAL A 95 -9.53 1.30 28.64
N PHE A 96 -9.70 0.22 27.88
CA PHE A 96 -10.38 0.33 26.61
C PHE A 96 -11.86 -0.01 26.56
N SER A 97 -12.45 -0.25 27.73
CA SER A 97 -13.88 -0.57 27.79
C SER A 97 -14.71 0.71 27.66
N ASN A 98 -16.02 0.54 27.50
CA ASN A 98 -16.93 1.66 27.37
C ASN A 98 -18.25 1.35 28.07
N GLY A 99 -19.04 2.40 28.30
CA GLY A 99 -20.32 2.24 28.94
C GLY A 99 -20.33 1.53 30.28
N GLU A 100 -21.26 0.59 30.42
CA GLU A 100 -21.41 -0.18 31.65
C GLU A 100 -20.13 -0.92 32.06
N ARG A 101 -19.48 -1.57 31.11
CA ARG A 101 -18.25 -2.29 31.42
C ARG A 101 -17.26 -1.31 32.02
N ALA A 102 -17.11 -0.16 31.36
CA ALA A 102 -16.21 0.88 31.82
C ALA A 102 -16.55 1.37 33.24
N LYS A 103 -17.81 1.74 33.46
CA LYS A 103 -18.22 2.23 34.77
C LYS A 103 -17.97 1.18 35.85
N GLN A 104 -18.28 -0.06 35.51
CA GLN A 104 -18.12 -1.17 36.43
C GLN A 104 -16.64 -1.42 36.77
N LEU A 105 -15.82 -1.63 35.74
CA LEU A 105 -14.40 -1.92 35.95
C LEU A 105 -13.63 -0.77 36.60
N ARG A 106 -13.90 0.47 36.20
CA ARG A 106 -13.20 1.60 36.78
C ARG A 106 -13.52 1.70 38.27
N ARG A 107 -14.80 1.69 38.62
CA ARG A 107 -15.19 1.79 40.01
C ARG A 107 -14.54 0.72 40.88
N PHE A 108 -14.52 -0.51 40.39
CA PHE A 108 -13.91 -1.60 41.16
C PHE A 108 -12.39 -1.45 41.29
N SER A 109 -11.74 -1.05 40.19
CA SER A 109 -10.29 -0.88 40.21
C SER A 109 -9.85 0.18 41.19
N ILE A 110 -10.49 1.35 41.15
CA ILE A 110 -10.15 2.44 42.05
C ILE A 110 -10.32 2.02 43.52
N ALA A 111 -11.47 1.43 43.84
CA ALA A 111 -11.76 1.00 45.21
C ALA A 111 -10.77 -0.07 45.67
N THR A 112 -10.57 -1.08 44.84
CA THR A 112 -9.66 -2.16 45.17
C THR A 112 -8.25 -1.61 45.34
N LEU A 113 -7.89 -0.64 44.52
CA LEU A 113 -6.57 -0.03 44.61
C LEU A 113 -6.43 0.63 45.98
N ARG A 114 -7.47 1.36 46.38
CA ARG A 114 -7.44 2.02 47.68
C ARG A 114 -7.37 0.98 48.80
N ASP A 115 -8.07 -0.13 48.63
CA ASP A 115 -8.07 -1.18 49.63
C ASP A 115 -6.66 -1.69 49.90
N PHE A 116 -5.81 -1.65 48.88
CA PHE A 116 -4.45 -2.13 49.03
C PHE A 116 -3.41 -1.07 49.36
N GLY A 117 -3.86 0.09 49.85
CA GLY A 117 -2.93 1.13 50.24
C GLY A 117 -2.70 2.34 49.37
N VAL A 118 -3.10 2.30 48.10
CA VAL A 118 -2.87 3.45 47.24
C VAL A 118 -3.50 4.69 47.86
N GLY A 119 -2.72 5.75 47.96
CA GLY A 119 -3.21 6.99 48.53
C GLY A 119 -3.09 6.96 50.04
N LYS A 120 -2.61 5.84 50.57
CA LYS A 120 -2.47 5.68 52.01
C LYS A 120 -1.03 5.40 52.45
N ARG A 121 -0.85 5.34 53.77
CA ARG A 121 0.45 5.06 54.37
C ARG A 121 0.98 3.72 53.89
N GLY A 122 0.06 2.79 53.64
CA GLY A 122 0.44 1.46 53.19
C GLY A 122 1.30 1.45 51.95
N ILE A 123 0.88 2.14 50.90
CA ILE A 123 1.66 2.15 49.67
C ILE A 123 2.86 3.08 49.78
N GLU A 124 2.77 4.11 50.61
CA GLU A 124 3.90 5.01 50.76
C GLU A 124 5.09 4.23 51.31
N GLU A 125 4.83 3.35 52.26
CA GLU A 125 5.87 2.53 52.87
C GLU A 125 6.40 1.54 51.86
N ARG A 126 5.51 1.06 50.97
CA ARG A 126 5.89 0.12 49.94
C ARG A 126 6.87 0.80 49.00
N ILE A 127 6.54 2.03 48.62
CA ILE A 127 7.38 2.81 47.72
C ILE A 127 8.73 3.13 48.35
N GLN A 128 8.71 3.50 49.63
CA GLN A 128 9.94 3.83 50.33
C GLN A 128 10.85 2.62 50.38
N GLU A 129 10.29 1.45 50.66
CA GLU A 129 11.07 0.24 50.73
C GLU A 129 11.66 -0.09 49.35
N GLU A 130 10.86 0.05 48.29
CA GLU A 130 11.36 -0.25 46.96
C GLU A 130 12.39 0.80 46.54
N ALA A 131 12.24 2.02 47.02
CA ALA A 131 13.20 3.07 46.69
C ALA A 131 14.54 2.71 47.33
N GLY A 132 14.48 2.12 48.52
CA GLY A 132 15.69 1.69 49.19
C GLY A 132 16.36 0.60 48.38
N PHE A 133 15.55 -0.28 47.79
CA PHE A 133 16.11 -1.35 46.97
C PHE A 133 16.78 -0.75 45.73
N LEU A 134 16.22 0.33 45.19
CA LEU A 134 16.82 0.97 44.01
C LEU A 134 18.17 1.58 44.41
N ILE A 135 18.22 2.20 45.57
CA ILE A 135 19.47 2.80 46.04
C ILE A 135 20.54 1.71 46.18
N ASP A 136 20.18 0.56 46.75
CA ASP A 136 21.16 -0.52 46.87
C ASP A 136 21.63 -0.93 45.48
N ALA A 137 20.69 -1.11 44.56
CA ALA A 137 20.99 -1.51 43.20
C ALA A 137 21.89 -0.50 42.50
N LEU A 138 21.66 0.78 42.73
CA LEU A 138 22.49 1.79 42.11
C LEU A 138 23.90 1.79 42.72
N ARG A 139 23.98 1.67 44.05
CA ARG A 139 25.29 1.62 44.70
C ARG A 139 26.03 0.41 44.13
N GLY A 140 25.26 -0.65 43.86
CA GLY A 140 25.81 -1.87 43.32
C GLY A 140 26.58 -1.70 42.02
N THR A 141 26.23 -0.68 41.23
CA THR A 141 26.91 -0.45 39.96
C THR A 141 28.33 0.05 40.20
N GLY A 142 28.60 0.50 41.42
CA GLY A 142 29.92 0.99 41.74
C GLY A 142 30.31 2.26 40.99
N GLY A 143 29.32 3.01 40.55
CA GLY A 143 29.62 4.24 39.84
C GLY A 143 29.91 4.03 38.37
N ALA A 144 29.73 2.82 37.88
CA ALA A 144 29.96 2.52 36.47
C ALA A 144 28.99 3.33 35.63
N ASN A 145 29.31 3.49 34.35
CA ASN A 145 28.46 4.24 33.46
C ASN A 145 27.51 3.28 32.73
N ILE A 146 26.33 3.08 33.31
CA ILE A 146 25.37 2.14 32.76
C ILE A 146 24.05 2.72 32.23
N ASP A 147 23.22 1.83 31.68
CA ASP A 147 21.92 2.19 31.15
C ASP A 147 20.94 2.07 32.31
N PRO A 148 20.40 3.19 32.80
CA PRO A 148 19.46 3.17 33.93
C PRO A 148 18.10 2.55 33.64
N THR A 149 17.74 2.47 32.36
CA THR A 149 16.44 1.95 31.93
C THR A 149 15.80 0.88 32.79
N PHE A 150 16.41 -0.30 32.89
CA PHE A 150 15.79 -1.37 33.66
C PHE A 150 15.95 -1.32 35.17
N PHE A 151 16.91 -0.53 35.64
CA PHE A 151 17.06 -0.37 37.08
C PHE A 151 15.81 0.37 37.54
N LEU A 152 15.43 1.39 36.78
CA LEU A 152 14.25 2.20 37.13
C LEU A 152 12.93 1.48 36.92
N SER A 153 12.79 0.78 35.80
CA SER A 153 11.54 0.09 35.52
C SER A 153 11.30 -1.07 36.48
N ARG A 154 12.36 -1.74 36.92
CA ARG A 154 12.20 -2.84 37.87
C ARG A 154 11.65 -2.30 39.19
N THR A 155 12.20 -1.19 39.64
CA THR A 155 11.77 -0.56 40.90
C THR A 155 10.32 -0.09 40.78
N VAL A 156 10.04 0.67 39.73
CA VAL A 156 8.68 1.18 39.50
C VAL A 156 7.70 0.02 39.41
N SER A 157 7.97 -0.93 38.53
CA SER A 157 7.08 -2.08 38.34
C SER A 157 6.79 -2.88 39.61
N ASN A 158 7.75 -2.96 40.52
CA ASN A 158 7.51 -3.73 41.75
C ASN A 158 6.43 -3.14 42.65
N VAL A 159 6.17 -1.85 42.53
CA VAL A 159 5.13 -1.24 43.36
C VAL A 159 3.77 -1.78 42.92
N ILE A 160 3.41 -1.58 41.66
CA ILE A 160 2.13 -2.05 41.19
C ILE A 160 2.05 -3.58 41.20
N SER A 161 3.19 -4.23 40.99
CA SER A 161 3.21 -5.70 41.01
C SER A 161 2.86 -6.20 42.40
N SER A 162 3.31 -5.49 43.43
CA SER A 162 3.01 -5.88 44.80
C SER A 162 1.50 -5.91 44.98
N ILE A 163 0.82 -4.89 44.47
CA ILE A 163 -0.63 -4.77 44.58
C ILE A 163 -1.41 -5.81 43.79
N VAL A 164 -1.07 -5.97 42.51
CA VAL A 164 -1.81 -6.91 41.68
C VAL A 164 -1.42 -8.38 41.82
N PHE A 165 -0.14 -8.66 42.08
CA PHE A 165 0.29 -10.05 42.20
C PHE A 165 0.53 -10.49 43.64
N GLY A 166 0.43 -9.55 44.57
CA GLY A 166 0.63 -9.87 45.98
C GLY A 166 2.08 -9.90 46.43
N ASP A 167 3.02 -9.64 45.52
CA ASP A 167 4.43 -9.66 45.89
C ASP A 167 5.31 -9.04 44.80
N ARG A 168 6.51 -8.62 45.19
CA ARG A 168 7.44 -8.01 44.25
C ARG A 168 8.25 -9.07 43.52
N PHE A 169 8.93 -8.63 42.46
CA PHE A 169 9.78 -9.49 41.67
C PHE A 169 11.20 -9.30 42.19
N ASP A 170 12.01 -10.35 42.12
CA ASP A 170 13.41 -10.26 42.54
C ASP A 170 14.08 -9.54 41.37
N TYR A 171 14.99 -8.60 41.65
CA TYR A 171 15.64 -7.88 40.56
C TYR A 171 16.42 -8.78 39.62
N LYS A 172 16.72 -10.00 40.07
CA LYS A 172 17.46 -10.96 39.26
C LYS A 172 16.55 -11.80 38.35
N ASP A 173 15.29 -11.96 38.75
CA ASP A 173 14.32 -12.75 38.00
C ASP A 173 14.31 -12.45 36.49
N LYS A 174 14.92 -13.34 35.71
CA LYS A 174 14.99 -13.17 34.26
C LYS A 174 13.63 -13.05 33.57
N GLU A 175 12.61 -13.68 34.15
CA GLU A 175 11.28 -13.59 33.56
C GLU A 175 10.76 -12.17 33.75
N PHE A 176 11.15 -11.54 34.85
CA PHE A 176 10.75 -10.16 35.16
C PHE A 176 11.36 -9.22 34.12
N LEU A 177 12.64 -9.41 33.84
CA LEU A 177 13.32 -8.58 32.86
C LEU A 177 12.65 -8.77 31.49
N SER A 178 12.30 -10.01 31.18
CA SER A 178 11.65 -10.33 29.92
C SER A 178 10.34 -9.53 29.79
N LEU A 179 9.56 -9.48 30.86
CA LEU A 179 8.31 -8.75 30.87
C LEU A 179 8.53 -7.26 30.63
N LEU A 180 9.52 -6.70 31.31
CA LEU A 180 9.82 -5.27 31.17
C LEU A 180 10.26 -4.97 29.76
N ARG A 181 10.94 -5.92 29.11
CA ARG A 181 11.38 -5.73 27.73
C ARG A 181 10.17 -5.75 26.79
N MET A 182 9.16 -6.55 27.14
CA MET A 182 7.96 -6.61 26.32
C MET A 182 7.28 -5.25 26.35
N MET A 183 7.17 -4.69 27.55
CA MET A 183 6.53 -3.40 27.74
C MET A 183 7.26 -2.28 27.03
N LEU A 184 8.58 -2.21 27.17
CA LEU A 184 9.34 -1.15 26.50
C LEU A 184 9.21 -1.32 24.99
N GLY A 185 9.18 -2.56 24.54
CA GLY A 185 9.07 -2.82 23.11
C GLY A 185 7.77 -2.34 22.50
N ILE A 186 6.66 -2.60 23.18
CA ILE A 186 5.35 -2.19 22.70
C ILE A 186 5.22 -0.67 22.74
N PHE A 187 5.65 -0.11 23.87
CA PHE A 187 5.62 1.33 24.11
C PHE A 187 6.34 2.05 22.98
N GLN A 188 7.55 1.59 22.65
CA GLN A 188 8.31 2.22 21.58
C GLN A 188 7.69 2.00 20.20
N PHE A 189 7.17 0.80 19.95
CA PHE A 189 6.55 0.51 18.67
C PHE A 189 5.41 1.48 18.35
N THR A 190 4.54 1.72 19.34
CA THR A 190 3.41 2.62 19.12
C THR A 190 3.87 4.04 18.90
N SER A 191 5.14 4.32 19.17
CA SER A 191 5.66 5.66 18.99
C SER A 191 6.49 5.80 17.71
N THR A 192 6.60 4.73 16.93
CA THR A 192 7.37 4.77 15.69
C THR A 192 6.42 5.07 14.53
N SER A 193 7.01 5.33 13.36
CA SER A 193 6.24 5.62 12.16
C SER A 193 5.34 4.44 11.82
N THR A 194 5.87 3.22 11.91
CA THR A 194 5.04 2.06 11.61
C THR A 194 3.90 1.96 12.62
N GLY A 195 4.17 2.36 13.86
CA GLY A 195 3.16 2.32 14.90
C GLY A 195 2.02 3.28 14.61
N GLN A 196 2.35 4.47 14.12
CA GLN A 196 1.31 5.44 13.82
C GLN A 196 0.65 5.11 12.48
N LEU A 197 1.35 4.36 11.63
CA LEU A 197 0.78 3.95 10.34
C LEU A 197 -0.26 2.89 10.69
N TYR A 198 0.06 2.09 11.70
CA TYR A 198 -0.84 1.04 12.16
C TYR A 198 -2.16 1.64 12.65
N GLU A 199 -2.10 2.80 13.31
CA GLU A 199 -3.31 3.44 13.80
C GLU A 199 -4.28 3.80 12.68
N MET A 200 -3.78 3.94 11.46
CA MET A 200 -4.62 4.28 10.32
C MET A 200 -5.09 3.04 9.55
N PHE A 201 -4.17 2.10 9.35
CA PHE A 201 -4.46 0.92 8.54
C PHE A 201 -4.40 -0.45 9.20
N SER A 202 -4.85 -0.52 10.45
CA SER A 202 -4.84 -1.78 11.19
C SER A 202 -5.67 -2.87 10.51
N SER A 203 -6.77 -2.49 9.88
CA SER A 203 -7.65 -3.46 9.22
C SER A 203 -6.83 -4.34 8.27
N VAL A 204 -5.81 -3.75 7.68
CA VAL A 204 -4.95 -4.48 6.75
C VAL A 204 -3.64 -4.95 7.39
N MET A 205 -2.97 -4.04 8.10
CA MET A 205 -1.69 -4.33 8.71
C MET A 205 -1.66 -5.45 9.76
N LYS A 206 -2.76 -5.66 10.48
CA LYS A 206 -2.75 -6.70 11.49
C LYS A 206 -2.57 -8.09 10.85
N HIS A 207 -2.76 -8.15 9.53
CA HIS A 207 -2.63 -9.41 8.80
C HIS A 207 -1.35 -9.48 7.95
N LEU A 208 -0.55 -8.41 7.96
CA LEU A 208 0.69 -8.37 7.17
C LEU A 208 1.95 -8.56 8.02
N PRO A 209 3.05 -9.00 7.40
CA PRO A 209 4.30 -9.20 8.14
C PRO A 209 4.83 -7.81 8.49
N GLY A 210 5.70 -7.73 9.49
CA GLY A 210 6.23 -6.43 9.86
C GLY A 210 6.40 -6.24 11.35
N PRO A 211 6.93 -5.08 11.76
CA PRO A 211 7.13 -4.82 13.19
C PRO A 211 5.88 -5.02 14.02
N GLN A 212 4.70 -4.78 13.44
CA GLN A 212 3.46 -4.93 14.21
C GLN A 212 3.29 -6.36 14.71
N GLN A 213 3.77 -7.35 13.95
CA GLN A 213 3.63 -8.74 14.40
C GLN A 213 4.47 -8.98 15.65
N GLN A 214 5.63 -8.34 15.72
CA GLN A 214 6.49 -8.49 16.88
C GLN A 214 5.82 -7.86 18.10
N ALA A 215 5.20 -6.70 17.90
CA ALA A 215 4.50 -6.01 18.99
C ALA A 215 3.37 -6.89 19.51
N PHE A 216 2.64 -7.54 18.59
CA PHE A 216 1.56 -8.43 18.99
C PHE A 216 2.12 -9.57 19.83
N GLN A 217 3.29 -10.07 19.42
CA GLN A 217 3.97 -11.15 20.12
C GLN A 217 4.23 -10.74 21.56
N LEU A 218 4.73 -9.52 21.73
CA LEU A 218 5.02 -9.01 23.05
C LEU A 218 3.75 -8.86 23.90
N LEU A 219 2.65 -8.48 23.27
CA LEU A 219 1.40 -8.33 24.00
C LEU A 219 0.91 -9.71 24.44
N GLN A 220 1.03 -10.69 23.57
CA GLN A 220 0.60 -12.04 23.90
C GLN A 220 1.48 -12.58 25.03
N GLY A 221 2.75 -12.22 25.03
CA GLY A 221 3.65 -12.67 26.08
C GLY A 221 3.18 -12.13 27.41
N LEU A 222 2.82 -10.84 27.43
CA LEU A 222 2.34 -10.22 28.65
C LEU A 222 1.02 -10.83 29.10
N GLU A 223 0.11 -11.04 28.16
CA GLU A 223 -1.20 -11.62 28.49
C GLU A 223 -1.03 -13.02 29.06
N ASP A 224 -0.12 -13.80 28.47
CA ASP A 224 0.11 -15.16 28.93
C ASP A 224 0.59 -15.17 30.37
N PHE A 225 1.50 -14.25 30.69
CA PHE A 225 2.02 -14.17 32.05
C PHE A 225 0.88 -13.87 33.03
N ILE A 226 -0.01 -12.96 32.66
CA ILE A 226 -1.14 -12.61 33.53
C ILE A 226 -2.08 -13.81 33.69
N ALA A 227 -2.33 -14.51 32.59
CA ALA A 227 -3.22 -15.67 32.63
C ALA A 227 -2.67 -16.71 33.60
N LYS A 228 -1.35 -16.92 33.58
CA LYS A 228 -0.72 -17.90 34.48
C LYS A 228 -0.92 -17.48 35.92
N LYS A 229 -0.69 -16.19 36.20
CA LYS A 229 -0.84 -15.66 37.53
C LYS A 229 -2.25 -15.82 38.03
N VAL A 230 -3.22 -15.62 37.14
CA VAL A 230 -4.62 -15.75 37.49
C VAL A 230 -4.96 -17.19 37.86
N GLU A 231 -4.49 -18.14 37.05
CA GLU A 231 -4.75 -19.55 37.28
C GLU A 231 -4.17 -20.02 38.61
N HIS A 232 -2.96 -19.57 38.92
CA HIS A 232 -2.33 -19.96 40.17
C HIS A 232 -3.14 -19.44 41.35
N ASN A 233 -3.50 -18.16 41.30
CA ASN A 233 -4.28 -17.55 42.37
C ASN A 233 -5.63 -18.24 42.50
N GLN A 234 -6.16 -18.72 41.37
CA GLN A 234 -7.44 -19.43 41.36
C GLN A 234 -7.40 -20.71 42.16
N ARG A 235 -6.37 -21.52 41.94
CA ARG A 235 -6.26 -22.79 42.65
C ARG A 235 -5.63 -22.69 44.04
N THR A 236 -5.61 -21.49 44.61
CA THR A 236 -5.05 -21.29 45.95
C THR A 236 -5.77 -20.16 46.68
N LEU A 237 -6.86 -19.70 46.09
CA LEU A 237 -7.65 -18.60 46.64
C LEU A 237 -8.41 -18.86 47.93
N ASP A 238 -8.38 -17.88 48.81
CA ASP A 238 -9.11 -17.92 50.07
C ASP A 238 -10.15 -16.82 49.93
N PRO A 239 -11.38 -17.18 49.52
CA PRO A 239 -12.49 -16.25 49.32
C PRO A 239 -12.69 -15.26 50.45
N ASN A 240 -12.19 -15.59 51.65
CA ASN A 240 -12.34 -14.73 52.81
C ASN A 240 -11.15 -13.80 52.99
N SER A 241 -10.02 -14.11 52.36
CA SER A 241 -8.83 -13.30 52.50
C SER A 241 -8.02 -13.13 51.21
N PRO A 242 -8.36 -12.09 50.41
CA PRO A 242 -7.66 -11.81 49.15
C PRO A 242 -6.23 -11.31 49.36
N ARG A 243 -5.29 -11.86 48.61
CA ARG A 243 -3.88 -11.48 48.73
C ARG A 243 -3.50 -10.29 47.85
N ASP A 244 -4.31 -10.02 46.84
CA ASP A 244 -4.01 -8.95 45.90
C ASP A 244 -5.20 -8.64 45.00
N PHE A 245 -4.97 -7.73 44.05
CA PHE A 245 -6.01 -7.31 43.11
C PHE A 245 -6.69 -8.49 42.43
N ILE A 246 -5.89 -9.46 41.98
CA ILE A 246 -6.42 -10.62 41.29
C ILE A 246 -7.45 -11.40 42.14
N ASP A 247 -7.08 -11.72 43.38
CA ASP A 247 -7.98 -12.43 44.28
C ASP A 247 -9.28 -11.67 44.46
N SER A 248 -9.17 -10.36 44.67
CA SER A 248 -10.33 -9.51 44.87
C SER A 248 -11.29 -9.65 43.70
N PHE A 249 -10.75 -9.59 42.49
CA PHE A 249 -11.56 -9.69 41.29
C PHE A 249 -12.18 -11.09 41.20
N LEU A 250 -11.41 -12.10 41.59
CA LEU A 250 -11.89 -13.48 41.55
C LEU A 250 -13.07 -13.69 42.50
N ILE A 251 -12.99 -13.05 43.67
CA ILE A 251 -14.05 -13.15 44.66
C ILE A 251 -15.31 -12.51 44.09
N ARG A 252 -15.15 -11.31 43.53
CA ARG A 252 -16.29 -10.61 42.94
C ARG A 252 -16.88 -11.47 41.82
N MET A 253 -16.01 -12.13 41.05
CA MET A 253 -16.47 -13.00 39.97
C MET A 253 -17.35 -14.11 40.53
N GLN A 254 -16.93 -14.68 41.66
CA GLN A 254 -17.70 -15.75 42.30
C GLN A 254 -19.09 -15.24 42.68
N GLU A 255 -19.14 -14.04 43.24
CA GLU A 255 -20.39 -13.43 43.66
C GLU A 255 -21.30 -13.11 42.48
N GLU A 256 -20.72 -12.77 41.34
CA GLU A 256 -21.48 -12.42 40.13
C GLU A 256 -21.83 -13.59 39.24
N GLU A 257 -21.51 -14.81 39.68
CA GLU A 257 -21.79 -16.01 38.89
C GLU A 257 -23.25 -16.20 38.44
N LYS A 258 -24.19 -15.81 39.29
CA LYS A 258 -25.61 -15.98 38.94
C LYS A 258 -26.15 -14.74 38.22
N ASN A 259 -25.24 -13.94 37.69
CA ASN A 259 -25.62 -12.74 36.96
C ASN A 259 -25.12 -12.87 35.52
N PRO A 260 -26.04 -13.15 34.58
CA PRO A 260 -25.76 -13.32 33.16
C PRO A 260 -25.14 -12.11 32.49
N ASN A 261 -25.46 -10.93 33.01
CA ASN A 261 -24.97 -9.68 32.43
C ASN A 261 -23.83 -9.01 33.19
N THR A 262 -23.24 -9.72 34.15
CA THR A 262 -22.15 -9.16 34.93
C THR A 262 -20.97 -8.80 34.03
N GLU A 263 -20.14 -7.86 34.49
CA GLU A 263 -18.96 -7.46 33.73
C GLU A 263 -17.75 -8.11 34.38
N PHE A 264 -18.00 -8.83 35.47
CA PHE A 264 -16.93 -9.50 36.19
C PHE A 264 -16.77 -10.95 35.81
N TYR A 265 -15.93 -11.17 34.80
CA TYR A 265 -15.64 -12.50 34.32
C TYR A 265 -14.16 -12.56 33.92
N LEU A 266 -13.65 -13.76 33.71
CA LEU A 266 -12.23 -13.96 33.40
C LEU A 266 -11.54 -13.03 32.39
N LYS A 267 -12.16 -12.77 31.24
CA LYS A 267 -11.49 -11.91 30.28
C LYS A 267 -11.30 -10.49 30.79
N ASN A 268 -12.30 -9.93 31.46
CA ASN A 268 -12.14 -8.58 31.99
C ASN A 268 -11.12 -8.58 33.14
N LEU A 269 -10.97 -9.73 33.79
CA LEU A 269 -10.02 -9.84 34.90
C LEU A 269 -8.60 -9.83 34.33
N VAL A 270 -8.40 -10.62 33.28
CA VAL A 270 -7.10 -10.70 32.65
C VAL A 270 -6.69 -9.36 32.08
N MET A 271 -7.58 -8.73 31.31
CA MET A 271 -7.25 -7.45 30.69
C MET A 271 -7.12 -6.30 31.67
N THR A 272 -7.97 -6.26 32.70
CA THR A 272 -7.90 -5.19 33.69
C THR A 272 -6.56 -5.26 34.44
N THR A 273 -6.15 -6.46 34.81
CA THR A 273 -4.88 -6.67 35.51
C THR A 273 -3.70 -6.30 34.61
N LEU A 274 -3.84 -6.57 33.32
CA LEU A 274 -2.79 -6.24 32.37
C LEU A 274 -2.67 -4.72 32.26
N ASN A 275 -3.83 -4.05 32.21
CA ASN A 275 -3.87 -2.60 32.14
C ASN A 275 -3.07 -1.98 33.29
N LEU A 276 -3.32 -2.46 34.50
CA LEU A 276 -2.66 -1.94 35.68
C LEU A 276 -1.17 -2.28 35.73
N PHE A 277 -0.82 -3.46 35.25
CA PHE A 277 0.58 -3.88 35.27
C PHE A 277 1.38 -3.02 34.29
N ILE A 278 0.86 -2.84 33.08
CA ILE A 278 1.55 -2.02 32.08
C ILE A 278 1.49 -0.56 32.50
N GLY A 279 0.28 -0.11 32.79
CA GLY A 279 0.07 1.28 33.19
C GLY A 279 0.86 1.69 34.42
N GLY A 280 0.92 0.80 35.41
CA GLY A 280 1.65 1.11 36.62
C GLY A 280 3.15 1.03 36.45
N THR A 281 3.61 0.65 35.25
CA THR A 281 5.04 0.54 35.02
C THR A 281 5.71 1.53 34.05
N GLU A 282 5.29 1.46 32.79
CA GLU A 282 5.92 2.26 31.73
C GLU A 282 5.95 3.77 31.77
N THR A 283 4.85 4.43 32.12
CA THR A 283 4.87 5.89 32.15
C THR A 283 5.75 6.49 33.23
N VAL A 284 5.67 5.97 34.44
CA VAL A 284 6.51 6.50 35.52
C VAL A 284 7.98 6.20 35.21
N SER A 285 8.23 4.99 34.72
CA SER A 285 9.60 4.57 34.37
C SER A 285 10.19 5.53 33.33
N THR A 286 9.41 5.79 32.28
CA THR A 286 9.83 6.67 31.19
C THR A 286 10.04 8.10 31.71
N THR A 287 9.16 8.54 32.60
CA THR A 287 9.28 9.89 33.16
C THR A 287 10.56 9.99 33.99
N LEU A 288 10.81 8.99 34.83
CA LEU A 288 12.04 9.00 35.62
C LEU A 288 13.26 9.04 34.70
N ARG A 289 13.28 8.17 33.69
CA ARG A 289 14.40 8.10 32.76
C ARG A 289 14.64 9.42 32.05
N TYR A 290 13.57 10.05 31.57
CA TYR A 290 13.70 11.32 30.87
C TYR A 290 14.19 12.40 31.85
N GLY A 291 13.64 12.35 33.07
CA GLY A 291 13.98 13.29 34.11
C GLY A 291 15.46 13.37 34.44
N PHE A 292 16.11 12.22 34.65
CA PHE A 292 17.55 12.24 34.97
C PHE A 292 18.37 12.77 33.79
N LEU A 293 17.92 12.50 32.57
CA LEU A 293 18.63 12.98 31.40
C LEU A 293 18.54 14.51 31.38
N LEU A 294 17.34 15.01 31.67
CA LEU A 294 17.09 16.45 31.72
C LEU A 294 17.93 17.13 32.80
N LEU A 295 18.04 16.48 33.95
CA LEU A 295 18.81 17.04 35.06
C LEU A 295 20.30 17.13 34.75
N MET A 296 20.84 16.13 34.06
CA MET A 296 22.25 16.14 33.69
C MET A 296 22.50 17.18 32.59
N LYS A 297 21.44 17.51 31.85
CA LYS A 297 21.52 18.50 30.79
C LYS A 297 21.52 19.90 31.43
N HIS A 298 20.96 19.98 32.63
CA HIS A 298 20.86 21.25 33.35
C HIS A 298 21.40 21.14 34.78
N PRO A 299 22.74 21.09 34.92
CA PRO A 299 23.46 21.00 36.19
C PRO A 299 22.98 21.97 37.26
N GLU A 300 22.65 23.19 36.84
CA GLU A 300 22.18 24.23 37.75
C GLU A 300 20.94 23.78 38.52
N VAL A 301 20.08 23.01 37.85
CA VAL A 301 18.85 22.52 38.46
C VAL A 301 19.15 21.42 39.47
N GLU A 302 20.04 20.49 39.10
CA GLU A 302 20.38 19.41 40.01
C GLU A 302 20.97 20.02 41.29
N ALA A 303 21.80 21.04 41.13
CA ALA A 303 22.41 21.69 42.29
C ALA A 303 21.37 22.29 43.23
N LYS A 304 20.34 22.94 42.68
CA LYS A 304 19.31 23.54 43.53
C LYS A 304 18.49 22.46 44.22
N VAL A 305 18.28 21.34 43.52
CA VAL A 305 17.54 20.22 44.08
C VAL A 305 18.30 19.68 45.28
N HIS A 306 19.62 19.57 45.13
CA HIS A 306 20.46 19.07 46.19
C HIS A 306 20.44 19.99 47.42
N GLU A 307 20.42 21.30 47.19
CA GLU A 307 20.38 22.26 48.29
C GLU A 307 19.09 22.14 49.09
N GLU A 308 17.98 21.87 48.40
CA GLU A 308 16.69 21.76 49.08
C GLU A 308 16.54 20.45 49.83
N ILE A 309 17.05 19.36 49.26
CA ILE A 309 16.96 18.07 49.91
C ILE A 309 17.81 18.07 51.20
N ASP A 310 19.03 18.56 51.11
CA ASP A 310 19.91 18.59 52.28
C ASP A 310 19.33 19.45 53.39
N ARG A 311 18.62 20.50 53.02
CA ARG A 311 18.00 21.40 53.98
C ARG A 311 16.76 20.79 54.63
N VAL A 312 15.78 20.40 53.82
CA VAL A 312 14.55 19.85 54.37
C VAL A 312 14.65 18.43 54.90
N ILE A 313 15.36 17.56 54.17
CA ILE A 313 15.48 16.16 54.59
C ILE A 313 16.80 15.76 55.24
N GLY A 314 17.91 16.24 54.71
CA GLY A 314 19.20 15.88 55.27
C GLY A 314 19.77 14.68 54.52
N LYS A 315 20.85 14.10 55.04
CA LYS A 315 21.48 12.97 54.38
C LYS A 315 21.18 11.62 55.02
N ASN A 316 20.52 11.63 56.18
CA ASN A 316 20.24 10.39 56.88
C ASN A 316 18.90 9.71 56.67
N ARG A 317 17.80 10.37 57.04
CA ARG A 317 16.50 9.75 56.91
C ARG A 317 16.00 9.56 55.49
N GLN A 318 15.00 8.68 55.36
CA GLN A 318 14.41 8.41 54.07
C GLN A 318 13.35 9.46 53.76
N PRO A 319 13.33 9.94 52.52
CA PRO A 319 12.32 10.95 52.16
C PRO A 319 10.95 10.34 52.36
N LYS A 320 9.97 11.16 52.73
CA LYS A 320 8.60 10.69 52.92
C LYS A 320 7.71 11.60 52.09
N PHE A 321 6.53 11.13 51.73
CA PHE A 321 5.66 11.95 50.89
C PHE A 321 5.32 13.33 51.43
N GLU A 322 5.16 13.44 52.75
CA GLU A 322 4.82 14.74 53.35
C GLU A 322 5.93 15.79 53.19
N ASP A 323 7.11 15.36 52.77
CA ASP A 323 8.21 16.28 52.58
C ASP A 323 8.01 17.19 51.37
N ARG A 324 7.21 16.74 50.41
CA ARG A 324 7.02 17.55 49.20
C ARG A 324 6.40 18.92 49.48
N ALA A 325 5.54 19.02 50.48
CA ALA A 325 4.90 20.29 50.84
C ALA A 325 5.93 21.30 51.34
N LYS A 326 7.12 20.83 51.68
CA LYS A 326 8.19 21.68 52.17
C LYS A 326 9.28 21.82 51.11
N MET A 327 9.02 21.29 49.92
CA MET A 327 10.00 21.33 48.86
C MET A 327 9.45 21.85 47.53
N PRO A 328 9.11 23.13 47.46
CA PRO A 328 8.56 23.71 46.23
C PRO A 328 9.47 23.56 45.00
N TYR A 329 10.79 23.65 45.18
CA TYR A 329 11.66 23.52 44.03
C TYR A 329 11.57 22.11 43.44
N MET A 330 11.74 21.09 44.28
CA MET A 330 11.64 19.72 43.79
C MET A 330 10.28 19.53 43.09
N GLU A 331 9.23 20.07 43.70
CA GLU A 331 7.88 19.96 43.15
C GLU A 331 7.81 20.60 41.77
N ALA A 332 8.48 21.74 41.61
CA ALA A 332 8.51 22.43 40.33
C ALA A 332 9.32 21.65 39.31
N VAL A 333 10.43 21.07 39.76
CA VAL A 333 11.27 20.28 38.86
C VAL A 333 10.53 19.06 38.32
N ILE A 334 9.83 18.33 39.18
CA ILE A 334 9.11 17.15 38.74
C ILE A 334 7.99 17.53 37.77
N HIS A 335 7.27 18.62 38.07
CA HIS A 335 6.19 19.09 37.20
C HIS A 335 6.75 19.47 35.84
N GLU A 336 7.91 20.12 35.85
CA GLU A 336 8.56 20.56 34.62
C GLU A 336 9.09 19.36 33.85
N ILE A 337 9.39 18.28 34.54
CA ILE A 337 9.87 17.07 33.88
C ILE A 337 8.69 16.43 33.14
N GLN A 338 7.53 16.40 33.79
CA GLN A 338 6.35 15.83 33.17
C GLN A 338 5.84 16.72 32.05
N ARG A 339 5.98 18.04 32.21
CA ARG A 339 5.54 18.98 31.19
C ARG A 339 6.42 18.88 29.94
N PHE A 340 7.74 18.87 30.14
CA PHE A 340 8.68 18.80 29.03
C PHE A 340 8.63 17.39 28.42
N GLY A 341 8.60 16.38 29.29
CA GLY A 341 8.56 14.99 28.84
C GLY A 341 7.39 14.67 27.94
N ASP A 342 6.20 15.16 28.30
CA ASP A 342 5.00 14.96 27.49
C ASP A 342 4.91 13.48 27.07
N VAL A 343 5.04 12.60 28.06
CA VAL A 343 5.04 11.15 27.85
C VAL A 343 3.95 10.53 26.98
N ILE A 344 2.69 10.96 27.16
CA ILE A 344 1.56 10.47 26.35
C ILE A 344 1.04 11.76 25.66
N PRO A 345 1.73 12.19 24.59
CA PRO A 345 1.38 13.41 23.85
C PRO A 345 -0.02 13.64 23.30
N MET A 346 -0.72 12.58 22.93
CA MET A 346 -2.07 12.73 22.40
C MET A 346 -3.07 12.01 23.29
N SER A 347 -2.68 11.83 24.55
CA SER A 347 -3.50 11.15 25.54
C SER A 347 -3.90 9.80 25.00
N LEU A 348 -4.97 9.25 25.56
CA LEU A 348 -5.56 7.99 25.11
C LEU A 348 -6.85 8.52 24.46
N ALA A 349 -7.11 8.15 23.21
CA ALA A 349 -8.30 8.63 22.50
C ALA A 349 -9.63 8.53 23.27
N ARG A 350 -10.42 9.60 23.20
CA ARG A 350 -11.74 9.62 23.83
C ARG A 350 -12.74 9.37 22.71
N ARG A 351 -14.03 9.38 23.05
CA ARG A 351 -15.09 9.18 22.09
C ARG A 351 -16.36 9.86 22.61
N VAL A 352 -17.02 10.65 21.75
CA VAL A 352 -18.24 11.32 22.19
C VAL A 352 -19.28 10.25 22.51
N LYS A 353 -19.79 10.31 23.74
CA LYS A 353 -20.77 9.32 24.21
C LYS A 353 -22.18 9.52 23.68
N LYS A 354 -22.45 10.69 23.11
CA LYS A 354 -23.78 11.00 22.57
C LYS A 354 -23.72 12.28 21.76
N ASP A 355 -24.50 12.35 20.69
CA ASP A 355 -24.53 13.53 19.83
C ASP A 355 -24.46 14.77 20.70
N THR A 356 -23.66 15.74 20.29
CA THR A 356 -23.52 16.96 21.07
C THR A 356 -22.97 18.11 20.25
N LYS A 357 -23.22 19.33 20.72
CA LYS A 357 -22.74 20.54 20.06
C LYS A 357 -21.50 21.01 20.81
N PHE A 358 -20.47 21.38 20.06
CA PHE A 358 -19.22 21.84 20.67
C PHE A 358 -18.67 22.99 19.84
N ARG A 359 -18.70 24.19 20.41
CA ARG A 359 -18.21 25.37 19.72
C ARG A 359 -18.86 25.57 18.35
N ASP A 360 -20.17 25.40 18.31
CA ASP A 360 -20.93 25.55 17.07
C ASP A 360 -20.63 24.43 16.10
N PHE A 361 -20.06 23.34 16.59
CA PHE A 361 -19.74 22.18 15.76
C PHE A 361 -20.65 21.04 16.16
N PHE A 362 -20.96 20.16 15.21
CA PHE A 362 -21.80 19.01 15.49
C PHE A 362 -20.96 17.75 15.56
N LEU A 363 -20.94 17.12 16.72
CA LEU A 363 -20.18 15.89 16.93
C LEU A 363 -21.15 14.75 17.20
N PRO A 364 -21.37 13.89 16.20
CA PRO A 364 -22.27 12.75 16.34
C PRO A 364 -21.72 11.64 17.22
N LYS A 365 -22.60 10.99 17.96
CA LYS A 365 -22.23 9.89 18.85
C LYS A 365 -21.21 8.95 18.22
N GLY A 366 -20.21 8.54 18.99
CA GLY A 366 -19.19 7.64 18.48
C GLY A 366 -17.97 8.28 17.87
N THR A 367 -18.00 9.60 17.68
CA THR A 367 -16.87 10.30 17.09
C THR A 367 -15.62 10.24 17.97
N GLU A 368 -14.52 9.73 17.41
CA GLU A 368 -13.27 9.64 18.14
C GLU A 368 -12.68 11.02 18.33
N VAL A 369 -12.01 11.23 19.47
CA VAL A 369 -11.41 12.50 19.81
C VAL A 369 -9.96 12.38 20.30
N TYR A 370 -9.09 13.22 19.76
CA TYR A 370 -7.69 13.24 20.16
C TYR A 370 -7.37 14.50 20.98
N PRO A 371 -7.34 14.39 22.31
CA PRO A 371 -7.02 15.57 23.13
C PRO A 371 -5.50 15.71 23.05
N MET A 372 -5.01 16.79 22.43
CA MET A 372 -3.56 16.97 22.30
C MET A 372 -2.93 17.53 23.57
N LEU A 373 -2.74 16.67 24.55
CA LEU A 373 -2.15 17.07 25.83
C LEU A 373 -0.84 17.83 25.65
N GLY A 374 -0.02 17.36 24.73
CA GLY A 374 1.26 18.01 24.48
C GLY A 374 1.13 19.48 24.10
N SER A 375 0.09 19.81 23.33
CA SER A 375 -0.16 21.20 22.90
C SER A 375 -0.62 22.06 24.09
N VAL A 376 -1.12 21.41 25.14
CA VAL A 376 -1.56 22.15 26.33
C VAL A 376 -0.34 22.32 27.25
N LEU A 377 0.47 21.28 27.36
CA LEU A 377 1.66 21.36 28.19
C LEU A 377 2.61 22.44 27.66
N ARG A 378 2.47 22.77 26.38
CA ARG A 378 3.33 23.79 25.76
C ARG A 378 2.57 25.04 25.33
N ASP A 379 1.35 25.18 25.82
CA ASP A 379 0.52 26.31 25.45
C ASP A 379 1.23 27.60 25.86
N PRO A 380 1.55 28.46 24.88
CA PRO A 380 2.24 29.72 25.17
C PRO A 380 1.46 30.72 26.02
N SER A 381 0.20 30.41 26.32
CA SER A 381 -0.63 31.28 27.14
C SER A 381 -0.43 30.93 28.62
N PHE A 382 0.18 29.77 28.88
CA PHE A 382 0.40 29.33 30.24
C PHE A 382 1.87 29.19 30.64
N PHE A 383 2.75 29.13 29.65
CA PHE A 383 4.19 29.01 29.94
C PHE A 383 4.92 29.95 28.99
N SER A 384 5.85 30.75 29.52
CA SER A 384 6.59 31.73 28.73
C SER A 384 7.54 31.18 27.66
N ASN A 385 8.30 30.15 28.01
CA ASN A 385 9.23 29.55 27.04
C ASN A 385 8.93 28.07 27.10
N PRO A 386 7.78 27.67 26.55
CA PRO A 386 7.31 26.28 26.51
C PRO A 386 8.29 25.26 25.96
N GLN A 387 9.19 25.71 25.09
CA GLN A 387 10.16 24.79 24.50
C GLN A 387 11.37 24.58 25.41
N ASP A 388 11.50 25.42 26.43
CA ASP A 388 12.64 25.29 27.35
C ASP A 388 12.33 24.48 28.60
N PHE A 389 13.31 23.72 29.06
CA PHE A 389 13.15 22.98 30.30
C PHE A 389 13.52 24.02 31.36
N ASN A 390 12.52 24.48 32.11
CA ASN A 390 12.79 25.49 33.12
C ASN A 390 11.81 25.36 34.28
N PRO A 391 12.31 24.95 35.45
CA PRO A 391 11.47 24.77 36.64
C PRO A 391 10.69 26.03 37.02
N GLN A 392 11.17 27.21 36.60
CA GLN A 392 10.49 28.46 36.93
C GLN A 392 9.06 28.48 36.40
N HIS A 393 8.79 27.67 35.37
CA HIS A 393 7.45 27.59 34.80
C HIS A 393 6.47 27.24 35.92
N PHE A 394 6.98 26.66 37.00
CA PHE A 394 6.14 26.28 38.12
C PHE A 394 6.52 26.93 39.46
N LEU A 395 7.12 28.13 39.38
CA LEU A 395 7.50 28.90 40.57
C LEU A 395 7.22 30.38 40.37
N ASN A 396 6.82 31.08 41.43
CA ASN A 396 6.62 32.53 41.33
C ASN A 396 7.97 33.15 41.65
N GLU A 397 8.04 34.48 41.67
CA GLU A 397 9.30 35.17 41.97
C GLU A 397 9.83 34.87 43.37
N LYS A 398 8.96 34.38 44.25
CA LYS A 398 9.36 34.06 45.62
C LYS A 398 9.82 32.61 45.77
N GLY A 399 9.91 31.89 44.65
CA GLY A 399 10.36 30.51 44.69
C GLY A 399 9.37 29.52 45.28
N GLN A 400 8.09 29.90 45.34
CA GLN A 400 7.06 29.02 45.87
C GLN A 400 6.37 28.30 44.70
N PHE A 401 5.88 27.09 44.92
CA PHE A 401 5.25 26.32 43.85
C PHE A 401 3.97 26.97 43.30
N LYS A 402 3.95 27.13 41.98
CA LYS A 402 2.81 27.74 41.28
C LYS A 402 2.16 26.75 40.33
N LYS A 403 0.91 26.42 40.63
CA LYS A 403 0.11 25.49 39.84
C LYS A 403 -0.26 26.08 38.48
N SER A 404 -0.62 25.23 37.53
CA SER A 404 -1.03 25.67 36.20
C SER A 404 -2.19 24.84 35.69
N ASP A 405 -3.19 25.52 35.14
CA ASP A 405 -4.36 24.83 34.58
C ASP A 405 -3.97 24.04 33.34
N ALA A 406 -2.80 24.37 32.78
CA ALA A 406 -2.32 23.68 31.58
C ALA A 406 -1.45 22.47 31.89
N PHE A 407 -1.29 22.15 33.18
CA PHE A 407 -0.50 20.98 33.57
C PHE A 407 -1.47 19.81 33.52
N VAL A 408 -1.54 19.13 32.38
CA VAL A 408 -2.45 17.99 32.18
C VAL A 408 -1.81 16.70 31.67
N PRO A 409 -0.65 16.29 32.22
CA PRO A 409 0.00 15.06 31.75
C PRO A 409 -0.80 13.80 32.03
N PHE A 410 -1.74 13.86 32.97
CA PHE A 410 -2.58 12.71 33.31
C PHE A 410 -3.95 12.92 32.66
N SER A 411 -4.03 13.93 31.81
CA SER A 411 -5.29 14.29 31.16
C SER A 411 -6.27 14.77 32.24
N ILE A 412 -7.52 15.01 31.83
CA ILE A 412 -8.57 15.50 32.72
C ILE A 412 -9.92 14.93 32.31
N GLY A 413 -10.94 15.10 33.15
CA GLY A 413 -12.25 14.60 32.80
C GLY A 413 -12.65 13.28 33.42
N LYS A 414 -13.78 12.74 32.95
CA LYS A 414 -14.35 11.49 33.44
C LYS A 414 -13.53 10.21 33.28
N ARG A 415 -12.64 10.16 32.30
CA ARG A 415 -11.81 8.97 32.11
C ARG A 415 -10.33 9.29 32.30
N ASN A 416 -10.02 10.27 33.15
CA ASN A 416 -8.64 10.63 33.39
C ASN A 416 -7.93 9.51 34.14
N CYS A 417 -6.61 9.57 34.16
CA CYS A 417 -5.79 8.56 34.81
C CYS A 417 -6.11 8.38 36.30
N PHE A 418 -6.65 7.22 36.70
CA PHE A 418 -6.90 7.06 38.12
C PHE A 418 -5.65 6.56 38.83
N GLY A 419 -4.57 6.48 38.06
CA GLY A 419 -3.29 6.07 38.63
C GLY A 419 -2.46 7.29 38.98
N GLU A 420 -3.03 8.48 38.78
CA GLU A 420 -2.33 9.72 39.07
C GLU A 420 -1.81 9.82 40.50
N GLY A 421 -2.62 9.40 41.47
CA GLY A 421 -2.21 9.44 42.86
C GLY A 421 -0.97 8.61 43.12
N LEU A 422 -1.00 7.36 42.68
CA LEU A 422 0.14 6.46 42.85
C LEU A 422 1.38 7.04 42.15
N ALA A 423 1.18 7.48 40.91
CA ALA A 423 2.28 8.04 40.12
C ALA A 423 2.96 9.25 40.77
N ARG A 424 2.17 10.20 41.25
CA ARG A 424 2.77 11.38 41.87
C ARG A 424 3.60 11.00 43.10
N MET A 425 3.11 10.05 43.89
CA MET A 425 3.83 9.61 45.08
C MET A 425 5.11 8.87 44.66
N GLU A 426 5.05 8.09 43.59
CA GLU A 426 6.24 7.36 43.14
C GLU A 426 7.28 8.34 42.59
N LEU A 427 6.83 9.29 41.76
CA LEU A 427 7.76 10.25 41.18
C LEU A 427 8.49 11.05 42.24
N PHE A 428 7.77 11.52 43.26
CA PHE A 428 8.41 12.29 44.30
C PHE A 428 9.38 11.47 45.13
N LEU A 429 8.94 10.31 45.61
CA LEU A 429 9.81 9.46 46.43
C LEU A 429 11.01 8.90 45.67
N PHE A 430 10.82 8.47 44.42
CA PHE A 430 11.96 7.92 43.67
C PHE A 430 12.94 9.03 43.24
N PHE A 431 12.41 10.12 42.71
CA PHE A 431 13.29 11.23 42.30
C PHE A 431 14.07 11.76 43.50
N THR A 432 13.37 11.99 44.61
CA THR A 432 13.99 12.54 45.80
C THR A 432 14.99 11.61 46.47
N THR A 433 14.64 10.34 46.60
CA THR A 433 15.54 9.40 47.26
C THR A 433 16.80 9.15 46.43
N VAL A 434 16.67 9.18 45.10
CA VAL A 434 17.83 8.97 44.26
C VAL A 434 18.75 10.20 44.31
N MET A 435 18.16 11.40 44.20
CA MET A 435 18.94 12.63 44.22
C MET A 435 19.60 12.91 45.58
N GLN A 436 18.97 12.42 46.65
CA GLN A 436 19.53 12.61 47.98
C GLN A 436 20.81 11.79 48.13
N ASN A 437 20.82 10.61 47.54
CA ASN A 437 21.95 9.69 47.64
C ASN A 437 23.00 9.79 46.54
N PHE A 438 22.61 10.30 45.37
CA PHE A 438 23.55 10.37 44.26
C PHE A 438 23.65 11.69 43.53
N ARG A 439 24.80 11.87 42.89
CA ARG A 439 25.10 13.02 42.08
C ARG A 439 25.06 12.36 40.70
N LEU A 440 24.47 13.03 39.71
CA LEU A 440 24.39 12.43 38.39
C LEU A 440 25.63 12.77 37.55
N LYS A 441 26.21 11.75 36.93
CA LYS A 441 27.40 11.95 36.10
C LYS A 441 27.11 11.48 34.69
N SER A 442 27.07 12.42 33.74
CA SER A 442 26.77 12.09 32.36
C SER A 442 27.95 11.53 31.57
N SER A 443 27.62 10.78 30.53
CA SER A 443 28.62 10.15 29.67
C SER A 443 29.31 11.22 28.83
N GLN A 444 28.52 12.18 28.34
CA GLN A 444 29.04 13.26 27.52
C GLN A 444 28.87 14.60 28.21
N SER A 445 29.41 15.64 27.59
CA SER A 445 29.33 16.99 28.14
C SER A 445 27.90 17.50 28.07
N PRO A 446 27.45 18.25 29.08
CA PRO A 446 26.09 18.78 29.11
C PRO A 446 25.66 19.41 27.79
N LYS A 447 26.63 19.94 27.06
CA LYS A 447 26.35 20.60 25.79
C LYS A 447 26.06 19.63 24.65
N ASP A 448 26.64 18.44 24.70
CA ASP A 448 26.42 17.46 23.65
C ASP A 448 25.24 16.53 23.95
N ILE A 449 24.62 16.70 25.11
CA ILE A 449 23.48 15.86 25.49
C ILE A 449 22.25 16.21 24.67
N ASP A 450 21.71 15.22 23.95
CA ASP A 450 20.52 15.46 23.15
C ASP A 450 19.28 15.04 23.93
N VAL A 451 18.44 16.02 24.27
CA VAL A 451 17.21 15.75 25.00
C VAL A 451 15.99 15.72 24.10
N SER A 452 16.19 15.81 22.79
CA SER A 452 15.07 15.75 21.86
C SER A 452 14.66 14.27 21.87
N PRO A 453 13.37 13.99 21.73
CA PRO A 453 12.95 12.58 21.74
C PRO A 453 13.47 11.69 20.61
N LYS A 454 13.54 10.40 20.89
CA LYS A 454 13.97 9.41 19.91
C LYS A 454 12.77 9.10 19.02
N HIS A 455 11.61 8.94 19.66
CA HIS A 455 10.36 8.64 18.96
C HIS A 455 9.24 9.45 19.60
N VAL A 456 8.24 9.81 18.80
CA VAL A 456 7.06 10.50 19.28
C VAL A 456 5.86 10.02 18.47
N GLY A 457 4.94 9.35 19.15
CA GLY A 457 3.74 8.85 18.51
C GLY A 457 2.71 8.70 19.61
N PHE A 458 2.45 7.47 20.05
CA PHE A 458 1.52 7.26 21.14
C PHE A 458 2.16 7.81 22.41
N ALA A 459 3.48 7.68 22.50
CA ALA A 459 4.21 8.17 23.65
C ALA A 459 5.42 8.96 23.16
N THR A 460 6.10 9.60 24.11
CA THR A 460 7.31 10.36 23.82
C THR A 460 8.45 9.55 24.45
N ILE A 461 9.35 9.04 23.61
CA ILE A 461 10.45 8.21 24.09
C ILE A 461 11.78 8.94 24.05
N PRO A 462 12.48 9.01 25.18
CA PRO A 462 13.77 9.70 25.16
C PRO A 462 14.82 8.81 24.49
N ARG A 463 15.91 9.42 24.05
CA ARG A 463 16.99 8.68 23.41
C ARG A 463 17.69 7.80 24.44
N ASN A 464 18.27 6.69 23.97
CA ASN A 464 18.99 5.79 24.84
C ASN A 464 20.23 6.51 25.33
N TYR A 465 20.66 6.21 26.54
CA TYR A 465 21.86 6.84 27.09
C TYR A 465 22.34 6.07 28.30
N THR A 466 23.58 6.31 28.70
CA THR A 466 24.16 5.66 29.87
C THR A 466 24.59 6.78 30.80
N MET A 467 24.75 6.47 32.07
CA MET A 467 25.13 7.48 33.04
C MET A 467 25.71 6.83 34.28
N SER A 468 26.33 7.64 35.13
CA SER A 468 26.89 7.12 36.36
C SER A 468 26.23 7.77 37.56
N PHE A 469 25.99 6.98 38.60
CA PHE A 469 25.41 7.47 39.84
C PHE A 469 26.54 7.46 40.85
N LEU A 470 27.07 8.64 41.14
CA LEU A 470 28.17 8.78 42.09
C LEU A 470 27.66 9.16 43.46
N PRO A 471 27.99 8.36 44.49
CA PRO A 471 27.54 8.65 45.85
C PRO A 471 27.88 10.07 46.28
N ARG A 472 27.01 10.66 47.10
CA ARG A 472 27.21 12.02 47.59
C ARG A 472 27.77 12.01 49.02
N LYS B 10 12.90 -20.37 -16.72
CA LYS B 10 14.33 -20.78 -16.59
C LYS B 10 15.02 -20.03 -15.45
N LEU B 11 14.37 -18.98 -14.96
CA LEU B 11 14.92 -18.22 -13.84
C LEU B 11 14.92 -19.18 -12.65
N PRO B 12 15.84 -19.00 -11.70
CA PRO B 12 15.86 -19.90 -10.54
C PRO B 12 14.48 -19.98 -9.91
N PRO B 13 14.14 -21.13 -9.30
CA PRO B 13 12.83 -21.29 -8.65
C PRO B 13 12.69 -20.35 -7.46
N GLY B 14 11.45 -19.97 -7.15
CA GLY B 14 11.20 -19.09 -6.03
C GLY B 14 9.72 -18.91 -5.79
N PRO B 15 9.32 -18.33 -4.64
CA PRO B 15 7.89 -18.13 -4.38
C PRO B 15 7.19 -17.33 -5.47
N THR B 16 5.93 -17.66 -5.72
CA THR B 16 5.14 -16.99 -6.73
C THR B 16 4.92 -15.54 -6.33
N PRO B 17 5.30 -14.60 -7.20
CA PRO B 17 5.12 -13.19 -6.86
C PRO B 17 3.76 -12.63 -7.26
N LEU B 18 3.35 -11.56 -6.59
CA LEU B 18 2.10 -10.87 -6.90
C LEU B 18 2.49 -9.60 -7.68
N PRO B 19 1.57 -9.06 -8.50
CA PRO B 19 1.84 -7.85 -9.28
C PRO B 19 2.33 -6.66 -8.45
N PHE B 20 3.46 -6.08 -8.87
CA PHE B 20 4.09 -4.94 -8.22
C PHE B 20 4.70 -5.19 -6.86
N ILE B 21 3.95 -5.82 -5.96
CA ILE B 21 4.48 -6.08 -4.62
C ILE B 21 5.45 -7.25 -4.60
N GLY B 22 5.55 -7.96 -5.72
CA GLY B 22 6.47 -9.09 -5.78
C GLY B 22 6.22 -10.11 -4.68
N ASN B 23 7.24 -10.40 -3.86
CA ASN B 23 7.12 -11.36 -2.76
C ASN B 23 7.04 -10.69 -1.40
N TYR B 24 6.58 -9.45 -1.38
CA TYR B 24 6.43 -8.73 -0.12
C TYR B 24 5.66 -9.54 0.93
N LEU B 25 4.59 -10.22 0.52
CA LEU B 25 3.78 -10.98 1.47
C LEU B 25 4.50 -12.21 2.03
N GLN B 26 5.65 -12.56 1.45
CA GLN B 26 6.43 -13.71 1.91
C GLN B 26 7.74 -13.29 2.55
N LEU B 27 7.84 -12.00 2.91
CA LEU B 27 9.05 -11.48 3.52
C LEU B 27 8.71 -10.67 4.76
N ASN B 28 9.68 -10.53 5.66
CA ASN B 28 9.48 -9.75 6.88
C ASN B 28 10.50 -8.63 6.90
N THR B 29 10.05 -7.42 6.60
CA THR B 29 10.96 -6.28 6.56
C THR B 29 11.73 -6.07 7.85
N GLU B 30 11.23 -6.60 8.96
CA GLU B 30 11.92 -6.46 10.24
C GLU B 30 13.01 -7.52 10.42
N GLN B 31 13.04 -8.50 9.53
CA GLN B 31 14.04 -9.56 9.59
C GLN B 31 14.18 -10.21 8.22
N MET B 32 14.76 -9.48 7.29
CA MET B 32 14.95 -9.95 5.92
C MET B 32 15.84 -11.18 5.75
N TYR B 33 16.88 -11.28 6.57
CA TYR B 33 17.80 -12.41 6.47
C TYR B 33 17.12 -13.74 6.73
N ASN B 34 16.38 -13.83 7.83
CA ASN B 34 15.69 -15.07 8.16
C ASN B 34 14.66 -15.44 7.08
N SER B 35 13.95 -14.43 6.58
CA SER B 35 12.95 -14.66 5.54
C SER B 35 13.60 -15.30 4.34
N LEU B 36 14.67 -14.67 3.83
CA LEU B 36 15.39 -15.20 2.69
C LEU B 36 15.96 -16.58 3.01
N MET B 37 16.47 -16.74 4.23
CA MET B 37 17.03 -18.02 4.66
C MET B 37 15.94 -19.09 4.66
N LYS B 38 14.76 -18.73 5.17
CA LYS B 38 13.65 -19.66 5.24
C LYS B 38 13.18 -20.13 3.87
N ILE B 39 13.16 -19.24 2.89
CA ILE B 39 12.70 -19.65 1.57
C ILE B 39 13.80 -20.36 0.77
N SER B 40 15.06 -20.15 1.17
CA SER B 40 16.17 -20.79 0.49
C SER B 40 16.13 -22.28 0.82
N GLU B 41 15.70 -22.60 2.03
CA GLU B 41 15.61 -23.98 2.47
C GLU B 41 14.56 -24.74 1.67
N ARG B 42 13.65 -24.01 1.04
CA ARG B 42 12.57 -24.61 0.26
C ARG B 42 12.85 -24.66 -1.23
N TYR B 43 13.61 -23.69 -1.74
CA TYR B 43 13.89 -23.65 -3.17
C TYR B 43 15.33 -23.99 -3.54
N GLY B 44 16.24 -23.90 -2.57
CA GLY B 44 17.63 -24.19 -2.85
C GLY B 44 18.60 -23.04 -2.60
N PRO B 45 19.90 -23.23 -2.88
CA PRO B 45 20.95 -22.22 -2.69
C PRO B 45 20.88 -21.05 -3.67
N VAL B 46 20.22 -21.27 -4.81
CA VAL B 46 20.09 -20.22 -5.82
C VAL B 46 18.61 -20.06 -6.15
N PHE B 47 18.01 -18.97 -5.72
CA PHE B 47 16.60 -18.74 -5.97
C PHE B 47 16.24 -17.31 -6.37
N THR B 48 15.06 -17.15 -6.95
CA THR B 48 14.57 -15.85 -7.39
C THR B 48 13.59 -15.26 -6.40
N ILE B 49 13.80 -14.00 -6.05
CA ILE B 49 12.93 -13.31 -5.11
C ILE B 49 12.53 -11.98 -5.76
N HIS B 50 11.36 -11.47 -5.40
CA HIS B 50 10.89 -10.21 -5.94
C HIS B 50 10.73 -9.16 -4.84
N LEU B 51 11.69 -8.25 -4.77
CA LEU B 51 11.67 -7.18 -3.79
C LEU B 51 10.82 -6.11 -4.44
N GLY B 52 9.52 -6.22 -4.24
CA GLY B 52 8.62 -5.29 -4.88
C GLY B 52 8.76 -5.66 -6.36
N PRO B 53 8.87 -4.69 -7.26
CA PRO B 53 9.00 -5.03 -8.68
C PRO B 53 10.41 -5.47 -9.10
N ARG B 54 11.37 -5.42 -8.18
CA ARG B 54 12.75 -5.79 -8.48
C ARG B 54 12.98 -7.31 -8.49
N ARG B 55 13.29 -7.86 -9.67
CA ARG B 55 13.57 -9.28 -9.76
C ARG B 55 15.02 -9.50 -9.34
N VAL B 56 15.21 -10.30 -8.31
CA VAL B 56 16.53 -10.54 -7.76
C VAL B 56 16.88 -12.00 -7.56
N VAL B 57 18.06 -12.41 -8.02
CA VAL B 57 18.50 -13.77 -7.81
C VAL B 57 19.38 -13.77 -6.56
N VAL B 58 18.98 -14.54 -5.57
CA VAL B 58 19.71 -14.63 -4.30
C VAL B 58 20.69 -15.81 -4.32
N LEU B 59 21.92 -15.56 -3.89
CA LEU B 59 22.95 -16.61 -3.85
C LEU B 59 23.33 -16.94 -2.42
N CYS B 60 23.16 -18.19 -2.02
CA CYS B 60 23.47 -18.61 -0.65
C CYS B 60 24.58 -19.65 -0.64
N GLY B 61 25.42 -19.60 0.39
CA GLY B 61 26.50 -20.55 0.50
C GLY B 61 27.69 -20.18 -0.36
N HIS B 62 28.87 -20.59 0.09
CA HIS B 62 30.11 -20.30 -0.62
C HIS B 62 30.14 -20.69 -2.09
N ASP B 63 29.74 -21.92 -2.38
CA ASP B 63 29.76 -22.41 -3.76
C ASP B 63 28.99 -21.54 -4.73
N ALA B 64 27.73 -21.27 -4.42
CA ALA B 64 26.90 -20.45 -5.29
C ALA B 64 27.52 -19.07 -5.52
N VAL B 65 27.96 -18.44 -4.44
CA VAL B 65 28.55 -17.10 -4.54
C VAL B 65 29.84 -17.05 -5.35
N ARG B 66 30.78 -17.93 -5.03
CA ARG B 66 32.04 -17.95 -5.76
C ARG B 66 31.83 -18.31 -7.23
N GLU B 67 30.96 -19.28 -7.49
CA GLU B 67 30.69 -19.69 -8.85
C GLU B 67 30.24 -18.56 -9.74
N ALA B 68 29.44 -17.65 -9.18
CA ALA B 68 28.94 -16.52 -9.94
C ALA B 68 29.87 -15.32 -9.93
N LEU B 69 30.20 -14.81 -8.76
CA LEU B 69 31.05 -13.64 -8.67
C LEU B 69 32.49 -13.82 -9.14
N VAL B 70 32.99 -15.05 -9.12
CA VAL B 70 34.36 -15.31 -9.54
C VAL B 70 34.47 -16.10 -10.85
N ASP B 71 33.92 -17.32 -10.88
CA ASP B 71 34.01 -18.13 -12.08
C ASP B 71 33.32 -17.48 -13.28
N GLN B 72 32.31 -16.67 -13.01
CA GLN B 72 31.61 -15.95 -14.09
C GLN B 72 31.65 -14.46 -13.77
N ALA B 73 32.77 -14.05 -13.21
CA ALA B 73 33.04 -12.67 -12.79
C ALA B 73 32.53 -11.56 -13.70
N GLU B 74 32.80 -11.68 -15.01
CA GLU B 74 32.39 -10.66 -15.95
C GLU B 74 30.88 -10.53 -16.09
N GLU B 75 30.20 -11.67 -16.21
CA GLU B 75 28.76 -11.69 -16.37
C GLU B 75 28.01 -11.16 -15.14
N PHE B 76 28.60 -11.31 -13.96
CA PHE B 76 27.98 -10.82 -12.73
C PHE B 76 28.67 -9.55 -12.22
N SER B 77 29.36 -8.84 -13.10
CA SER B 77 30.10 -7.63 -12.72
C SER B 77 29.30 -6.34 -12.74
N GLY B 78 27.99 -6.44 -12.93
CA GLY B 78 27.16 -5.24 -12.95
C GLY B 78 26.82 -4.80 -11.55
N ARG B 79 26.39 -3.55 -11.40
CA ARG B 79 26.02 -3.00 -10.10
C ARG B 79 24.51 -2.91 -9.98
N GLY B 80 23.96 -3.47 -8.91
CA GLY B 80 22.53 -3.43 -8.69
C GLY B 80 22.21 -2.16 -7.93
N GLU B 81 21.04 -2.11 -7.29
CA GLU B 81 20.70 -0.90 -6.56
C GLU B 81 20.59 -1.06 -5.05
N GLN B 82 20.65 0.09 -4.39
CA GLN B 82 20.50 0.19 -2.95
C GLN B 82 19.66 1.47 -2.97
N ALA B 83 18.35 1.28 -2.96
CA ALA B 83 17.38 2.36 -3.03
C ALA B 83 17.64 3.56 -2.15
N THR B 84 17.93 3.33 -0.87
CA THR B 84 18.16 4.45 0.03
C THR B 84 19.34 5.31 -0.45
N PHE B 85 20.48 4.68 -0.73
CA PHE B 85 21.63 5.44 -1.19
C PHE B 85 21.46 6.03 -2.58
N ASP B 86 20.75 5.33 -3.46
CA ASP B 86 20.58 5.88 -4.79
C ASP B 86 19.73 7.13 -4.84
N TRP B 87 19.04 7.43 -3.74
CA TRP B 87 18.24 8.64 -3.70
C TRP B 87 19.17 9.84 -3.91
N VAL B 88 20.37 9.75 -3.35
CA VAL B 88 21.33 10.84 -3.49
C VAL B 88 22.34 10.64 -4.61
N PHE B 89 22.75 9.40 -4.84
CA PHE B 89 23.74 9.13 -5.88
C PHE B 89 23.21 9.09 -7.31
N LYS B 90 21.97 8.63 -7.46
CA LYS B 90 21.33 8.53 -8.76
C LYS B 90 22.22 7.97 -9.88
N GLY B 91 23.02 6.96 -9.54
CA GLY B 91 23.89 6.34 -10.53
C GLY B 91 25.23 7.03 -10.76
N TYR B 92 25.50 8.10 -10.02
CA TYR B 92 26.77 8.80 -10.16
C TYR B 92 27.73 8.37 -9.05
N GLY B 93 29.02 8.63 -9.25
CA GLY B 93 30.01 8.22 -8.27
C GLY B 93 30.51 6.85 -8.64
N VAL B 94 31.54 6.37 -7.95
CA VAL B 94 32.16 5.08 -8.26
C VAL B 94 31.44 3.82 -7.75
N VAL B 95 30.78 3.92 -6.60
CA VAL B 95 30.08 2.76 -6.02
C VAL B 95 28.84 2.32 -6.78
N PHE B 96 27.93 3.25 -7.04
CA PHE B 96 26.69 2.88 -7.68
C PHE B 96 26.58 3.12 -9.19
N SER B 97 27.72 3.20 -9.86
CA SER B 97 27.73 3.42 -11.30
C SER B 97 27.91 2.09 -12.03
N ASN B 98 27.71 2.13 -13.35
CA ASN B 98 27.85 0.95 -14.20
C ASN B 98 28.58 1.27 -15.50
N GLY B 99 28.90 0.22 -16.26
CA GLY B 99 29.57 0.40 -17.53
C GLY B 99 30.83 1.23 -17.50
N GLU B 100 30.99 2.06 -18.54
CA GLU B 100 32.15 2.93 -18.67
C GLU B 100 32.35 3.92 -17.53
N ARG B 101 31.25 4.41 -16.97
CA ARG B 101 31.37 5.36 -15.87
C ARG B 101 32.09 4.69 -14.71
N ALA B 102 31.60 3.50 -14.33
CA ALA B 102 32.18 2.74 -13.23
C ALA B 102 33.62 2.38 -13.54
N LYS B 103 33.84 1.86 -14.74
CA LYS B 103 35.17 1.48 -15.21
C LYS B 103 36.13 2.64 -15.02
N GLN B 104 35.72 3.80 -15.50
CA GLN B 104 36.52 5.01 -15.42
C GLN B 104 36.77 5.46 -13.98
N LEU B 105 35.71 5.60 -13.19
CA LEU B 105 35.85 6.06 -11.80
C LEU B 105 36.61 5.09 -10.91
N ARG B 106 36.44 3.79 -11.13
CA ARG B 106 37.13 2.80 -10.33
C ARG B 106 38.63 2.83 -10.62
N ARG B 107 38.98 2.86 -11.90
CA ARG B 107 40.39 2.89 -12.29
C ARG B 107 41.07 4.12 -11.69
N PHE B 108 40.47 5.29 -11.88
CA PHE B 108 41.03 6.52 -11.35
C PHE B 108 41.12 6.48 -9.82
N SER B 109 40.06 6.00 -9.18
CA SER B 109 40.03 5.93 -7.72
C SER B 109 41.16 5.09 -7.15
N ILE B 110 41.39 3.91 -7.73
CA ILE B 110 42.44 3.04 -7.25
C ILE B 110 43.82 3.64 -7.48
N ALA B 111 44.03 4.24 -8.64
CA ALA B 111 45.31 4.84 -8.96
C ALA B 111 45.62 6.02 -8.03
N THR B 112 44.62 6.87 -7.80
CA THR B 112 44.80 8.04 -6.94
C THR B 112 45.01 7.68 -5.47
N LEU B 113 44.26 6.71 -4.96
CA LEU B 113 44.43 6.29 -3.57
C LEU B 113 45.89 5.85 -3.38
N ARG B 114 46.41 5.08 -4.34
CA ARG B 114 47.79 4.61 -4.27
C ARG B 114 48.77 5.78 -4.33
N ASP B 115 48.54 6.73 -5.23
CA ASP B 115 49.45 7.87 -5.33
C ASP B 115 49.50 8.64 -4.03
N PHE B 116 48.49 8.48 -3.18
CA PHE B 116 48.46 9.18 -1.92
C PHE B 116 48.85 8.30 -0.74
N GLY B 117 49.53 7.19 -1.03
CA GLY B 117 50.00 6.33 0.04
C GLY B 117 49.33 5.00 0.34
N VAL B 118 48.11 4.76 -0.14
CA VAL B 118 47.46 3.49 0.13
C VAL B 118 48.32 2.32 -0.32
N GLY B 119 48.51 1.35 0.58
CA GLY B 119 49.32 0.19 0.25
C GLY B 119 50.81 0.48 0.41
N LYS B 120 51.15 1.71 0.74
CA LYS B 120 52.54 2.12 0.91
C LYS B 120 52.83 2.63 2.33
N ARG B 121 54.11 2.85 2.63
CA ARG B 121 54.52 3.33 3.94
C ARG B 121 53.86 4.66 4.26
N GLY B 122 53.63 5.47 3.22
CA GLY B 122 53.02 6.76 3.40
C GLY B 122 51.72 6.72 4.20
N ILE B 123 50.82 5.82 3.83
CA ILE B 123 49.55 5.72 4.53
C ILE B 123 49.76 4.95 5.83
N GLU B 124 50.73 4.05 5.85
CA GLU B 124 51.01 3.29 7.07
C GLU B 124 51.41 4.27 8.17
N GLU B 125 52.17 5.29 7.79
CA GLU B 125 52.62 6.30 8.73
C GLU B 125 51.44 7.14 9.23
N ARG B 126 50.52 7.46 8.31
CA ARG B 126 49.35 8.24 8.68
C ARG B 126 48.49 7.45 9.66
N ILE B 127 48.37 6.15 9.40
CA ILE B 127 47.58 5.28 10.25
C ILE B 127 48.22 5.12 11.63
N GLN B 128 49.56 5.03 11.66
CA GLN B 128 50.25 4.89 12.94
C GLN B 128 50.05 6.15 13.77
N GLU B 129 50.27 7.31 13.16
CA GLU B 129 50.12 8.58 13.85
C GLU B 129 48.69 8.77 14.34
N GLU B 130 47.72 8.41 13.50
CA GLU B 130 46.32 8.54 13.88
C GLU B 130 46.03 7.60 15.05
N ALA B 131 46.63 6.41 14.99
CA ALA B 131 46.45 5.42 16.05
C ALA B 131 47.05 5.95 17.35
N GLY B 132 48.10 6.76 17.22
CA GLY B 132 48.73 7.33 18.41
C GLY B 132 47.80 8.33 19.08
N PHE B 133 47.09 9.12 18.27
CA PHE B 133 46.16 10.10 18.79
C PHE B 133 45.00 9.38 19.48
N LEU B 134 44.60 8.24 18.93
CA LEU B 134 43.51 7.48 19.54
C LEU B 134 43.93 7.05 20.95
N ILE B 135 45.13 6.48 21.06
CA ILE B 135 45.63 6.02 22.36
C ILE B 135 45.56 7.16 23.37
N ASP B 136 45.99 8.35 22.93
CA ASP B 136 45.95 9.51 23.80
C ASP B 136 44.51 9.71 24.28
N ALA B 137 43.60 9.89 23.33
CA ALA B 137 42.19 10.09 23.65
C ALA B 137 41.67 9.06 24.64
N LEU B 138 42.05 7.79 24.43
CA LEU B 138 41.59 6.73 25.32
C LEU B 138 42.23 6.85 26.70
N ARG B 139 43.45 7.40 26.76
CA ARG B 139 44.14 7.59 28.02
C ARG B 139 43.49 8.74 28.77
N GLY B 140 43.14 9.78 28.03
CA GLY B 140 42.51 10.95 28.62
C GLY B 140 41.22 10.62 29.36
N THR B 141 40.62 9.49 29.05
CA THR B 141 39.38 9.08 29.70
C THR B 141 39.69 8.56 31.10
N GLY B 142 40.96 8.65 31.47
CA GLY B 142 41.39 8.20 32.78
C GLY B 142 40.87 6.84 33.21
N GLY B 143 40.38 6.05 32.26
CA GLY B 143 39.87 4.73 32.59
C GLY B 143 38.38 4.63 32.85
N ALA B 144 37.67 5.74 32.72
CA ALA B 144 36.23 5.74 32.93
C ALA B 144 35.50 5.05 31.79
N ASN B 145 34.36 4.45 32.11
CA ASN B 145 33.53 3.77 31.10
C ASN B 145 33.15 4.79 30.04
N ILE B 146 33.15 4.38 28.79
CA ILE B 146 32.77 5.26 27.70
C ILE B 146 32.24 4.48 26.52
N ASP B 147 31.56 5.17 25.61
CA ASP B 147 31.07 4.56 24.38
C ASP B 147 32.17 4.97 23.41
N PRO B 148 32.96 4.00 22.94
CA PRO B 148 34.08 4.23 22.01
C PRO B 148 33.75 4.74 20.61
N THR B 149 32.48 4.64 20.22
CA THR B 149 32.05 5.07 18.90
C THR B 149 32.68 6.36 18.38
N PHE B 150 32.47 7.47 19.07
CA PHE B 150 33.00 8.76 18.64
C PHE B 150 34.50 8.77 18.38
N PHE B 151 35.28 8.32 19.37
CA PHE B 151 36.73 8.29 19.25
C PHE B 151 37.18 7.34 18.13
N LEU B 152 36.64 6.12 18.13
CA LEU B 152 36.97 5.12 17.12
C LEU B 152 36.61 5.59 15.71
N SER B 153 35.40 6.13 15.55
CA SER B 153 34.94 6.62 14.26
C SER B 153 35.78 7.79 13.78
N ARG B 154 36.09 8.71 14.69
CA ARG B 154 36.86 9.88 14.35
C ARG B 154 38.26 9.48 13.90
N THR B 155 38.86 8.53 14.62
CA THR B 155 40.20 8.05 14.29
C THR B 155 40.19 7.48 12.87
N VAL B 156 39.29 6.54 12.64
CA VAL B 156 39.17 5.90 11.33
C VAL B 156 38.91 6.91 10.22
N SER B 157 37.95 7.81 10.45
CA SER B 157 37.62 8.78 9.41
C SER B 157 38.75 9.71 9.05
N ASN B 158 39.60 10.06 10.02
CA ASN B 158 40.72 10.94 9.75
C ASN B 158 41.68 10.37 8.72
N VAL B 159 41.76 9.04 8.64
CA VAL B 159 42.66 8.43 7.66
C VAL B 159 42.16 8.69 6.24
N ILE B 160 40.97 8.21 5.89
CA ILE B 160 40.47 8.43 4.54
C ILE B 160 40.29 9.94 4.30
N SER B 161 39.96 10.69 5.35
CA SER B 161 39.77 12.14 5.21
C SER B 161 41.08 12.83 4.78
N SER B 162 42.20 12.42 5.36
CA SER B 162 43.50 12.99 5.02
C SER B 162 43.69 12.86 3.51
N ILE B 163 43.37 11.67 3.01
CA ILE B 163 43.52 11.37 1.60
C ILE B 163 42.57 12.13 0.68
N VAL B 164 41.28 12.13 1.00
CA VAL B 164 40.30 12.79 0.15
C VAL B 164 40.20 14.31 0.33
N PHE B 165 40.16 14.77 1.59
CA PHE B 165 40.04 16.20 1.89
C PHE B 165 41.36 16.90 2.14
N GLY B 166 42.39 16.13 2.48
CA GLY B 166 43.69 16.72 2.75
C GLY B 166 43.75 17.32 4.16
N ASP B 167 42.86 16.86 5.03
CA ASP B 167 42.82 17.33 6.41
C ASP B 167 42.17 16.28 7.31
N ARG B 168 42.27 16.48 8.62
CA ARG B 168 41.68 15.55 9.56
C ARG B 168 40.81 16.32 10.56
N PHE B 169 40.08 15.59 11.38
CA PHE B 169 39.23 16.23 12.37
C PHE B 169 39.99 16.42 13.67
N ASP B 170 40.33 17.68 13.93
CA ASP B 170 41.05 18.12 15.11
C ASP B 170 40.57 17.46 16.40
N TYR B 171 41.41 17.51 17.44
CA TYR B 171 41.07 16.93 18.73
C TYR B 171 40.00 17.71 19.48
N LYS B 172 39.78 18.96 19.08
CA LYS B 172 38.76 19.78 19.71
C LYS B 172 37.77 20.31 18.68
N ASP B 173 37.59 19.54 17.61
CA ASP B 173 36.66 19.88 16.56
C ASP B 173 35.27 19.40 16.96
N LYS B 174 34.24 20.18 16.61
CA LYS B 174 32.87 19.81 16.95
C LYS B 174 32.04 19.66 15.68
N GLU B 175 32.73 19.52 14.56
CA GLU B 175 32.09 19.37 13.26
C GLU B 175 31.88 17.90 12.90
N PHE B 176 32.76 17.03 13.42
CA PHE B 176 32.66 15.61 13.14
C PHE B 176 31.51 14.92 13.85
N LEU B 177 31.11 15.42 15.02
CA LEU B 177 30.02 14.82 15.76
C LEU B 177 28.73 14.79 14.94
N SER B 178 28.43 15.90 14.27
CA SER B 178 27.23 15.99 13.46
C SER B 178 27.32 15.05 12.25
N LEU B 179 28.50 14.94 11.66
CA LEU B 179 28.68 14.07 10.51
C LEU B 179 28.55 12.60 10.95
N LEU B 180 29.06 12.30 12.13
CA LEU B 180 29.01 10.94 12.68
C LEU B 180 27.55 10.52 12.90
N ARG B 181 26.76 11.44 13.45
CA ARG B 181 25.35 11.19 13.71
C ARG B 181 24.58 10.99 12.41
N MET B 182 25.01 11.66 11.35
CA MET B 182 24.37 11.52 10.06
C MET B 182 24.57 10.11 9.51
N MET B 183 25.82 9.66 9.46
CA MET B 183 26.11 8.32 8.95
C MET B 183 25.43 7.28 9.82
N LEU B 184 25.53 7.46 11.14
CA LEU B 184 24.92 6.53 12.06
C LEU B 184 23.43 6.43 11.74
N GLY B 185 22.81 7.59 11.49
CA GLY B 185 21.39 7.63 11.16
C GLY B 185 21.02 6.91 9.89
N ILE B 186 21.81 7.08 8.84
CA ILE B 186 21.55 6.45 7.55
C ILE B 186 21.59 4.94 7.64
N PHE B 187 22.67 4.40 8.20
CA PHE B 187 22.78 2.96 8.34
C PHE B 187 21.71 2.43 9.28
N GLN B 188 21.39 3.21 10.31
CA GLN B 188 20.34 2.82 11.24
C GLN B 188 19.05 2.65 10.44
N PHE B 189 18.71 3.66 9.65
CA PHE B 189 17.50 3.61 8.84
C PHE B 189 17.42 2.40 7.92
N THR B 190 18.49 2.09 7.20
CA THR B 190 18.47 0.95 6.29
C THR B 190 18.36 -0.38 7.03
N SER B 191 18.10 -0.31 8.33
CA SER B 191 17.95 -1.49 9.18
C SER B 191 16.53 -1.56 9.73
N THR B 192 15.85 -0.41 9.79
CA THR B 192 14.49 -0.40 10.28
C THR B 192 13.65 -1.13 9.23
N SER B 193 12.41 -1.49 9.58
CA SER B 193 11.59 -2.16 8.60
C SER B 193 11.24 -1.15 7.50
N THR B 194 11.11 0.13 7.86
CA THR B 194 10.80 1.12 6.83
C THR B 194 11.94 1.15 5.80
N GLY B 195 13.16 0.99 6.28
CA GLY B 195 14.30 0.99 5.37
C GLY B 195 14.25 -0.21 4.43
N GLN B 196 13.93 -1.38 4.97
CA GLN B 196 13.86 -2.58 4.14
C GLN B 196 12.65 -2.53 3.23
N LEU B 197 11.60 -1.84 3.68
CA LEU B 197 10.40 -1.71 2.87
C LEU B 197 10.75 -0.76 1.72
N TYR B 198 11.58 0.24 2.01
CA TYR B 198 11.97 1.21 0.99
C TYR B 198 12.66 0.53 -0.18
N GLU B 199 13.48 -0.48 0.09
CA GLU B 199 14.17 -1.20 -0.98
C GLU B 199 13.17 -1.79 -1.98
N MET B 200 11.98 -2.14 -1.52
CA MET B 200 10.95 -2.71 -2.38
C MET B 200 10.07 -1.67 -3.03
N PHE B 201 9.71 -0.64 -2.27
CA PHE B 201 8.76 0.33 -2.79
C PHE B 201 9.16 1.78 -2.90
N SER B 202 10.44 2.02 -3.18
CA SER B 202 10.95 3.38 -3.33
C SER B 202 10.23 4.19 -4.41
N SER B 203 9.81 3.53 -5.49
CA SER B 203 9.14 4.25 -6.58
C SER B 203 7.97 5.08 -6.05
N VAL B 204 7.35 4.62 -4.98
CA VAL B 204 6.23 5.35 -4.37
C VAL B 204 6.69 6.08 -3.12
N MET B 205 7.40 5.36 -2.24
CA MET B 205 7.88 5.92 -0.98
C MET B 205 8.78 7.14 -1.05
N LYS B 206 9.58 7.27 -2.11
CA LYS B 206 10.46 8.44 -2.19
C LYS B 206 9.63 9.71 -2.25
N HIS B 207 8.38 9.59 -2.68
CA HIS B 207 7.49 10.74 -2.81
C HIS B 207 6.57 10.92 -1.60
N LEU B 208 6.65 10.02 -0.63
CA LEU B 208 5.77 10.12 0.54
C LEU B 208 6.45 10.62 1.81
N PRO B 209 5.67 11.24 2.70
CA PRO B 209 6.19 11.75 3.98
C PRO B 209 6.54 10.51 4.79
N GLY B 210 7.50 10.62 5.70
CA GLY B 210 7.86 9.46 6.50
C GLY B 210 9.32 9.46 6.89
N PRO B 211 9.78 8.39 7.59
CA PRO B 211 11.17 8.28 8.02
C PRO B 211 12.16 8.37 6.89
N GLN B 212 11.75 7.95 5.69
CA GLN B 212 12.61 7.98 4.50
C GLN B 212 13.15 9.38 4.28
N GLN B 213 12.24 10.35 4.34
CA GLN B 213 12.59 11.75 4.12
C GLN B 213 13.72 12.21 5.02
N GLN B 214 13.65 11.86 6.30
CA GLN B 214 14.71 12.23 7.25
C GLN B 214 16.00 11.56 6.84
N ALA B 215 15.90 10.31 6.40
CA ALA B 215 17.09 9.59 5.95
C ALA B 215 17.73 10.34 4.78
N PHE B 216 16.90 10.86 3.87
CA PHE B 216 17.43 11.61 2.73
C PHE B 216 18.12 12.89 3.19
N GLN B 217 17.55 13.50 4.23
CA GLN B 217 18.12 14.73 4.78
C GLN B 217 19.52 14.53 5.32
N LEU B 218 19.76 13.38 5.96
CA LEU B 218 21.07 13.06 6.49
C LEU B 218 22.06 12.83 5.34
N LEU B 219 21.62 12.20 4.27
CA LEU B 219 22.48 11.99 3.12
C LEU B 219 22.81 13.33 2.49
N GLN B 220 21.81 14.21 2.44
CA GLN B 220 22.00 15.54 1.87
C GLN B 220 23.03 16.32 2.67
N GLY B 221 23.03 16.11 3.98
CA GLY B 221 23.97 16.79 4.85
C GLY B 221 25.40 16.37 4.55
N LEU B 222 25.60 15.07 4.37
CA LEU B 222 26.91 14.53 4.05
C LEU B 222 27.35 15.09 2.71
N GLU B 223 26.42 15.13 1.76
CA GLU B 223 26.73 15.67 0.44
C GLU B 223 27.12 17.15 0.55
N ASP B 224 26.33 17.91 1.32
CA ASP B 224 26.61 19.33 1.48
C ASP B 224 28.01 19.52 2.06
N PHE B 225 28.40 18.64 2.98
CA PHE B 225 29.73 18.75 3.57
C PHE B 225 30.82 18.53 2.52
N ILE B 226 30.64 17.49 1.68
CA ILE B 226 31.60 17.18 0.63
C ILE B 226 31.68 18.31 -0.41
N ALA B 227 30.53 18.90 -0.71
CA ALA B 227 30.44 19.99 -1.66
C ALA B 227 31.24 21.20 -1.19
N LYS B 228 31.21 21.45 0.11
CA LYS B 228 31.93 22.58 0.68
C LYS B 228 33.42 22.38 0.46
N LYS B 229 33.89 21.15 0.70
CA LYS B 229 35.31 20.84 0.51
C LYS B 229 35.74 21.00 -0.93
N VAL B 230 34.91 20.52 -1.86
CA VAL B 230 35.24 20.62 -3.27
C VAL B 230 35.36 22.08 -3.70
N GLU B 231 34.33 22.88 -3.40
CA GLU B 231 34.33 24.28 -3.76
C GLU B 231 35.58 24.97 -3.22
N HIS B 232 35.90 24.69 -1.96
CA HIS B 232 37.07 25.29 -1.34
C HIS B 232 38.34 24.91 -2.10
N ASN B 233 38.49 23.64 -2.44
CA ASN B 233 39.67 23.17 -3.16
C ASN B 233 39.82 23.76 -4.56
N GLN B 234 38.70 23.90 -5.28
CA GLN B 234 38.77 24.45 -6.63
C GLN B 234 39.02 25.94 -6.56
N ARG B 235 38.68 26.53 -5.42
CA ARG B 235 38.84 27.96 -5.17
C ARG B 235 40.28 28.25 -4.77
N THR B 236 41.10 27.21 -4.70
CA THR B 236 42.50 27.37 -4.32
C THR B 236 43.39 26.31 -4.93
N LEU B 237 42.88 25.65 -5.98
CA LEU B 237 43.62 24.60 -6.65
C LEU B 237 44.93 25.04 -7.29
N ASP B 238 45.86 24.09 -7.40
CA ASP B 238 47.15 24.30 -8.05
C ASP B 238 47.38 23.02 -8.83
N PRO B 239 47.00 23.01 -10.11
CA PRO B 239 47.13 21.87 -11.03
C PRO B 239 48.48 21.16 -11.05
N ASN B 240 49.52 21.83 -10.57
CA ASN B 240 50.84 21.22 -10.55
C ASN B 240 51.28 20.85 -9.14
N SER B 241 50.31 20.75 -8.23
CA SER B 241 50.59 20.38 -6.84
C SER B 241 49.30 19.96 -6.14
N PRO B 242 48.75 18.80 -6.54
CA PRO B 242 47.52 18.24 -5.97
C PRO B 242 47.71 17.95 -4.48
N ARG B 243 46.79 18.46 -3.66
CA ARG B 243 46.89 18.24 -2.22
C ARG B 243 46.20 16.96 -1.77
N ASP B 244 45.08 16.64 -2.42
CA ASP B 244 44.31 15.46 -2.04
C ASP B 244 43.63 14.79 -3.23
N PHE B 245 42.71 13.88 -2.94
CA PHE B 245 41.97 13.16 -3.97
C PHE B 245 41.17 14.15 -4.81
N ILE B 246 40.52 15.09 -4.13
CA ILE B 246 39.72 16.11 -4.80
C ILE B 246 40.52 16.89 -5.85
N ASP B 247 41.71 17.35 -5.47
CA ASP B 247 42.57 18.09 -6.40
C ASP B 247 42.87 17.24 -7.62
N SER B 248 43.32 16.01 -7.38
CA SER B 248 43.66 15.10 -8.46
C SER B 248 42.48 14.95 -9.44
N PHE B 249 41.26 14.94 -8.89
CA PHE B 249 40.07 14.80 -9.72
C PHE B 249 39.79 16.12 -10.45
N LEU B 250 39.85 17.22 -9.72
CA LEU B 250 39.60 18.53 -10.31
C LEU B 250 40.52 18.78 -11.50
N ILE B 251 41.77 18.33 -11.39
CA ILE B 251 42.74 18.50 -12.46
C ILE B 251 42.28 17.76 -13.71
N ARG B 252 41.89 16.50 -13.57
CA ARG B 252 41.41 15.73 -14.70
C ARG B 252 40.17 16.40 -15.27
N MET B 253 39.33 16.91 -14.37
CA MET B 253 38.10 17.59 -14.76
C MET B 253 38.41 18.75 -15.71
N GLN B 254 39.42 19.53 -15.34
CA GLN B 254 39.83 20.68 -16.13
C GLN B 254 40.41 20.21 -17.46
N GLU B 255 41.21 19.16 -17.39
CA GLU B 255 41.85 18.59 -18.56
C GLU B 255 40.85 18.07 -19.60
N GLU B 256 39.62 17.81 -19.18
CA GLU B 256 38.62 17.30 -20.10
C GLU B 256 37.35 18.13 -20.08
N GLU B 257 37.47 19.32 -19.52
CA GLU B 257 36.35 20.25 -19.39
C GLU B 257 35.49 20.38 -20.64
N LYS B 258 36.06 20.10 -21.80
CA LYS B 258 35.28 20.22 -23.04
C LYS B 258 35.09 18.91 -23.79
N ASN B 259 35.35 17.80 -23.12
CA ASN B 259 35.15 16.49 -23.74
C ASN B 259 33.70 16.10 -23.41
N PRO B 260 32.83 16.05 -24.43
CA PRO B 260 31.43 15.70 -24.25
C PRO B 260 31.18 14.34 -23.59
N ASN B 261 32.08 13.39 -23.85
CA ASN B 261 31.93 12.04 -23.30
C ASN B 261 32.81 11.73 -22.08
N THR B 262 33.21 12.74 -21.33
CA THR B 262 34.04 12.49 -20.16
C THR B 262 33.20 12.13 -18.95
N GLU B 263 33.75 11.31 -18.07
CA GLU B 263 33.05 10.92 -16.85
C GLU B 263 33.49 11.84 -15.73
N PHE B 264 34.56 12.59 -15.99
CA PHE B 264 35.12 13.50 -15.00
C PHE B 264 34.47 14.88 -15.01
N TYR B 265 33.41 15.01 -14.23
CA TYR B 265 32.70 16.28 -14.09
C TYR B 265 32.25 16.37 -12.63
N LEU B 266 31.89 17.58 -12.19
CA LEU B 266 31.51 17.82 -10.80
C LEU B 266 30.61 16.81 -10.06
N LYS B 267 29.56 16.32 -10.70
CA LYS B 267 28.69 15.37 -9.99
C LYS B 267 29.43 14.08 -9.65
N ASN B 268 30.25 13.56 -10.56
CA ASN B 268 30.97 12.35 -10.24
C ASN B 268 32.06 12.62 -9.19
N LEU B 269 32.57 13.84 -9.14
CA LEU B 269 33.58 14.18 -8.15
C LEU B 269 32.93 14.16 -6.77
N VAL B 270 31.83 14.90 -6.62
CA VAL B 270 31.12 14.95 -5.35
C VAL B 270 30.71 13.57 -4.85
N MET B 271 30.06 12.80 -5.73
CA MET B 271 29.59 11.47 -5.37
C MET B 271 30.69 10.44 -5.12
N THR B 272 31.76 10.47 -5.92
CA THR B 272 32.85 9.54 -5.71
C THR B 272 33.54 9.93 -4.40
N THR B 273 33.65 11.23 -4.15
CA THR B 273 34.27 11.67 -2.90
C THR B 273 33.41 11.26 -1.71
N LEU B 274 32.10 11.41 -1.84
CA LEU B 274 31.20 11.03 -0.75
C LEU B 274 31.31 9.52 -0.52
N ASN B 275 31.41 8.76 -1.61
CA ASN B 275 31.55 7.29 -1.54
C ASN B 275 32.74 6.89 -0.66
N LEU B 276 33.89 7.49 -0.92
CA LEU B 276 35.11 7.18 -0.18
C LEU B 276 35.02 7.68 1.27
N PHE B 277 34.42 8.84 1.48
CA PHE B 277 34.32 9.37 2.83
C PHE B 277 33.46 8.46 3.72
N ILE B 278 32.30 8.04 3.21
CA ILE B 278 31.42 7.16 3.98
C ILE B 278 32.00 5.75 4.08
N GLY B 279 32.32 5.17 2.92
CA GLY B 279 32.88 3.83 2.92
C GLY B 279 34.13 3.69 3.77
N GLY B 280 35.03 4.65 3.63
CA GLY B 280 36.27 4.62 4.39
C GLY B 280 36.10 4.88 5.86
N THR B 281 34.88 5.22 6.28
CA THR B 281 34.60 5.51 7.68
C THR B 281 33.74 4.45 8.38
N GLU B 282 32.58 4.16 7.79
CA GLU B 282 31.62 3.23 8.36
C GLU B 282 32.05 1.82 8.77
N THR B 283 32.37 0.97 7.79
CA THR B 283 32.74 -0.41 8.07
C THR B 283 33.92 -0.70 8.99
N VAL B 284 35.05 -0.02 8.79
CA VAL B 284 36.19 -0.24 9.66
C VAL B 284 35.88 0.19 11.11
N SER B 285 35.16 1.30 11.27
CA SER B 285 34.83 1.76 12.61
C SER B 285 33.85 0.79 13.28
N THR B 286 32.89 0.30 12.52
CA THR B 286 31.91 -0.65 13.06
C THR B 286 32.59 -2.00 13.34
N THR B 287 33.51 -2.38 12.47
CA THR B 287 34.23 -3.63 12.68
C THR B 287 35.07 -3.54 13.94
N LEU B 288 35.67 -2.37 14.18
CA LEU B 288 36.48 -2.15 15.37
C LEU B 288 35.62 -2.19 16.62
N ARG B 289 34.51 -1.46 16.58
CA ARG B 289 33.59 -1.39 17.72
C ARG B 289 33.11 -2.80 18.10
N TYR B 290 32.77 -3.60 17.09
CA TYR B 290 32.30 -4.96 17.31
C TYR B 290 33.43 -5.84 17.86
N GLY B 291 34.61 -5.73 17.25
CA GLY B 291 35.74 -6.51 17.69
C GLY B 291 36.03 -6.41 19.17
N PHE B 292 36.10 -5.18 19.68
CA PHE B 292 36.36 -4.93 21.09
C PHE B 292 35.30 -5.52 22.00
N LEU B 293 34.04 -5.49 21.55
CA LEU B 293 32.95 -6.05 22.33
C LEU B 293 33.20 -7.54 22.46
N LEU B 294 33.58 -8.17 21.35
CA LEU B 294 33.87 -9.59 21.32
C LEU B 294 35.03 -9.93 22.23
N LEU B 295 36.01 -9.04 22.32
CA LEU B 295 37.18 -9.30 23.16
C LEU B 295 36.86 -9.21 24.65
N MET B 296 35.95 -8.30 25.02
CA MET B 296 35.57 -8.16 26.43
C MET B 296 34.75 -9.39 26.83
N LYS B 297 34.10 -10.00 25.85
CA LYS B 297 33.29 -11.18 26.09
C LYS B 297 34.18 -12.40 26.26
N HIS B 298 35.29 -12.45 25.53
CA HIS B 298 36.23 -13.56 25.63
C HIS B 298 37.57 -13.07 26.15
N PRO B 299 37.69 -12.87 27.47
CA PRO B 299 38.93 -12.39 28.08
C PRO B 299 40.14 -13.27 27.75
N GLU B 300 39.88 -14.52 27.35
CA GLU B 300 40.96 -15.44 27.00
C GLU B 300 41.63 -15.02 25.70
N VAL B 301 40.82 -14.74 24.69
CA VAL B 301 41.33 -14.31 23.40
C VAL B 301 42.19 -13.06 23.62
N GLU B 302 41.71 -12.17 24.48
CA GLU B 302 42.45 -10.97 24.79
C GLU B 302 43.80 -11.32 25.41
N ALA B 303 43.83 -12.42 26.17
CA ALA B 303 45.05 -12.86 26.81
C ALA B 303 46.10 -13.26 25.78
N LYS B 304 45.76 -14.21 24.92
CA LYS B 304 46.68 -14.66 23.88
C LYS B 304 47.16 -13.48 23.04
N VAL B 305 46.25 -12.54 22.79
CA VAL B 305 46.58 -11.37 22.00
C VAL B 305 47.67 -10.55 22.69
N HIS B 306 47.52 -10.31 23.99
CA HIS B 306 48.51 -9.56 24.73
C HIS B 306 49.83 -10.33 24.73
N GLU B 307 49.72 -11.65 24.82
CA GLU B 307 50.89 -12.53 24.84
C GLU B 307 51.69 -12.37 23.56
N GLU B 308 51.00 -12.50 22.43
CA GLU B 308 51.63 -12.37 21.11
C GLU B 308 52.18 -10.97 20.87
N ILE B 309 51.41 -9.95 21.25
CA ILE B 309 51.86 -8.57 21.05
C ILE B 309 53.14 -8.25 21.80
N ASP B 310 53.13 -8.41 23.12
CA ASP B 310 54.31 -8.12 23.93
C ASP B 310 55.52 -8.94 23.51
N ARG B 311 55.28 -10.15 23.02
CA ARG B 311 56.34 -11.04 22.58
C ARG B 311 56.94 -10.66 21.22
N VAL B 312 56.08 -10.27 20.28
CA VAL B 312 56.55 -9.91 18.95
C VAL B 312 56.89 -8.43 18.79
N ILE B 313 56.05 -7.56 19.34
CA ILE B 313 56.25 -6.11 19.21
C ILE B 313 57.01 -5.42 20.35
N GLY B 314 56.72 -5.80 21.59
CA GLY B 314 57.39 -5.17 22.71
C GLY B 314 56.71 -3.89 23.18
N LYS B 315 57.50 -2.95 23.69
CA LYS B 315 56.96 -1.69 24.20
C LYS B 315 57.72 -0.46 23.73
N ASN B 316 58.78 -0.66 22.94
CA ASN B 316 59.58 0.47 22.48
C ASN B 316 59.26 0.94 21.07
N ARG B 317 58.12 0.51 20.54
CA ARG B 317 57.71 0.92 19.21
C ARG B 317 56.24 0.57 18.99
N GLN B 318 55.62 1.30 18.08
CA GLN B 318 54.22 1.04 17.75
C GLN B 318 54.21 -0.12 16.77
N PRO B 319 53.07 -0.80 16.63
CA PRO B 319 52.98 -1.93 15.71
C PRO B 319 53.13 -1.41 14.27
N LYS B 320 53.67 -2.25 13.39
CA LYS B 320 53.81 -1.86 11.98
C LYS B 320 53.08 -2.93 11.18
N PHE B 321 52.68 -2.61 9.96
CA PHE B 321 51.93 -3.58 9.19
C PHE B 321 52.61 -4.93 8.95
N GLU B 322 53.90 -4.94 8.69
CA GLU B 322 54.57 -6.22 8.45
C GLU B 322 54.61 -7.16 9.65
N ASP B 323 54.27 -6.66 10.84
CA ASP B 323 54.27 -7.51 12.03
C ASP B 323 53.23 -8.62 11.91
N ARG B 324 52.22 -8.40 11.08
CA ARG B 324 51.16 -9.39 10.90
C ARG B 324 51.75 -10.73 10.44
N ALA B 325 52.88 -10.68 9.76
CA ALA B 325 53.51 -11.90 9.30
C ALA B 325 53.99 -12.77 10.46
N LYS B 326 54.27 -12.15 11.61
CA LYS B 326 54.75 -12.90 12.76
C LYS B 326 53.73 -12.95 13.90
N MET B 327 52.46 -12.66 13.58
CA MET B 327 51.40 -12.65 14.59
C MET B 327 50.17 -13.39 14.07
N PRO B 328 50.28 -14.70 13.86
CA PRO B 328 49.18 -15.52 13.37
C PRO B 328 47.92 -15.46 14.23
N TYR B 329 48.08 -15.28 15.54
CA TYR B 329 46.90 -15.22 16.40
C TYR B 329 46.09 -13.95 16.17
N MET B 330 46.78 -12.82 16.13
CA MET B 330 46.11 -11.55 15.89
C MET B 330 45.39 -11.61 14.54
N GLU B 331 46.08 -12.15 13.54
CA GLU B 331 45.52 -12.28 12.20
C GLU B 331 44.26 -13.15 12.22
N ALA B 332 44.27 -14.20 13.04
CA ALA B 332 43.12 -15.09 13.13
C ALA B 332 41.96 -14.43 13.89
N VAL B 333 42.30 -13.58 14.86
CA VAL B 333 41.30 -12.88 15.65
C VAL B 333 40.61 -11.80 14.81
N ILE B 334 41.40 -11.05 14.04
CA ILE B 334 40.84 -10.02 13.18
C ILE B 334 39.97 -10.63 12.08
N HIS B 335 40.36 -11.79 11.57
CA HIS B 335 39.57 -12.47 10.54
C HIS B 335 38.27 -13.01 11.15
N GLU B 336 38.37 -13.54 12.37
CA GLU B 336 37.20 -14.07 13.04
C GLU B 336 36.24 -12.95 13.43
N ILE B 337 36.79 -11.78 13.75
CA ILE B 337 35.97 -10.64 14.10
C ILE B 337 35.18 -10.24 12.84
N GLN B 338 35.84 -10.24 11.69
CA GLN B 338 35.18 -9.88 10.44
C GLN B 338 34.19 -10.96 10.01
N ARG B 339 34.54 -12.22 10.26
CA ARG B 339 33.65 -13.32 9.88
C ARG B 339 32.39 -13.31 10.74
N PHE B 340 32.55 -13.08 12.03
CA PHE B 340 31.44 -13.05 12.97
C PHE B 340 30.64 -11.77 12.78
N GLY B 341 31.35 -10.67 12.61
CA GLY B 341 30.72 -9.36 12.44
C GLY B 341 29.75 -9.30 11.27
N ASP B 342 30.14 -9.90 10.15
CA ASP B 342 29.28 -9.94 8.98
C ASP B 342 28.71 -8.54 8.73
N VAL B 343 29.57 -7.54 8.80
CA VAL B 343 29.19 -6.14 8.64
C VAL B 343 28.29 -5.80 7.44
N ILE B 344 28.61 -6.32 6.26
CA ILE B 344 27.78 -6.07 5.08
C ILE B 344 27.21 -7.45 4.73
N PRO B 345 26.16 -7.88 5.45
CA PRO B 345 25.53 -9.18 5.25
C PRO B 345 25.13 -9.57 3.83
N MET B 346 24.60 -8.63 3.05
CA MET B 346 24.21 -9.00 1.70
C MET B 346 25.04 -8.27 0.65
N SER B 347 26.21 -7.77 1.07
CA SER B 347 27.09 -7.06 0.15
C SER B 347 26.29 -5.92 -0.48
N LEU B 348 26.75 -5.46 -1.63
CA LEU B 348 26.04 -4.44 -2.38
C LEU B 348 25.60 -5.25 -3.59
N ALA B 349 24.34 -5.09 -3.97
CA ALA B 349 23.79 -5.84 -5.09
C ALA B 349 24.62 -5.75 -6.38
N ARG B 350 24.66 -6.87 -7.10
CA ARG B 350 25.34 -6.93 -8.38
C ARG B 350 24.21 -6.96 -9.41
N ARG B 351 24.57 -7.09 -10.69
CA ARG B 351 23.59 -7.13 -11.76
C ARG B 351 24.25 -7.87 -12.94
N VAL B 352 23.52 -8.76 -13.61
CA VAL B 352 24.12 -9.46 -14.75
C VAL B 352 24.25 -8.48 -15.91
N LYS B 353 25.40 -8.52 -16.58
CA LYS B 353 25.66 -7.60 -17.68
C LYS B 353 24.91 -7.92 -18.97
N LYS B 354 24.43 -9.15 -19.09
CA LYS B 354 23.68 -9.58 -20.27
C LYS B 354 23.05 -10.94 -20.00
N ASP B 355 22.26 -11.45 -20.93
CA ASP B 355 21.64 -12.75 -20.72
C ASP B 355 22.71 -13.72 -20.27
N THR B 356 22.53 -14.29 -19.10
CA THR B 356 23.51 -15.19 -18.53
C THR B 356 22.97 -16.58 -18.17
N LYS B 357 23.80 -17.59 -18.41
CA LYS B 357 23.47 -18.96 -18.10
C LYS B 357 24.23 -19.30 -16.82
N PHE B 358 23.51 -19.54 -15.74
CA PHE B 358 24.16 -19.87 -14.47
C PHE B 358 23.66 -21.22 -13.97
N ARG B 359 24.56 -22.21 -14.00
CA ARG B 359 24.27 -23.58 -13.60
C ARG B 359 22.84 -24.05 -13.95
N ASP B 360 22.54 -24.05 -15.24
CA ASP B 360 21.23 -24.49 -15.76
C ASP B 360 20.10 -23.47 -15.64
N PHE B 361 20.32 -22.40 -14.89
CA PHE B 361 19.31 -21.36 -14.74
C PHE B 361 19.59 -20.28 -15.77
N PHE B 362 18.56 -19.52 -16.14
CA PHE B 362 18.72 -18.46 -17.10
C PHE B 362 18.42 -17.12 -16.44
N LEU B 363 19.39 -16.20 -16.49
CA LEU B 363 19.21 -14.88 -15.91
C LEU B 363 19.30 -13.83 -17.02
N PRO B 364 18.17 -13.20 -17.34
CA PRO B 364 18.18 -12.17 -18.40
C PRO B 364 18.97 -10.93 -17.99
N LYS B 365 19.49 -10.24 -18.99
CA LYS B 365 20.27 -9.02 -18.76
C LYS B 365 19.58 -8.05 -17.79
N GLY B 366 20.35 -7.54 -16.83
CA GLY B 366 19.80 -6.58 -15.89
C GLY B 366 19.23 -7.17 -14.61
N THR B 367 19.14 -8.49 -14.54
CA THR B 367 18.63 -9.16 -13.36
C THR B 367 19.57 -8.84 -12.19
N GLU B 368 19.01 -8.36 -11.09
CA GLU B 368 19.83 -8.05 -9.93
C GLU B 368 20.24 -9.33 -9.20
N VAL B 369 21.40 -9.27 -8.52
CA VAL B 369 21.93 -10.43 -7.80
C VAL B 369 22.34 -10.06 -6.37
N TYR B 370 21.82 -10.81 -5.40
CA TYR B 370 22.13 -10.58 -3.99
C TYR B 370 23.09 -11.63 -3.47
N PRO B 371 24.38 -11.31 -3.35
CA PRO B 371 25.34 -12.29 -2.84
C PRO B 371 25.24 -12.27 -1.32
N MET B 372 24.71 -13.35 -0.74
CA MET B 372 24.55 -13.44 0.71
C MET B 372 25.89 -13.76 1.38
N LEU B 373 26.73 -12.73 1.53
CA LEU B 373 28.04 -12.89 2.13
C LEU B 373 27.98 -13.58 3.49
N GLY B 374 27.09 -13.10 4.35
CA GLY B 374 26.96 -13.69 5.67
C GLY B 374 26.77 -15.20 5.63
N SER B 375 26.08 -15.69 4.61
CA SER B 375 25.84 -17.12 4.51
C SER B 375 27.12 -17.85 4.10
N VAL B 376 28.07 -17.09 3.57
CA VAL B 376 29.36 -17.65 3.17
C VAL B 376 30.29 -17.62 4.37
N LEU B 377 30.20 -16.56 5.16
CA LEU B 377 31.04 -16.43 6.35
C LEU B 377 30.63 -17.42 7.43
N ARG B 378 29.41 -17.95 7.33
CA ARG B 378 28.92 -18.91 8.31
C ARG B 378 28.62 -20.25 7.64
N ASP B 379 29.20 -20.47 6.48
CA ASP B 379 28.97 -21.71 5.76
C ASP B 379 29.59 -22.88 6.55
N PRO B 380 28.73 -23.82 7.00
CA PRO B 380 29.14 -25.00 7.78
C PRO B 380 30.18 -25.91 7.12
N SER B 381 30.36 -25.76 5.81
CA SER B 381 31.32 -26.57 5.09
C SER B 381 32.73 -26.01 5.18
N PHE B 382 32.87 -24.80 5.70
CA PHE B 382 34.17 -24.17 5.84
C PHE B 382 34.51 -23.78 7.28
N PHE B 383 33.52 -23.82 8.16
CA PHE B 383 33.75 -23.47 9.56
C PHE B 383 33.02 -24.41 10.52
N SER B 384 33.77 -25.07 11.39
CA SER B 384 33.23 -26.01 12.36
C SER B 384 31.99 -25.49 13.07
N ASN B 385 32.16 -24.51 13.95
CA ASN B 385 31.03 -23.93 14.67
C ASN B 385 30.82 -22.49 14.20
N PRO B 386 30.21 -22.32 13.02
CA PRO B 386 29.94 -21.00 12.43
C PRO B 386 29.22 -20.00 13.32
N GLN B 387 28.34 -20.50 14.18
CA GLN B 387 27.59 -19.61 15.06
C GLN B 387 28.45 -19.06 16.18
N ASP B 388 29.54 -19.75 16.52
CA ASP B 388 30.41 -19.28 17.59
C ASP B 388 31.56 -18.42 17.10
N PHE B 389 32.02 -17.54 17.98
CA PHE B 389 33.15 -16.68 17.70
C PHE B 389 34.35 -17.49 18.17
N ASN B 390 35.16 -17.97 17.23
CA ASN B 390 36.31 -18.79 17.59
C ASN B 390 37.48 -18.60 16.62
N PRO B 391 38.56 -17.93 17.06
CA PRO B 391 39.74 -17.69 16.23
C PRO B 391 40.33 -18.97 15.61
N GLN B 392 39.98 -20.13 16.17
CA GLN B 392 40.49 -21.40 15.64
C GLN B 392 40.00 -21.63 14.23
N HIS B 393 38.98 -20.88 13.83
CA HIS B 393 38.44 -21.00 12.48
C HIS B 393 39.50 -20.63 11.45
N PHE B 394 40.48 -19.83 11.87
CA PHE B 394 41.57 -19.39 10.98
C PHE B 394 42.91 -19.80 11.56
N LEU B 395 42.90 -20.81 12.41
CA LEU B 395 44.10 -21.28 13.04
C LEU B 395 44.36 -22.72 12.65
N ASN B 396 45.63 -23.07 12.50
CA ASN B 396 46.03 -24.42 12.15
C ASN B 396 46.10 -25.25 13.42
N GLU B 397 46.09 -26.57 13.29
CA GLU B 397 46.16 -27.43 14.47
C GLU B 397 47.46 -27.20 15.23
N LYS B 398 48.32 -26.35 14.67
CA LYS B 398 49.60 -26.04 15.28
C LYS B 398 49.77 -24.54 15.55
N GLY B 399 48.67 -23.79 15.51
CA GLY B 399 48.73 -22.36 15.78
C GLY B 399 49.11 -21.42 14.65
N GLN B 400 49.22 -21.95 13.43
CA GLN B 400 49.58 -21.11 12.30
C GLN B 400 48.30 -20.59 11.66
N PHE B 401 48.36 -19.42 11.02
CA PHE B 401 47.17 -18.86 10.38
C PHE B 401 46.73 -19.73 9.20
N LYS B 402 45.42 -19.89 9.06
CA LYS B 402 44.85 -20.70 8.01
C LYS B 402 43.79 -19.93 7.22
N LYS B 403 44.01 -19.82 5.92
CA LYS B 403 43.10 -19.10 5.02
C LYS B 403 41.83 -19.91 4.81
N SER B 404 40.83 -19.25 4.24
CA SER B 404 39.56 -19.90 3.93
C SER B 404 38.91 -19.26 2.71
N ASP B 405 38.52 -20.09 1.75
CA ASP B 405 37.87 -19.59 0.55
C ASP B 405 36.56 -18.91 0.92
N ALA B 406 36.03 -19.24 2.09
CA ALA B 406 34.76 -18.68 2.53
C ALA B 406 34.90 -17.36 3.28
N PHE B 407 36.11 -16.82 3.37
CA PHE B 407 36.32 -15.55 4.05
C PHE B 407 36.15 -14.45 3.02
N VAL B 408 34.94 -13.89 2.94
CA VAL B 408 34.64 -12.88 1.93
C VAL B 408 33.92 -11.62 2.43
N PRO B 409 34.38 -11.03 3.55
CA PRO B 409 33.73 -9.82 4.04
C PRO B 409 33.82 -8.65 3.07
N PHE B 410 34.81 -8.69 2.19
CA PHE B 410 35.01 -7.64 1.18
C PHE B 410 34.41 -8.09 -0.15
N SER B 411 33.67 -9.19 -0.12
CA SER B 411 33.07 -9.75 -1.32
C SER B 411 34.20 -10.20 -2.26
N ILE B 412 33.85 -10.57 -3.49
CA ILE B 412 34.82 -11.02 -4.47
C ILE B 412 34.36 -10.63 -5.88
N GLY B 413 35.19 -10.89 -6.88
CA GLY B 413 34.82 -10.56 -8.24
C GLY B 413 35.35 -9.21 -8.71
N LYS B 414 34.90 -8.78 -9.87
CA LYS B 414 35.34 -7.52 -10.49
C LYS B 414 34.91 -6.21 -9.84
N ARG B 415 33.84 -6.22 -9.07
CA ARG B 415 33.39 -5.00 -8.41
C ARG B 415 33.63 -5.13 -6.90
N ASN B 416 34.60 -5.97 -6.53
CA ASN B 416 34.91 -6.18 -5.11
C ASN B 416 35.38 -4.89 -4.46
N CYS B 417 35.53 -4.93 -3.15
CA CYS B 417 35.96 -3.74 -2.42
C CYS B 417 37.42 -3.39 -2.70
N PHE B 418 37.67 -2.25 -3.35
CA PHE B 418 39.05 -1.86 -3.60
C PHE B 418 39.59 -1.03 -2.43
N GLY B 419 38.82 -1.00 -1.35
CA GLY B 419 39.24 -0.30 -0.15
C GLY B 419 39.80 -1.34 0.81
N GLU B 420 39.71 -2.60 0.40
CA GLU B 420 40.19 -3.72 1.22
C GLU B 420 41.61 -3.57 1.69
N GLY B 421 42.48 -3.02 0.84
CA GLY B 421 43.86 -2.83 1.22
C GLY B 421 43.97 -1.89 2.41
N LEU B 422 43.42 -0.70 2.27
CA LEU B 422 43.44 0.28 3.35
C LEU B 422 42.75 -0.25 4.61
N ALA B 423 41.67 -1.00 4.42
CA ALA B 423 40.90 -1.54 5.53
C ALA B 423 41.68 -2.55 6.38
N ARG B 424 42.33 -3.52 5.72
CA ARG B 424 43.08 -4.53 6.45
C ARG B 424 44.24 -3.90 7.22
N MET B 425 44.86 -2.89 6.63
CA MET B 425 45.97 -2.19 7.28
C MET B 425 45.43 -1.40 8.49
N GLU B 426 44.26 -0.81 8.33
CA GLU B 426 43.65 -0.04 9.42
C GLU B 426 43.22 -0.98 10.53
N LEU B 427 42.55 -2.06 10.17
CA LEU B 427 42.10 -3.02 11.16
C LEU B 427 43.26 -3.61 11.97
N PHE B 428 44.36 -3.96 11.30
CA PHE B 428 45.50 -4.54 11.99
C PHE B 428 46.24 -3.56 12.91
N LEU B 429 46.46 -2.35 12.42
CA LEU B 429 47.18 -1.35 13.18
C LEU B 429 46.39 -0.70 14.32
N PHE B 430 45.10 -0.45 14.12
CA PHE B 430 44.29 0.15 15.17
C PHE B 430 44.04 -0.87 16.28
N PHE B 431 43.66 -2.08 15.89
CA PHE B 431 43.39 -3.16 16.85
C PHE B 431 44.62 -3.48 17.71
N THR B 432 45.72 -3.82 17.06
CA THR B 432 46.94 -4.17 17.76
C THR B 432 47.49 -3.04 18.63
N THR B 433 47.44 -1.81 18.11
CA THR B 433 47.95 -0.67 18.87
C THR B 433 47.14 -0.39 20.13
N VAL B 434 45.84 -0.68 20.10
CA VAL B 434 44.99 -0.46 21.26
C VAL B 434 45.25 -1.60 22.25
N MET B 435 45.26 -2.82 21.73
CA MET B 435 45.49 -3.98 22.58
C MET B 435 46.90 -4.01 23.15
N GLN B 436 47.78 -3.18 22.61
CA GLN B 436 49.16 -3.10 23.09
C GLN B 436 49.22 -2.18 24.31
N ASN B 437 48.41 -1.12 24.27
CA ASN B 437 48.40 -0.14 25.34
C ASN B 437 47.29 -0.29 26.39
N PHE B 438 46.27 -1.09 26.11
CA PHE B 438 45.18 -1.22 27.06
C PHE B 438 44.63 -2.61 27.31
N ARG B 439 44.08 -2.77 28.51
CA ARG B 439 43.42 -3.98 28.95
C ARG B 439 41.96 -3.57 28.79
N LEU B 440 41.08 -4.49 28.43
CA LEU B 440 39.68 -4.15 28.22
C LEU B 440 38.76 -4.45 29.42
N LYS B 441 38.28 -3.38 30.06
CA LYS B 441 37.40 -3.52 31.22
C LYS B 441 35.98 -3.08 30.86
N SER B 442 35.06 -4.04 30.83
CA SER B 442 33.67 -3.76 30.51
C SER B 442 32.98 -2.99 31.65
N SER B 443 31.88 -2.33 31.32
CA SER B 443 31.12 -1.57 32.30
C SER B 443 30.19 -2.56 33.01
N GLN B 444 30.04 -3.72 32.39
CA GLN B 444 29.18 -4.78 32.91
C GLN B 444 29.92 -6.11 32.91
N SER B 445 29.33 -7.12 33.54
CA SER B 445 29.96 -8.44 33.61
C SER B 445 30.02 -9.08 32.23
N PRO B 446 31.04 -9.93 32.00
CA PRO B 446 31.24 -10.63 30.73
C PRO B 446 30.07 -11.51 30.29
N LYS B 447 29.54 -12.31 31.21
CA LYS B 447 28.43 -13.20 30.87
C LYS B 447 27.20 -12.41 30.46
N ASP B 448 27.10 -11.18 30.96
CA ASP B 448 25.95 -10.33 30.66
C ASP B 448 26.16 -9.46 29.42
N ILE B 449 27.25 -9.70 28.70
CA ILE B 449 27.54 -8.96 27.48
C ILE B 449 26.96 -9.71 26.28
N ASP B 450 25.99 -9.10 25.63
CA ASP B 450 25.32 -9.70 24.47
C ASP B 450 26.03 -9.23 23.20
N VAL B 451 26.53 -10.18 22.42
CA VAL B 451 27.23 -9.84 21.17
C VAL B 451 26.35 -9.98 19.95
N SER B 452 25.09 -10.35 20.17
CA SER B 452 24.13 -10.51 19.09
C SER B 452 23.91 -9.16 18.42
N PRO B 453 23.55 -9.16 17.14
CA PRO B 453 23.30 -7.91 16.39
C PRO B 453 22.10 -7.13 16.91
N LYS B 454 22.23 -5.80 16.94
CA LYS B 454 21.14 -4.95 17.37
C LYS B 454 20.16 -4.89 16.21
N HIS B 455 20.68 -4.49 15.04
CA HIS B 455 19.88 -4.40 13.83
C HIS B 455 20.63 -5.10 12.71
N VAL B 456 19.90 -5.65 11.74
CA VAL B 456 20.52 -6.32 10.62
C VAL B 456 19.87 -5.88 9.31
N GLY B 457 20.24 -4.70 8.85
CA GLY B 457 19.69 -4.20 7.61
C GLY B 457 20.74 -4.29 6.51
N PHE B 458 21.13 -3.15 5.98
CA PHE B 458 22.14 -3.11 4.94
C PHE B 458 23.44 -3.55 5.59
N ALA B 459 23.64 -3.08 6.83
CA ALA B 459 24.81 -3.41 7.61
C ALA B 459 24.40 -4.03 8.94
N THR B 460 25.31 -4.78 9.55
CA THR B 460 25.04 -5.41 10.84
C THR B 460 25.52 -4.41 11.88
N ILE B 461 24.59 -3.90 12.70
CA ILE B 461 24.96 -2.93 13.71
C ILE B 461 25.08 -3.56 15.09
N PRO B 462 26.25 -3.42 15.74
CA PRO B 462 26.45 -4.01 17.07
C PRO B 462 25.72 -3.18 18.13
N ARG B 463 25.30 -3.84 19.20
CA ARG B 463 24.58 -3.14 20.27
C ARG B 463 25.45 -2.08 20.92
N ASN B 464 24.81 -1.02 21.39
CA ASN B 464 25.52 0.07 22.04
C ASN B 464 26.14 -0.46 23.32
N TYR B 465 27.23 0.15 23.78
CA TYR B 465 27.88 -0.31 24.99
C TYR B 465 28.94 0.65 25.50
N THR B 466 29.37 0.45 26.74
CA THR B 466 30.40 1.28 27.34
C THR B 466 31.52 0.37 27.79
N MET B 467 32.73 0.91 27.82
CA MET B 467 33.88 0.12 28.22
C MET B 467 34.97 1.07 28.70
N SER B 468 35.92 0.52 29.44
CA SER B 468 37.02 1.32 29.93
C SER B 468 38.32 0.72 29.43
N PHE B 469 39.24 1.59 29.06
CA PHE B 469 40.54 1.15 28.57
C PHE B 469 41.54 1.38 29.69
N LEU B 470 41.87 0.30 30.39
CA LEU B 470 42.81 0.35 31.50
C LEU B 470 44.24 0.03 31.05
N PRO B 471 45.17 0.97 31.30
CA PRO B 471 46.58 0.80 30.91
C PRO B 471 47.12 -0.57 31.32
N ARG B 472 47.82 -1.22 30.39
CA ARG B 472 48.41 -2.53 30.65
C ARG B 472 49.39 -2.39 31.80
N HIS B 473 49.94 -1.18 31.93
CA HIS B 473 50.90 -0.85 32.97
C HIS B 473 52.20 -1.64 32.82
N GLY C 9 7.84 32.31 -6.22
CA GLY C 9 7.42 31.11 -6.99
C GLY C 9 7.98 31.08 -8.40
N LYS C 10 9.27 30.80 -8.52
CA LYS C 10 9.93 30.75 -9.81
C LYS C 10 9.14 29.94 -10.84
N LEU C 11 8.64 28.77 -10.45
CA LEU C 11 7.87 27.94 -11.36
C LEU C 11 6.49 28.54 -11.66
N PRO C 12 5.90 28.19 -12.81
CA PRO C 12 4.58 28.72 -13.14
C PRO C 12 3.60 28.28 -12.05
N PRO C 13 2.56 29.11 -11.77
CA PRO C 13 1.58 28.77 -10.74
C PRO C 13 0.79 27.53 -11.13
N GLY C 14 0.07 26.95 -10.15
CA GLY C 14 -0.72 25.77 -10.43
C GLY C 14 -1.37 25.24 -9.17
N PRO C 15 -2.34 24.33 -9.29
CA PRO C 15 -3.01 23.78 -8.11
C PRO C 15 -2.03 23.00 -7.22
N THR C 16 -2.18 23.14 -5.91
CA THR C 16 -1.31 22.47 -4.95
C THR C 16 -1.42 20.95 -5.06
N PRO C 17 -0.30 20.27 -5.29
CA PRO C 17 -0.35 18.82 -5.42
C PRO C 17 -0.25 18.12 -4.06
N LEU C 18 -0.49 16.81 -4.07
CA LEU C 18 -0.39 15.98 -2.89
C LEU C 18 0.74 14.98 -3.17
N PRO C 19 1.46 14.55 -2.12
CA PRO C 19 2.55 13.59 -2.25
C PRO C 19 2.16 12.38 -3.10
N PHE C 20 3.03 12.07 -4.06
CA PHE C 20 2.88 10.97 -5.01
C PHE C 20 1.76 11.09 -6.04
N ILE C 21 0.51 11.25 -5.62
CA ILE C 21 -0.57 11.36 -6.60
C ILE C 21 -0.55 12.70 -7.35
N GLY C 22 0.27 13.65 -6.87
CA GLY C 22 0.36 14.94 -7.55
C GLY C 22 -0.95 15.70 -7.58
N ASN C 23 -1.39 16.09 -8.79
CA ASN C 23 -2.64 16.82 -8.97
C ASN C 23 -3.77 15.92 -9.48
N TYR C 24 -3.69 14.65 -9.12
CA TYR C 24 -4.68 13.68 -9.52
C TYR C 24 -6.09 14.19 -9.20
N LEU C 25 -6.26 14.84 -8.05
CA LEU C 25 -7.58 15.33 -7.67
C LEU C 25 -8.17 16.37 -8.61
N GLN C 26 -7.32 17.07 -9.37
CA GLN C 26 -7.82 18.07 -10.31
C GLN C 26 -7.77 17.55 -11.75
N LEU C 27 -7.52 16.25 -11.93
CA LEU C 27 -7.42 15.68 -13.26
C LEU C 27 -8.34 14.50 -13.54
N ASN C 28 -9.11 14.60 -14.61
CA ASN C 28 -10.00 13.52 -15.02
C ASN C 28 -9.21 12.88 -16.16
N THR C 29 -8.60 11.73 -15.92
CA THR C 29 -7.80 11.07 -16.94
C THR C 29 -8.54 10.75 -18.24
N GLU C 30 -9.87 10.69 -18.17
CA GLU C 30 -10.67 10.41 -19.37
C GLU C 30 -10.70 11.67 -20.23
N GLN C 31 -10.52 12.82 -19.60
CA GLN C 31 -10.54 14.09 -20.30
C GLN C 31 -9.39 14.96 -19.81
N MET C 32 -8.16 14.57 -20.14
CA MET C 32 -6.99 15.32 -19.71
C MET C 32 -7.06 16.74 -20.26
N TYR C 33 -7.37 16.86 -21.54
CA TYR C 33 -7.45 18.15 -22.19
C TYR C 33 -8.42 19.09 -21.50
N ASN C 34 -9.65 18.63 -21.28
CA ASN C 34 -10.64 19.47 -20.62
C ASN C 34 -10.19 19.79 -19.20
N SER C 35 -9.54 18.83 -18.54
CA SER C 35 -9.06 19.06 -17.17
C SER C 35 -8.02 20.16 -17.17
N LEU C 36 -7.07 20.10 -18.10
CA LEU C 36 -6.04 21.12 -18.18
C LEU C 36 -6.62 22.48 -18.54
N MET C 37 -7.65 22.48 -19.39
CA MET C 37 -8.30 23.72 -19.80
C MET C 37 -8.94 24.37 -18.58
N LYS C 38 -9.54 23.56 -17.73
CA LYS C 38 -10.20 24.03 -16.52
C LYS C 38 -9.23 24.64 -15.51
N ILE C 39 -8.05 24.05 -15.35
CA ILE C 39 -7.14 24.63 -14.38
C ILE C 39 -6.48 25.85 -15.02
N SER C 40 -6.37 25.85 -16.36
CA SER C 40 -5.78 26.99 -17.05
C SER C 40 -6.70 28.22 -16.90
N GLU C 41 -8.01 27.99 -16.96
CA GLU C 41 -8.97 29.08 -16.81
C GLU C 41 -8.80 29.69 -15.43
N ARG C 42 -8.19 28.95 -14.53
CA ARG C 42 -7.99 29.43 -13.17
C ARG C 42 -6.60 29.99 -12.87
N TYR C 43 -5.57 29.42 -13.49
CA TYR C 43 -4.19 29.87 -13.23
C TYR C 43 -3.51 30.68 -14.32
N GLY C 44 -4.03 30.63 -15.54
CA GLY C 44 -3.40 31.36 -16.62
C GLY C 44 -2.98 30.42 -17.73
N PRO C 45 -2.41 30.96 -18.82
CA PRO C 45 -1.97 30.17 -19.96
C PRO C 45 -0.74 29.31 -19.75
N VAL C 46 0.08 29.65 -18.75
CA VAL C 46 1.29 28.90 -18.45
C VAL C 46 1.21 28.44 -16.99
N PHE C 47 1.10 27.14 -16.80
CA PHE C 47 0.99 26.63 -15.43
C PHE C 47 1.70 25.31 -15.18
N THR C 48 1.87 24.99 -13.90
CA THR C 48 2.55 23.77 -13.50
C THR C 48 1.56 22.71 -13.02
N ILE C 49 1.76 21.48 -13.50
CA ILE C 49 0.87 20.40 -13.11
C ILE C 49 1.71 19.18 -12.73
N HIS C 50 1.21 18.39 -11.79
CA HIS C 50 1.92 17.20 -11.37
C HIS C 50 1.14 15.94 -11.77
N LEU C 51 1.61 15.27 -12.83
CA LEU C 51 0.97 14.04 -13.28
C LEU C 51 1.59 12.99 -12.39
N GLY C 52 0.98 12.79 -11.22
CA GLY C 52 1.56 11.86 -10.27
C GLY C 52 2.81 12.60 -9.84
N PRO C 53 3.97 11.93 -9.73
CA PRO C 53 5.22 12.57 -9.32
C PRO C 53 5.91 13.31 -10.47
N ARG C 54 5.36 13.17 -11.68
CA ARG C 54 5.92 13.78 -12.87
C ARG C 54 5.48 15.24 -13.02
N ARG C 55 6.41 16.17 -12.81
CA ARG C 55 6.12 17.59 -12.90
C ARG C 55 6.19 18.08 -14.35
N VAL C 56 5.14 18.78 -14.76
CA VAL C 56 5.09 19.27 -16.12
C VAL C 56 4.59 20.70 -16.20
N VAL C 57 5.17 21.47 -17.11
CA VAL C 57 4.73 22.85 -17.32
C VAL C 57 3.87 22.79 -18.58
N VAL C 58 2.65 23.29 -18.45
CA VAL C 58 1.70 23.27 -19.56
C VAL C 58 1.62 24.64 -20.25
N LEU C 59 1.64 24.64 -21.59
CA LEU C 59 1.57 25.85 -22.41
C LEU C 59 0.23 25.88 -23.16
N CYS C 60 -0.58 26.89 -22.88
CA CYS C 60 -1.88 27.01 -23.52
C CYS C 60 -2.01 28.25 -24.39
N GLY C 61 -2.67 28.10 -25.54
CA GLY C 61 -2.87 29.23 -26.43
C GLY C 61 -1.71 29.48 -27.38
N HIS C 62 -2.01 30.07 -28.53
CA HIS C 62 -0.98 30.35 -29.53
C HIS C 62 0.24 31.07 -29.00
N ASP C 63 0.04 32.19 -28.30
CA ASP C 63 1.15 32.98 -27.80
C ASP C 63 2.14 32.24 -26.89
N ALA C 64 1.64 31.53 -25.89
CA ALA C 64 2.53 30.80 -24.99
C ALA C 64 3.32 29.73 -25.74
N VAL C 65 2.63 28.98 -26.60
CA VAL C 65 3.27 27.92 -27.37
C VAL C 65 4.34 28.44 -28.35
N ARG C 66 4.03 29.46 -29.12
CA ARG C 66 5.02 29.97 -30.08
C ARG C 66 6.17 30.67 -29.36
N GLU C 67 5.85 31.38 -28.27
CA GLU C 67 6.89 32.08 -27.52
C GLU C 67 7.95 31.11 -26.99
N ALA C 68 7.52 29.93 -26.54
CA ALA C 68 8.46 28.93 -26.02
C ALA C 68 9.14 28.12 -27.11
N LEU C 69 8.33 27.41 -27.91
CA LEU C 69 8.87 26.56 -28.95
C LEU C 69 9.61 27.27 -30.10
N VAL C 70 9.25 28.52 -30.36
CA VAL C 70 9.93 29.26 -31.42
C VAL C 70 10.80 30.42 -30.95
N ASP C 71 10.25 31.34 -30.17
CA ASP C 71 11.07 32.46 -29.70
C ASP C 71 12.23 32.01 -28.82
N GLN C 72 12.06 30.91 -28.11
CA GLN C 72 13.12 30.35 -27.28
C GLN C 72 13.29 28.89 -27.72
N ALA C 73 13.26 28.68 -29.04
CA ALA C 73 13.35 27.35 -29.64
C ALA C 73 14.41 26.40 -29.07
N GLU C 74 15.63 26.90 -28.94
CA GLU C 74 16.73 26.09 -28.42
C GLU C 74 16.49 25.57 -27.00
N GLU C 75 16.08 26.47 -26.12
CA GLU C 75 15.84 26.09 -24.72
C GLU C 75 14.71 25.09 -24.55
N PHE C 76 13.75 25.10 -25.48
CA PHE C 76 12.62 24.17 -25.41
C PHE C 76 12.75 23.06 -26.45
N SER C 77 13.97 22.85 -26.95
CA SER C 77 14.20 21.83 -27.97
C SER C 77 14.43 20.41 -27.43
N GLY C 78 14.34 20.23 -26.12
CA GLY C 78 14.52 18.90 -25.55
C GLY C 78 13.27 18.05 -25.76
N ARG C 79 13.43 16.73 -25.76
CA ARG C 79 12.31 15.80 -25.94
C ARG C 79 11.89 15.18 -24.61
N GLY C 80 10.60 15.26 -24.32
CA GLY C 80 10.10 14.70 -23.07
C GLY C 80 9.73 13.24 -23.26
N GLU C 81 8.80 12.74 -22.45
CA GLU C 81 8.43 11.34 -22.58
C GLU C 81 6.96 11.08 -22.78
N GLN C 82 6.66 9.85 -23.20
CA GLN C 82 5.31 9.36 -23.40
C GLN C 82 5.55 7.96 -22.82
N ALA C 83 5.11 7.78 -21.58
CA ALA C 83 5.30 6.54 -20.83
C ALA C 83 4.94 5.25 -21.54
N THR C 84 3.77 5.19 -22.17
CA THR C 84 3.38 3.97 -22.87
C THR C 84 4.41 3.64 -23.95
N PHE C 85 4.79 4.63 -24.75
CA PHE C 85 5.77 4.38 -25.81
C PHE C 85 7.17 4.09 -25.28
N ASP C 86 7.56 4.79 -24.21
CA ASP C 86 8.88 4.58 -23.63
C ASP C 86 9.07 3.13 -23.17
N TRP C 87 7.97 2.43 -22.93
CA TRP C 87 8.04 1.05 -22.50
C TRP C 87 8.88 0.23 -23.49
N VAL C 88 8.73 0.52 -24.78
CA VAL C 88 9.48 -0.21 -25.78
C VAL C 88 10.69 0.57 -26.33
N PHE C 89 10.59 1.89 -26.45
CA PHE C 89 11.68 2.71 -27.01
C PHE C 89 12.82 3.04 -26.05
N LYS C 90 12.49 3.19 -24.77
CA LYS C 90 13.50 3.49 -23.75
C LYS C 90 14.50 4.56 -24.18
N GLY C 91 14.02 5.59 -24.87
CA GLY C 91 14.90 6.66 -25.29
C GLY C 91 15.70 6.48 -26.56
N TYR C 92 15.56 5.34 -27.23
CA TYR C 92 16.29 5.12 -28.47
C TYR C 92 15.39 5.47 -29.65
N GLY C 93 16.00 5.70 -30.81
CA GLY C 93 15.23 6.05 -31.98
C GLY C 93 15.12 7.56 -32.10
N VAL C 94 14.83 8.03 -33.31
CA VAL C 94 14.74 9.47 -33.56
C VAL C 94 13.72 10.27 -32.73
N VAL C 95 12.52 9.73 -32.53
CA VAL C 95 11.49 10.47 -31.79
C VAL C 95 11.75 10.75 -30.30
N PHE C 96 12.14 9.73 -29.55
CA PHE C 96 12.35 9.92 -28.12
C PHE C 96 13.79 10.13 -27.65
N SER C 97 14.69 10.43 -28.58
CA SER C 97 16.07 10.67 -28.22
C SER C 97 16.29 12.14 -27.92
N ASN C 98 17.44 12.43 -27.34
CA ASN C 98 17.82 13.80 -26.98
C ASN C 98 19.28 14.02 -27.34
N GLY C 99 19.72 15.27 -27.21
CA GLY C 99 21.10 15.63 -27.48
C GLY C 99 21.72 15.16 -28.79
N GLU C 100 22.94 14.67 -28.70
CA GLU C 100 23.69 14.20 -29.88
C GLU C 100 22.94 13.13 -30.66
N ARG C 101 22.28 12.22 -29.94
CA ARG C 101 21.54 11.14 -30.57
C ARG C 101 20.42 11.69 -31.47
N ALA C 102 19.59 12.57 -30.91
CA ALA C 102 18.50 13.15 -31.67
C ALA C 102 19.03 13.92 -32.87
N LYS C 103 20.07 14.71 -32.63
CA LYS C 103 20.67 15.51 -33.69
C LYS C 103 21.09 14.63 -34.87
N GLN C 104 21.88 13.60 -34.58
CA GLN C 104 22.37 12.70 -35.61
C GLN C 104 21.25 11.91 -36.29
N LEU C 105 20.36 11.32 -35.50
CA LEU C 105 19.28 10.52 -36.08
C LEU C 105 18.27 11.34 -36.89
N ARG C 106 17.94 12.54 -36.42
CA ARG C 106 16.99 13.38 -37.13
C ARG C 106 17.57 13.83 -38.47
N ARG C 107 18.83 14.24 -38.47
CA ARG C 107 19.48 14.68 -39.69
C ARG C 107 19.53 13.54 -40.70
N PHE C 108 19.95 12.36 -40.24
CA PHE C 108 20.04 11.22 -41.13
C PHE C 108 18.67 10.82 -41.64
N SER C 109 17.65 10.91 -40.79
CA SER C 109 16.32 10.53 -41.22
C SER C 109 15.75 11.44 -42.30
N ILE C 110 15.90 12.75 -42.12
CA ILE C 110 15.37 13.67 -43.12
C ILE C 110 16.06 13.48 -44.47
N ALA C 111 17.38 13.39 -44.46
CA ALA C 111 18.12 13.21 -45.71
C ALA C 111 17.78 11.89 -46.42
N THR C 112 17.67 10.81 -45.66
CA THR C 112 17.35 9.52 -46.27
C THR C 112 15.92 9.48 -46.82
N LEU C 113 15.00 10.10 -46.12
CA LEU C 113 13.61 10.15 -46.57
C LEU C 113 13.62 10.89 -47.93
N ARG C 114 14.45 11.92 -48.01
CA ARG C 114 14.57 12.70 -49.24
C ARG C 114 15.18 11.88 -50.36
N ASP C 115 16.23 11.12 -50.04
CA ASP C 115 16.88 10.29 -51.05
C ASP C 115 15.90 9.28 -51.64
N PHE C 116 14.89 8.91 -50.86
CA PHE C 116 13.89 7.95 -51.33
C PHE C 116 12.65 8.58 -51.95
N GLY C 117 12.75 9.85 -52.33
CA GLY C 117 11.63 10.51 -52.99
C GLY C 117 10.68 11.42 -52.23
N VAL C 118 10.86 11.56 -50.92
CA VAL C 118 9.96 12.43 -50.16
C VAL C 118 10.17 13.86 -50.63
N GLY C 119 9.08 14.53 -50.98
CA GLY C 119 9.15 15.90 -51.46
C GLY C 119 9.50 15.91 -52.94
N LYS C 120 9.46 14.73 -53.57
CA LYS C 120 9.81 14.63 -54.99
C LYS C 120 8.80 13.83 -55.79
N ARG C 121 9.03 13.78 -57.10
CA ARG C 121 8.19 13.03 -58.02
C ARG C 121 8.09 11.58 -57.55
N GLY C 122 9.24 11.04 -57.14
CA GLY C 122 9.30 9.67 -56.68
C GLY C 122 8.19 9.27 -55.72
N ILE C 123 8.14 9.89 -54.54
CA ILE C 123 7.11 9.53 -53.57
C ILE C 123 5.73 9.92 -54.10
N GLU C 124 5.69 11.00 -54.87
CA GLU C 124 4.45 11.48 -55.46
C GLU C 124 3.81 10.36 -56.30
N GLU C 125 4.62 9.71 -57.13
CA GLU C 125 4.14 8.61 -57.96
C GLU C 125 3.66 7.47 -57.08
N ARG C 126 4.41 7.17 -56.02
CA ARG C 126 4.03 6.10 -55.10
C ARG C 126 2.64 6.35 -54.54
N ILE C 127 2.41 7.57 -54.08
CA ILE C 127 1.12 7.94 -53.51
C ILE C 127 -0.02 7.84 -54.52
N GLN C 128 0.24 8.30 -55.75
CA GLN C 128 -0.78 8.24 -56.79
C GLN C 128 -1.10 6.78 -57.09
N GLU C 129 -0.07 5.94 -57.15
CA GLU C 129 -0.30 4.54 -57.42
C GLU C 129 -1.13 3.90 -56.31
N GLU C 130 -0.71 4.11 -55.06
CA GLU C 130 -1.45 3.52 -53.96
C GLU C 130 -2.86 4.10 -53.91
N ALA C 131 -3.00 5.37 -54.26
CA ALA C 131 -4.31 6.01 -54.29
C ALA C 131 -5.19 5.23 -55.27
N GLY C 132 -4.59 4.84 -56.40
CA GLY C 132 -5.33 4.09 -57.40
C GLY C 132 -5.79 2.75 -56.85
N PHE C 133 -4.96 2.14 -56.01
CA PHE C 133 -5.30 0.85 -55.42
C PHE C 133 -6.43 0.99 -54.41
N LEU C 134 -6.50 2.12 -53.72
CA LEU C 134 -7.57 2.35 -52.76
C LEU C 134 -8.88 2.51 -53.55
N ILE C 135 -8.81 3.27 -54.62
CA ILE C 135 -9.99 3.49 -55.46
C ILE C 135 -10.58 2.15 -55.89
N ASP C 136 -9.73 1.26 -56.40
CA ASP C 136 -10.20 -0.04 -56.86
C ASP C 136 -10.84 -0.80 -55.71
N ALA C 137 -10.23 -0.75 -54.54
CA ALA C 137 -10.75 -1.45 -53.37
C ALA C 137 -12.10 -0.88 -52.93
N LEU C 138 -12.24 0.43 -53.01
CA LEU C 138 -13.50 1.06 -52.61
C LEU C 138 -14.56 0.73 -53.67
N ARG C 139 -14.17 0.83 -54.93
CA ARG C 139 -15.06 0.51 -56.03
C ARG C 139 -15.53 -0.93 -55.85
N GLY C 140 -14.63 -1.77 -55.35
CA GLY C 140 -14.96 -3.18 -55.12
C GLY C 140 -15.98 -3.45 -54.03
N THR C 141 -16.37 -2.42 -53.27
CA THR C 141 -17.36 -2.62 -52.20
C THR C 141 -18.78 -2.55 -52.78
N GLY C 142 -18.90 -1.95 -53.96
CA GLY C 142 -20.19 -1.82 -54.61
C GLY C 142 -21.13 -0.91 -53.84
N GLY C 143 -20.58 0.16 -53.28
CA GLY C 143 -21.39 1.10 -52.53
C GLY C 143 -21.84 0.58 -51.18
N ALA C 144 -21.34 -0.60 -50.80
CA ALA C 144 -21.70 -1.19 -49.53
C ALA C 144 -21.34 -0.26 -48.37
N ASN C 145 -22.05 -0.41 -47.28
CA ASN C 145 -21.80 0.40 -46.10
C ASN C 145 -20.76 -0.36 -45.28
N ILE C 146 -19.57 0.22 -45.18
CA ILE C 146 -18.49 -0.45 -44.45
C ILE C 146 -17.67 0.47 -43.53
N ASP C 147 -16.86 -0.16 -42.70
CA ASP C 147 -15.95 0.52 -41.79
C ASP C 147 -14.74 0.88 -42.66
N PRO C 148 -14.50 2.18 -42.88
CA PRO C 148 -13.38 2.61 -43.72
C PRO C 148 -11.99 2.50 -43.08
N THR C 149 -11.96 2.36 -41.75
CA THR C 149 -10.72 2.28 -40.99
C THR C 149 -9.53 1.63 -41.69
N PHE C 150 -9.61 0.34 -41.91
CA PHE C 150 -8.49 -0.36 -42.53
C PHE C 150 -8.30 -0.19 -44.03
N PHE C 151 -9.33 0.26 -44.74
CA PHE C 151 -9.18 0.51 -46.17
C PHE C 151 -8.22 1.68 -46.24
N LEU C 152 -8.48 2.68 -45.41
CA LEU C 152 -7.66 3.87 -45.38
C LEU C 152 -6.25 3.64 -44.85
N SER C 153 -6.13 2.96 -43.72
CA SER C 153 -4.81 2.73 -43.12
C SER C 153 -3.87 1.86 -43.96
N ARG C 154 -4.40 0.87 -44.67
CA ARG C 154 -3.57 0.01 -45.52
C ARG C 154 -2.94 0.86 -46.61
N THR C 155 -3.72 1.80 -47.15
CA THR C 155 -3.25 2.66 -48.21
C THR C 155 -2.16 3.63 -47.75
N VAL C 156 -2.41 4.31 -46.63
CA VAL C 156 -1.44 5.25 -46.09
C VAL C 156 -0.14 4.55 -45.71
N SER C 157 -0.27 3.43 -44.99
CA SER C 157 0.88 2.67 -44.52
C SER C 157 1.76 2.14 -45.63
N ASN C 158 1.19 1.83 -46.79
CA ASN C 158 1.98 1.32 -47.89
C ASN C 158 2.94 2.36 -48.43
N VAL C 159 2.64 3.64 -48.22
CA VAL C 159 3.52 4.69 -48.67
C VAL C 159 4.83 4.69 -47.86
N ILE C 160 4.73 4.85 -46.54
CA ILE C 160 5.95 4.86 -45.74
C ILE C 160 6.59 3.46 -45.76
N SER C 161 5.76 2.43 -45.88
CA SER C 161 6.25 1.07 -45.93
C SER C 161 7.16 0.82 -47.14
N SER C 162 6.81 1.40 -48.28
CA SER C 162 7.63 1.21 -49.47
C SER C 162 8.98 1.92 -49.28
N ILE C 163 8.98 3.01 -48.51
CA ILE C 163 10.21 3.76 -48.24
C ILE C 163 11.10 3.07 -47.22
N VAL C 164 10.50 2.59 -46.14
CA VAL C 164 11.24 1.93 -45.06
C VAL C 164 11.54 0.45 -45.26
N PHE C 165 10.63 -0.30 -45.88
CA PHE C 165 10.85 -1.73 -46.10
C PHE C 165 11.20 -2.07 -47.54
N GLY C 166 11.12 -1.09 -48.43
CA GLY C 166 11.47 -1.32 -49.82
C GLY C 166 10.37 -1.85 -50.71
N ASP C 167 9.17 -2.03 -50.17
CA ASP C 167 8.05 -2.53 -50.96
C ASP C 167 6.73 -2.43 -50.18
N ARG C 168 5.61 -2.47 -50.90
CA ARG C 168 4.29 -2.35 -50.29
C ARG C 168 3.74 -3.70 -49.83
N PHE C 169 2.70 -3.64 -49.00
CA PHE C 169 2.05 -4.84 -48.49
C PHE C 169 0.86 -5.15 -49.41
N ASP C 170 0.52 -6.43 -49.53
CA ASP C 170 -0.63 -6.80 -50.34
C ASP C 170 -1.83 -6.56 -49.43
N TYR C 171 -2.90 -5.96 -49.95
CA TYR C 171 -4.07 -5.68 -49.13
C TYR C 171 -4.68 -6.90 -48.45
N LYS C 172 -4.35 -8.09 -48.96
CA LYS C 172 -4.87 -9.34 -48.40
C LYS C 172 -3.93 -9.94 -47.36
N ASP C 173 -2.72 -9.39 -47.28
CA ASP C 173 -1.73 -9.89 -46.34
C ASP C 173 -2.23 -9.84 -44.89
N LYS C 174 -2.56 -11.00 -44.34
CA LYS C 174 -3.07 -11.10 -42.98
C LYS C 174 -2.15 -10.46 -41.94
N GLU C 175 -0.85 -10.66 -42.09
CA GLU C 175 0.10 -10.09 -41.15
C GLU C 175 0.05 -8.57 -41.20
N PHE C 176 -0.19 -8.03 -42.40
CA PHE C 176 -0.27 -6.59 -42.58
C PHE C 176 -1.46 -6.02 -41.79
N LEU C 177 -2.58 -6.72 -41.84
CA LEU C 177 -3.76 -6.28 -41.09
C LEU C 177 -3.46 -6.38 -39.59
N SER C 178 -2.67 -7.38 -39.22
CA SER C 178 -2.30 -7.57 -37.82
C SER C 178 -1.53 -6.37 -37.27
N LEU C 179 -0.55 -5.90 -38.04
CA LEU C 179 0.26 -4.76 -37.65
C LEU C 179 -0.59 -3.50 -37.51
N LEU C 180 -1.52 -3.33 -38.45
CA LEU C 180 -2.39 -2.16 -38.44
C LEU C 180 -3.28 -2.18 -37.19
N ARG C 181 -3.73 -3.36 -36.78
CA ARG C 181 -4.56 -3.48 -35.60
C ARG C 181 -3.74 -3.13 -34.36
N MET C 182 -2.46 -3.47 -34.39
CA MET C 182 -1.59 -3.16 -33.26
C MET C 182 -1.47 -1.63 -33.11
N MET C 183 -1.19 -0.94 -34.21
CA MET C 183 -1.06 0.50 -34.19
C MET C 183 -2.32 1.19 -33.71
N LEU C 184 -3.45 0.80 -34.28
CA LEU C 184 -4.73 1.38 -33.90
C LEU C 184 -4.95 1.13 -32.41
N GLY C 185 -4.62 -0.08 -31.96
CA GLY C 185 -4.79 -0.44 -30.56
C GLY C 185 -4.00 0.41 -29.58
N ILE C 186 -2.75 0.69 -29.92
CA ILE C 186 -1.91 1.51 -29.05
C ILE C 186 -2.37 2.96 -29.10
N PHE C 187 -2.73 3.42 -30.29
CA PHE C 187 -3.19 4.78 -30.50
C PHE C 187 -4.44 5.06 -29.66
N GLN C 188 -5.37 4.11 -29.62
CA GLN C 188 -6.57 4.31 -28.82
C GLN C 188 -6.25 4.18 -27.34
N PHE C 189 -5.42 3.19 -26.99
CA PHE C 189 -5.09 3.02 -25.58
C PHE C 189 -4.55 4.27 -24.90
N THR C 190 -3.56 4.90 -25.54
CA THR C 190 -2.93 6.10 -24.99
C THR C 190 -3.87 7.30 -24.94
N SER C 191 -5.04 7.15 -25.55
CA SER C 191 -6.01 8.24 -25.58
C SER C 191 -7.17 7.94 -24.64
N THR C 192 -7.05 6.82 -23.95
CA THR C 192 -8.09 6.38 -23.02
C THR C 192 -7.78 6.83 -21.61
N SER C 193 -8.76 6.72 -20.71
CA SER C 193 -8.56 7.09 -19.32
C SER C 193 -7.41 6.29 -18.68
N THR C 194 -7.37 4.98 -18.92
CA THR C 194 -6.30 4.18 -18.34
C THR C 194 -4.96 4.59 -18.93
N GLY C 195 -4.97 4.93 -20.22
CA GLY C 195 -3.77 5.36 -20.90
C GLY C 195 -3.19 6.64 -20.30
N GLN C 196 -4.05 7.58 -19.90
CA GLN C 196 -3.54 8.82 -19.33
C GLN C 196 -3.16 8.65 -17.86
N LEU C 197 -3.83 7.71 -17.19
CA LEU C 197 -3.50 7.44 -15.80
C LEU C 197 -2.09 6.84 -15.82
N TYR C 198 -1.82 6.06 -16.87
CA TYR C 198 -0.51 5.43 -17.00
C TYR C 198 0.59 6.50 -17.10
N GLU C 199 0.29 7.64 -17.71
CA GLU C 199 1.27 8.72 -17.81
C GLU C 199 1.62 9.26 -16.43
N MET C 200 0.71 9.09 -15.49
CA MET C 200 0.93 9.58 -14.13
C MET C 200 1.57 8.54 -13.23
N PHE C 201 1.12 7.29 -13.34
CA PHE C 201 1.61 6.24 -12.47
C PHE C 201 2.28 5.02 -13.10
N SER C 202 3.00 5.24 -14.21
CA SER C 202 3.66 4.12 -14.90
C SER C 202 4.63 3.31 -14.05
N SER C 203 5.32 3.97 -13.12
CA SER C 203 6.30 3.25 -12.28
C SER C 203 5.63 2.10 -11.50
N VAL C 204 4.34 2.21 -11.26
CA VAL C 204 3.61 1.17 -10.55
C VAL C 204 2.78 0.34 -11.52
N MET C 205 2.04 1.02 -12.41
CA MET C 205 1.18 0.35 -13.37
C MET C 205 1.83 -0.60 -14.38
N LYS C 206 3.11 -0.38 -14.72
CA LYS C 206 3.76 -1.27 -15.69
C LYS C 206 3.89 -2.68 -15.11
N HIS C 207 3.75 -2.79 -13.79
CA HIS C 207 3.87 -4.07 -13.11
C HIS C 207 2.50 -4.60 -12.70
N LEU C 208 1.45 -3.92 -13.17
CA LEU C 208 0.09 -4.32 -12.81
C LEU C 208 -0.72 -4.80 -14.00
N PRO C 209 -1.65 -5.72 -13.77
CA PRO C 209 -2.51 -6.22 -14.85
C PRO C 209 -3.46 -5.11 -15.26
N GLY C 210 -3.92 -5.16 -16.51
CA GLY C 210 -4.84 -4.15 -16.99
C GLY C 210 -4.60 -3.87 -18.47
N PRO C 211 -5.36 -2.94 -19.07
CA PRO C 211 -5.19 -2.60 -20.49
C PRO C 211 -3.77 -2.27 -20.91
N GLN C 212 -3.00 -1.65 -20.02
CA GLN C 212 -1.62 -1.27 -20.35
C GLN C 212 -0.80 -2.48 -20.77
N GLN C 213 -1.05 -3.63 -20.13
CA GLN C 213 -0.32 -4.85 -20.46
C GLN C 213 -0.62 -5.30 -21.88
N GLN C 214 -1.86 -5.13 -22.33
CA GLN C 214 -2.19 -5.50 -23.70
C GLN C 214 -1.50 -4.52 -24.64
N ALA C 215 -1.45 -3.25 -24.25
CA ALA C 215 -0.79 -2.25 -25.08
C ALA C 215 0.68 -2.62 -25.27
N PHE C 216 1.34 -3.06 -24.19
CA PHE C 216 2.74 -3.44 -24.26
C PHE C 216 2.91 -4.59 -25.25
N GLN C 217 2.00 -5.56 -25.19
CA GLN C 217 2.05 -6.69 -26.10
C GLN C 217 1.96 -6.20 -27.55
N LEU C 218 1.15 -5.17 -27.79
CA LEU C 218 1.01 -4.65 -29.14
C LEU C 218 2.32 -4.00 -29.62
N LEU C 219 2.93 -3.20 -28.74
CA LEU C 219 4.19 -2.55 -29.06
C LEU C 219 5.24 -3.62 -29.32
N GLN C 220 5.18 -4.67 -28.52
CA GLN C 220 6.12 -5.79 -28.61
C GLN C 220 6.00 -6.43 -30.00
N GLY C 221 4.76 -6.64 -30.45
CA GLY C 221 4.52 -7.22 -31.76
C GLY C 221 5.06 -6.35 -32.88
N LEU C 222 4.91 -5.03 -32.75
CA LEU C 222 5.40 -4.12 -33.77
C LEU C 222 6.92 -4.18 -33.78
N GLU C 223 7.52 -4.14 -32.60
CA GLU C 223 8.97 -4.21 -32.47
C GLU C 223 9.53 -5.50 -33.09
N ASP C 224 8.86 -6.61 -32.84
CA ASP C 224 9.31 -7.89 -33.38
C ASP C 224 9.30 -7.89 -34.89
N PHE C 225 8.24 -7.34 -35.48
CA PHE C 225 8.12 -7.28 -36.93
C PHE C 225 9.29 -6.45 -37.51
N ILE C 226 9.52 -5.27 -36.95
CA ILE C 226 10.62 -4.43 -37.42
C ILE C 226 11.95 -5.18 -37.27
N ALA C 227 12.17 -5.74 -36.10
CA ALA C 227 13.40 -6.48 -35.83
C ALA C 227 13.62 -7.55 -36.90
N LYS C 228 12.57 -8.30 -37.22
CA LYS C 228 12.67 -9.34 -38.25
C LYS C 228 13.02 -8.76 -39.61
N LYS C 229 12.33 -7.68 -40.01
CA LYS C 229 12.59 -7.05 -41.30
C LYS C 229 14.04 -6.57 -41.38
N VAL C 230 14.53 -6.01 -40.28
CA VAL C 230 15.90 -5.52 -40.22
C VAL C 230 16.86 -6.71 -40.37
N GLU C 231 16.56 -7.79 -39.66
CA GLU C 231 17.38 -8.98 -39.73
C GLU C 231 17.42 -9.54 -41.16
N HIS C 232 16.29 -9.43 -41.86
CA HIS C 232 16.23 -9.92 -43.23
C HIS C 232 17.05 -9.04 -44.19
N ASN C 233 16.95 -7.73 -44.03
CA ASN C 233 17.70 -6.82 -44.87
C ASN C 233 19.21 -7.03 -44.70
N GLN C 234 19.65 -7.25 -43.47
CA GLN C 234 21.06 -7.47 -43.15
C GLN C 234 21.64 -8.66 -43.92
N ARG C 235 20.92 -9.76 -43.90
CA ARG C 235 21.34 -10.99 -44.56
C ARG C 235 21.31 -10.90 -46.08
N THR C 236 20.71 -9.84 -46.60
CA THR C 236 20.60 -9.67 -48.05
C THR C 236 21.09 -8.31 -48.56
N LEU C 237 21.75 -7.56 -47.70
CA LEU C 237 22.24 -6.22 -48.05
C LEU C 237 23.27 -6.11 -49.18
N ASP C 238 23.13 -5.08 -50.00
CA ASP C 238 24.06 -4.78 -51.08
C ASP C 238 24.56 -3.38 -50.74
N PRO C 239 25.77 -3.26 -50.19
CA PRO C 239 26.38 -1.98 -49.80
C PRO C 239 26.36 -0.93 -50.91
N ASN C 240 26.37 -1.38 -52.15
CA ASN C 240 26.40 -0.47 -53.30
C ASN C 240 25.02 0.01 -53.74
N SER C 241 23.96 -0.66 -53.28
CA SER C 241 22.63 -0.26 -53.68
C SER C 241 21.57 -0.46 -52.59
N PRO C 242 21.33 0.56 -51.77
CA PRO C 242 20.33 0.42 -50.72
C PRO C 242 18.93 0.30 -51.32
N ARG C 243 18.15 -0.66 -50.83
CA ARG C 243 16.79 -0.87 -51.32
C ARG C 243 15.80 0.00 -50.58
N ASP C 244 16.14 0.36 -49.35
CA ASP C 244 15.24 1.15 -48.51
C ASP C 244 15.95 1.86 -47.37
N PHE C 245 15.16 2.47 -46.50
CA PHE C 245 15.66 3.20 -45.34
C PHE C 245 16.53 2.29 -44.46
N ILE C 246 16.05 1.07 -44.20
CA ILE C 246 16.78 0.12 -43.37
C ILE C 246 18.18 -0.12 -43.95
N ASP C 247 18.28 -0.33 -45.26
CA ASP C 247 19.58 -0.55 -45.92
C ASP C 247 20.51 0.66 -45.76
N SER C 248 19.99 1.84 -46.07
CA SER C 248 20.79 3.05 -45.95
C SER C 248 21.34 3.16 -44.53
N PHE C 249 20.52 2.88 -43.53
CA PHE C 249 20.96 2.97 -42.14
C PHE C 249 22.02 1.90 -41.87
N LEU C 250 21.78 0.68 -42.37
CA LEU C 250 22.75 -0.41 -42.19
C LEU C 250 24.09 -0.02 -42.81
N ILE C 251 24.05 0.61 -43.99
CA ILE C 251 25.27 1.04 -44.66
C ILE C 251 25.97 2.10 -43.81
N ARG C 252 25.19 3.00 -43.23
CA ARG C 252 25.75 4.05 -42.39
C ARG C 252 26.42 3.41 -41.17
N MET C 253 25.77 2.38 -40.62
CA MET C 253 26.30 1.67 -39.47
C MET C 253 27.69 1.08 -39.76
N GLN C 254 27.91 0.63 -41.00
CA GLN C 254 29.20 0.06 -41.38
C GLN C 254 30.26 1.17 -41.43
N GLU C 255 29.92 2.25 -42.11
CA GLU C 255 30.81 3.41 -42.26
C GLU C 255 31.12 4.04 -40.91
N GLU C 256 30.28 3.77 -39.92
CA GLU C 256 30.43 4.34 -38.58
C GLU C 256 31.10 3.41 -37.57
N GLU C 257 31.46 2.21 -38.00
CA GLU C 257 32.10 1.25 -37.11
C GLU C 257 33.38 1.77 -36.48
N LYS C 258 34.04 2.70 -37.15
CA LYS C 258 35.28 3.27 -36.63
C LYS C 258 35.00 4.40 -35.63
N ASN C 259 33.76 4.88 -35.60
CA ASN C 259 33.40 5.95 -34.69
C ASN C 259 32.95 5.37 -33.33
N PRO C 260 33.79 5.53 -32.30
CA PRO C 260 33.55 5.05 -30.93
C PRO C 260 32.28 5.60 -30.28
N ASN C 261 31.88 6.81 -30.67
CA ASN C 261 30.70 7.45 -30.10
C ASN C 261 29.54 7.52 -31.10
N THR C 262 29.57 6.70 -32.13
CA THR C 262 28.51 6.73 -33.13
C THR C 262 27.13 6.43 -32.55
N GLU C 263 26.11 7.06 -33.11
CA GLU C 263 24.75 6.86 -32.67
C GLU C 263 24.08 5.87 -33.61
N PHE C 264 24.81 5.49 -34.65
CA PHE C 264 24.29 4.57 -35.65
C PHE C 264 24.60 3.11 -35.34
N TYR C 265 23.74 2.50 -34.55
CA TYR C 265 23.87 1.10 -34.18
C TYR C 265 22.49 0.45 -34.22
N LEU C 266 22.45 -0.87 -34.16
CA LEU C 266 21.19 -1.63 -34.24
C LEU C 266 19.97 -1.09 -33.49
N LYS C 267 20.12 -0.85 -32.19
CA LYS C 267 18.99 -0.38 -31.38
C LYS C 267 18.34 0.87 -31.98
N ASN C 268 19.14 1.86 -32.35
CA ASN C 268 18.58 3.06 -32.93
C ASN C 268 17.99 2.82 -34.33
N LEU C 269 18.43 1.77 -35.00
CA LEU C 269 17.90 1.46 -36.32
C LEU C 269 16.47 0.92 -36.17
N VAL C 270 16.31 -0.07 -35.30
CA VAL C 270 15.02 -0.69 -35.06
C VAL C 270 13.99 0.34 -34.57
N MET C 271 14.37 1.12 -33.57
CA MET C 271 13.47 2.13 -33.00
C MET C 271 13.15 3.28 -33.95
N THR C 272 14.13 3.74 -34.72
CA THR C 272 13.87 4.83 -35.65
C THR C 272 12.94 4.28 -36.74
N THR C 273 13.24 3.07 -37.21
CA THR C 273 12.44 2.44 -38.25
C THR C 273 11.01 2.25 -37.73
N LEU C 274 10.88 1.82 -36.49
CA LEU C 274 9.56 1.63 -35.91
C LEU C 274 8.85 2.99 -35.81
N ASN C 275 9.59 4.04 -35.45
CA ASN C 275 9.03 5.40 -35.34
C ASN C 275 8.38 5.83 -36.66
N LEU C 276 9.10 5.67 -37.76
CA LEU C 276 8.59 6.08 -39.06
C LEU C 276 7.38 5.26 -39.51
N PHE C 277 7.43 3.96 -39.29
CA PHE C 277 6.35 3.08 -39.68
C PHE C 277 5.05 3.46 -38.97
N ILE C 278 5.12 3.67 -37.65
CA ILE C 278 3.94 4.05 -36.89
C ILE C 278 3.59 5.50 -37.22
N GLY C 279 4.60 6.36 -37.21
CA GLY C 279 4.36 7.76 -37.51
C GLY C 279 3.73 7.99 -38.87
N GLY C 280 4.30 7.33 -39.88
CA GLY C 280 3.82 7.49 -41.24
C GLY C 280 2.55 6.72 -41.53
N THR C 281 1.91 6.17 -40.50
CA THR C 281 0.69 5.42 -40.71
C THR C 281 -0.54 5.95 -39.97
N GLU C 282 -0.47 5.94 -38.64
CA GLU C 282 -1.61 6.34 -37.82
C GLU C 282 -2.16 7.75 -37.87
N THR C 283 -1.31 8.78 -37.89
CA THR C 283 -1.84 10.14 -37.93
C THR C 283 -2.56 10.48 -39.23
N VAL C 284 -1.93 10.22 -40.37
CA VAL C 284 -2.58 10.52 -41.64
C VAL C 284 -3.83 9.68 -41.75
N SER C 285 -3.73 8.44 -41.31
CA SER C 285 -4.88 7.53 -41.34
C SER C 285 -6.05 8.09 -40.54
N THR C 286 -5.77 8.52 -39.31
CA THR C 286 -6.81 9.06 -38.43
C THR C 286 -7.41 10.32 -39.03
N THR C 287 -6.55 11.18 -39.59
CA THR C 287 -6.99 12.42 -40.19
C THR C 287 -7.98 12.13 -41.32
N LEU C 288 -7.61 11.20 -42.21
CA LEU C 288 -8.48 10.83 -43.31
C LEU C 288 -9.83 10.34 -42.81
N ARG C 289 -9.80 9.43 -41.83
CA ARG C 289 -11.01 8.85 -41.27
C ARG C 289 -11.92 9.93 -40.68
N TYR C 290 -11.32 10.89 -39.99
CA TYR C 290 -12.08 11.97 -39.36
C TYR C 290 -12.57 12.94 -40.43
N GLY C 291 -11.72 13.20 -41.43
CA GLY C 291 -12.07 14.09 -42.51
C GLY C 291 -13.29 13.66 -43.31
N PHE C 292 -13.43 12.36 -43.57
CA PHE C 292 -14.58 11.90 -44.30
C PHE C 292 -15.84 12.02 -43.46
N LEU C 293 -15.71 11.77 -42.15
CA LEU C 293 -16.85 11.90 -41.26
C LEU C 293 -17.33 13.35 -41.26
N LEU C 294 -16.38 14.28 -41.16
CA LEU C 294 -16.71 15.70 -41.17
C LEU C 294 -17.33 16.10 -42.51
N LEU C 295 -16.85 15.53 -43.60
CA LEU C 295 -17.39 15.85 -44.92
C LEU C 295 -18.82 15.36 -45.06
N MET C 296 -19.17 14.23 -44.44
CA MET C 296 -20.53 13.73 -44.53
C MET C 296 -21.44 14.56 -43.61
N LYS C 297 -20.82 15.21 -42.62
CA LYS C 297 -21.54 16.04 -41.67
C LYS C 297 -21.87 17.38 -42.30
N HIS C 298 -21.03 17.84 -43.22
CA HIS C 298 -21.23 19.11 -43.91
C HIS C 298 -21.25 18.97 -45.44
N PRO C 299 -22.33 18.40 -45.98
CA PRO C 299 -22.48 18.19 -47.43
C PRO C 299 -22.19 19.43 -48.26
N GLU C 300 -22.59 20.61 -47.78
CA GLU C 300 -22.35 21.84 -48.54
C GLU C 300 -20.87 21.95 -48.87
N VAL C 301 -20.02 21.43 -47.98
CA VAL C 301 -18.58 21.46 -48.21
C VAL C 301 -18.18 20.39 -49.23
N GLU C 302 -18.72 19.18 -49.11
CA GLU C 302 -18.40 18.13 -50.07
C GLU C 302 -18.80 18.53 -51.48
N ALA C 303 -19.84 19.36 -51.60
CA ALA C 303 -20.31 19.79 -52.91
C ALA C 303 -19.36 20.80 -53.52
N LYS C 304 -18.89 21.75 -52.71
CA LYS C 304 -17.97 22.77 -53.21
C LYS C 304 -16.64 22.13 -53.56
N VAL C 305 -16.34 21.00 -52.91
CA VAL C 305 -15.09 20.31 -53.19
C VAL C 305 -15.20 19.64 -54.55
N HIS C 306 -16.32 18.95 -54.79
CA HIS C 306 -16.55 18.31 -56.07
C HIS C 306 -16.46 19.35 -57.18
N GLU C 307 -17.02 20.52 -56.91
CA GLU C 307 -17.01 21.62 -57.86
C GLU C 307 -15.59 21.93 -58.31
N GLU C 308 -14.73 22.21 -57.34
CA GLU C 308 -13.34 22.56 -57.61
C GLU C 308 -12.53 21.43 -58.25
N ILE C 309 -12.78 20.19 -57.84
CA ILE C 309 -12.06 19.05 -58.42
C ILE C 309 -12.47 18.91 -59.89
N ASP C 310 -13.77 18.91 -60.13
CA ASP C 310 -14.33 18.79 -61.47
C ASP C 310 -13.83 19.90 -62.38
N ARG C 311 -13.90 21.14 -61.90
CA ARG C 311 -13.47 22.28 -62.68
C ARG C 311 -11.96 22.43 -62.86
N VAL C 312 -11.19 21.87 -61.93
CA VAL C 312 -9.73 21.99 -62.00
C VAL C 312 -9.00 20.74 -62.46
N ILE C 313 -9.50 19.57 -62.06
CA ILE C 313 -8.84 18.32 -62.42
C ILE C 313 -9.62 17.46 -63.42
N GLY C 314 -10.94 17.41 -63.27
CA GLY C 314 -11.73 16.61 -64.18
C GLY C 314 -11.83 15.18 -63.66
N LYS C 315 -12.26 14.27 -64.52
CA LYS C 315 -12.41 12.87 -64.12
C LYS C 315 -11.57 11.88 -64.93
N ASN C 316 -10.77 12.37 -65.87
CA ASN C 316 -9.96 11.48 -66.69
C ASN C 316 -8.46 11.56 -66.41
N ARG C 317 -8.10 12.28 -65.35
CA ARG C 317 -6.70 12.44 -64.98
C ARG C 317 -6.59 12.23 -63.48
N GLN C 318 -5.48 11.64 -63.04
CA GLN C 318 -5.29 11.42 -61.61
C GLN C 318 -4.77 12.72 -61.00
N PRO C 319 -5.27 13.09 -59.82
CA PRO C 319 -4.82 14.33 -59.17
C PRO C 319 -3.32 14.28 -58.94
N LYS C 320 -2.68 15.45 -59.01
CA LYS C 320 -1.25 15.54 -58.78
C LYS C 320 -1.01 16.64 -57.75
N PHE C 321 0.12 16.56 -57.04
CA PHE C 321 0.41 17.54 -56.01
C PHE C 321 0.32 18.99 -56.47
N GLU C 322 0.85 19.27 -57.66
CA GLU C 322 0.80 20.62 -58.22
C GLU C 322 -0.61 21.21 -58.26
N ASP C 323 -1.61 20.36 -58.46
CA ASP C 323 -2.99 20.84 -58.54
C ASP C 323 -3.45 21.65 -57.32
N ARG C 324 -2.84 21.42 -56.16
CA ARG C 324 -3.25 22.15 -54.96
C ARG C 324 -3.06 23.65 -55.14
N ALA C 325 -2.16 24.03 -56.06
CA ALA C 325 -1.90 25.44 -56.32
C ALA C 325 -3.12 26.15 -56.91
N LYS C 326 -4.04 25.40 -57.50
CA LYS C 326 -5.24 25.99 -58.09
C LYS C 326 -6.51 25.49 -57.39
N MET C 327 -6.33 24.92 -56.19
CA MET C 327 -7.45 24.40 -55.44
C MET C 327 -7.43 24.93 -54.00
N PRO C 328 -7.65 26.24 -53.83
CA PRO C 328 -7.65 26.88 -52.51
C PRO C 328 -8.72 26.35 -51.57
N TYR C 329 -9.88 26.01 -52.12
CA TYR C 329 -10.96 25.51 -51.27
C TYR C 329 -10.61 24.13 -50.70
N MET C 330 -10.07 23.27 -51.57
CA MET C 330 -9.66 21.94 -51.14
C MET C 330 -8.57 22.12 -50.09
N GLU C 331 -7.67 23.07 -50.35
CA GLU C 331 -6.58 23.38 -49.45
C GLU C 331 -7.14 23.77 -48.09
N ALA C 332 -8.15 24.61 -48.09
CA ALA C 332 -8.78 25.08 -46.86
C ALA C 332 -9.53 23.97 -46.14
N VAL C 333 -10.20 23.11 -46.89
CA VAL C 333 -10.94 22.01 -46.29
C VAL C 333 -9.99 21.03 -45.57
N ILE C 334 -8.80 20.83 -46.14
CA ILE C 334 -7.83 19.92 -45.55
C ILE C 334 -7.21 20.53 -44.29
N HIS C 335 -7.00 21.85 -44.32
CA HIS C 335 -6.45 22.53 -43.15
C HIS C 335 -7.46 22.54 -42.01
N GLU C 336 -8.73 22.71 -42.34
CA GLU C 336 -9.80 22.73 -41.34
C GLU C 336 -10.04 21.31 -40.81
N ILE C 337 -9.74 20.31 -41.62
CA ILE C 337 -9.90 18.94 -41.18
C ILE C 337 -8.84 18.70 -40.10
N GLN C 338 -7.61 19.13 -40.38
CA GLN C 338 -6.51 18.97 -39.43
C GLN C 338 -6.69 19.84 -38.19
N ARG C 339 -7.19 21.06 -38.38
CA ARG C 339 -7.40 21.97 -37.26
C ARG C 339 -8.49 21.42 -36.35
N PHE C 340 -9.59 20.97 -36.96
CA PHE C 340 -10.71 20.42 -36.21
C PHE C 340 -10.32 19.07 -35.61
N GLY C 341 -9.69 18.23 -36.43
CA GLY C 341 -9.28 16.91 -36.01
C GLY C 341 -8.41 16.91 -34.77
N ASP C 342 -7.46 17.85 -34.72
CA ASP C 342 -6.56 17.98 -33.57
C ASP C 342 -6.05 16.60 -33.13
N VAL C 343 -5.51 15.86 -34.10
CA VAL C 343 -5.02 14.49 -33.88
C VAL C 343 -4.07 14.23 -32.71
N ILE C 344 -3.11 15.11 -32.47
CA ILE C 344 -2.17 15.01 -31.35
C ILE C 344 -2.40 16.31 -30.57
N PRO C 345 -3.43 16.34 -29.71
CA PRO C 345 -3.82 17.49 -28.90
C PRO C 345 -2.82 18.11 -27.94
N MET C 346 -1.93 17.28 -27.39
CA MET C 346 -0.94 17.81 -26.47
C MET C 346 0.47 17.62 -27.03
N SER C 347 0.55 17.38 -28.34
CA SER C 347 1.82 17.18 -29.03
C SER C 347 2.57 16.04 -28.35
N LEU C 348 3.86 15.97 -28.60
CA LEU C 348 4.73 15.01 -27.93
C LEU C 348 5.48 15.94 -26.97
N ALA C 349 5.58 15.54 -25.71
CA ALA C 349 6.24 16.37 -24.71
C ALA C 349 7.64 16.87 -25.07
N ARG C 350 7.90 18.11 -24.71
CA ARG C 350 9.20 18.73 -24.90
C ARG C 350 9.87 18.73 -23.52
N ARG C 351 11.07 19.28 -23.43
CA ARG C 351 11.82 19.33 -22.18
C ARG C 351 12.80 20.50 -22.30
N VAL C 352 12.96 21.29 -21.24
CA VAL C 352 13.91 22.39 -21.36
C VAL C 352 15.34 21.90 -21.21
N LYS C 353 16.19 22.34 -22.13
CA LYS C 353 17.60 21.98 -22.19
C LYS C 353 18.37 22.31 -20.91
N LYS C 354 18.21 23.54 -20.43
CA LYS C 354 18.90 23.99 -19.22
C LYS C 354 17.96 24.88 -18.42
N ASP C 355 18.46 25.39 -17.29
CA ASP C 355 17.68 26.29 -16.46
C ASP C 355 17.23 27.38 -17.42
N THR C 356 15.93 27.63 -17.46
CA THR C 356 15.41 28.63 -18.38
C THR C 356 14.48 29.65 -17.74
N LYS C 357 14.50 30.86 -18.27
CA LYS C 357 13.61 31.92 -17.80
C LYS C 357 12.58 32.06 -18.89
N PHE C 358 11.31 31.85 -18.55
CA PHE C 358 10.24 31.97 -19.53
C PHE C 358 9.19 32.85 -18.90
N ARG C 359 8.97 34.00 -19.52
CA ARG C 359 8.04 34.99 -19.01
C ARG C 359 8.51 35.33 -17.59
N ASP C 360 7.62 35.27 -16.60
CA ASP C 360 8.08 35.61 -15.25
C ASP C 360 8.50 34.38 -14.46
N PHE C 361 8.70 33.26 -15.16
CA PHE C 361 9.02 32.02 -14.49
C PHE C 361 10.40 31.43 -14.75
N PHE C 362 10.80 30.55 -13.84
CA PHE C 362 12.07 29.86 -13.91
C PHE C 362 11.79 28.37 -14.13
N LEU C 363 12.31 27.82 -15.23
CA LEU C 363 12.11 26.41 -15.52
C LEU C 363 13.45 25.68 -15.38
N PRO C 364 13.57 24.82 -14.36
CA PRO C 364 14.80 24.07 -14.11
C PRO C 364 15.11 23.11 -15.26
N LYS C 365 16.39 22.94 -15.53
CA LYS C 365 16.85 22.02 -16.56
C LYS C 365 16.12 20.69 -16.44
N GLY C 366 15.67 20.15 -17.57
CA GLY C 366 14.97 18.89 -17.56
C GLY C 366 13.47 18.93 -17.34
N THR C 367 12.92 20.11 -17.08
CA THR C 367 11.49 20.22 -16.86
C THR C 367 10.72 19.83 -18.12
N GLU C 368 9.78 18.89 -17.98
CA GLU C 368 8.97 18.46 -19.10
C GLU C 368 7.94 19.53 -19.41
N VAL C 369 7.60 19.65 -20.69
CA VAL C 369 6.65 20.67 -21.13
C VAL C 369 5.61 20.09 -22.07
N TYR C 370 4.34 20.44 -21.81
CA TYR C 370 3.21 20.00 -22.62
C TYR C 370 2.70 21.15 -23.47
N PRO C 371 3.04 21.16 -24.78
CA PRO C 371 2.55 22.25 -25.64
C PRO C 371 1.14 21.85 -26.08
N MET C 372 0.12 22.58 -25.62
CA MET C 372 -1.25 22.24 -25.97
C MET C 372 -1.68 22.68 -27.36
N LEU C 373 -1.16 22.00 -28.37
CA LEU C 373 -1.46 22.29 -29.76
C LEU C 373 -2.96 22.49 -30.01
N GLY C 374 -3.77 21.64 -29.38
CA GLY C 374 -5.21 21.76 -29.56
C GLY C 374 -5.72 23.13 -29.12
N SER C 375 -5.12 23.69 -28.07
CA SER C 375 -5.54 24.99 -27.58
C SER C 375 -5.16 26.06 -28.59
N VAL C 376 -4.18 25.76 -29.44
CA VAL C 376 -3.77 26.71 -30.46
C VAL C 376 -4.70 26.56 -31.65
N LEU C 377 -4.97 25.32 -32.03
CA LEU C 377 -5.85 25.03 -33.16
C LEU C 377 -7.27 25.57 -32.93
N ARG C 378 -7.59 25.91 -31.68
CA ARG C 378 -8.91 26.45 -31.35
C ARG C 378 -8.78 27.83 -30.69
N ASP C 379 -7.61 28.44 -30.82
CA ASP C 379 -7.39 29.75 -30.22
C ASP C 379 -8.36 30.78 -30.80
N PRO C 380 -9.33 31.24 -29.99
CA PRO C 380 -10.33 32.22 -30.41
C PRO C 380 -9.80 33.49 -31.08
N SER C 381 -8.61 33.94 -30.72
CA SER C 381 -8.11 35.14 -31.37
C SER C 381 -7.47 34.88 -32.73
N PHE C 382 -7.57 33.64 -33.22
CA PHE C 382 -7.05 33.30 -34.55
C PHE C 382 -8.10 32.68 -35.45
N PHE C 383 -9.14 32.10 -34.87
CA PHE C 383 -10.22 31.51 -35.64
C PHE C 383 -11.55 32.01 -35.06
N SER C 384 -12.38 32.61 -35.91
CA SER C 384 -13.66 33.17 -35.47
C SER C 384 -14.58 32.19 -34.76
N ASN C 385 -14.79 31.02 -35.36
CA ASN C 385 -15.65 30.01 -34.73
C ASN C 385 -14.85 28.73 -34.55
N PRO C 386 -13.85 28.76 -33.65
CA PRO C 386 -12.96 27.63 -33.35
C PRO C 386 -13.62 26.27 -33.10
N GLN C 387 -14.88 26.27 -32.66
CA GLN C 387 -15.58 25.01 -32.38
C GLN C 387 -16.34 24.42 -33.58
N ASP C 388 -16.47 25.20 -34.66
CA ASP C 388 -17.18 24.70 -35.84
C ASP C 388 -16.21 24.22 -36.90
N PHE C 389 -16.69 23.34 -37.76
CA PHE C 389 -15.87 22.86 -38.87
C PHE C 389 -16.24 23.85 -39.97
N ASN C 390 -15.31 24.72 -40.34
CA ASN C 390 -15.61 25.70 -41.38
C ASN C 390 -14.38 26.04 -42.19
N PRO C 391 -14.32 25.57 -43.44
CA PRO C 391 -13.17 25.87 -44.29
C PRO C 391 -12.87 27.37 -44.39
N GLN C 392 -13.88 28.20 -44.15
CA GLN C 392 -13.71 29.66 -44.20
C GLN C 392 -12.53 30.11 -43.34
N HIS C 393 -12.21 29.31 -42.32
CA HIS C 393 -11.10 29.62 -41.42
C HIS C 393 -9.77 29.84 -42.14
N PHE C 394 -9.62 29.21 -43.30
CA PHE C 394 -8.38 29.34 -44.08
C PHE C 394 -8.63 29.93 -45.46
N LEU C 395 -9.71 30.71 -45.56
CA LEU C 395 -10.09 31.33 -46.82
C LEU C 395 -10.09 32.85 -46.79
N ASN C 396 -9.59 33.43 -47.87
CA ASN C 396 -9.49 34.88 -48.07
C ASN C 396 -10.88 35.43 -48.38
N GLU C 397 -10.99 36.75 -48.48
CA GLU C 397 -12.27 37.38 -48.82
C GLU C 397 -12.46 37.17 -50.31
N LYS C 398 -11.34 37.02 -51.01
CA LYS C 398 -11.32 36.79 -52.45
C LYS C 398 -11.43 35.30 -52.73
N GLY C 399 -11.55 34.50 -51.67
CA GLY C 399 -11.66 33.07 -51.84
C GLY C 399 -10.29 32.40 -51.97
N GLN C 400 -9.24 33.17 -51.69
CA GLN C 400 -7.88 32.66 -51.76
C GLN C 400 -7.53 31.96 -50.45
N PHE C 401 -6.58 31.02 -50.50
CA PHE C 401 -6.18 30.33 -49.29
C PHE C 401 -5.42 31.26 -48.37
N LYS C 402 -5.77 31.24 -47.09
CA LYS C 402 -5.10 32.11 -46.12
C LYS C 402 -4.45 31.31 -44.98
N LYS C 403 -3.13 31.41 -44.89
CA LYS C 403 -2.37 30.73 -43.85
C LYS C 403 -2.69 31.33 -42.49
N SER C 404 -2.32 30.61 -41.44
CA SER C 404 -2.54 31.06 -40.08
C SER C 404 -1.41 30.57 -39.18
N ASP C 405 -0.89 31.46 -38.35
CA ASP C 405 0.18 31.13 -37.42
C ASP C 405 -0.30 30.18 -36.35
N ALA C 406 -1.62 30.02 -36.24
CA ALA C 406 -2.19 29.13 -35.26
C ALA C 406 -2.41 27.72 -35.81
N PHE C 407 -1.99 27.49 -37.06
CA PHE C 407 -2.13 26.17 -37.67
C PHE C 407 -0.86 25.39 -37.33
N VAL C 408 -0.91 24.63 -36.26
CA VAL C 408 0.25 23.88 -35.80
C VAL C 408 0.02 22.40 -35.47
N PRO C 409 -0.72 21.68 -36.33
CA PRO C 409 -0.99 20.26 -36.07
C PRO C 409 0.28 19.42 -36.12
N PHE C 410 1.33 19.99 -36.69
CA PHE C 410 2.63 19.32 -36.80
C PHE C 410 3.60 19.96 -35.79
N SER C 411 3.05 20.80 -34.92
CA SER C 411 3.82 21.52 -33.92
C SER C 411 4.80 22.48 -34.60
N ILE C 412 5.70 23.08 -33.82
CA ILE C 412 6.68 24.05 -34.33
C ILE C 412 7.97 23.94 -33.53
N GLY C 413 9.02 24.60 -33.99
CA GLY C 413 10.27 24.53 -33.27
C GLY C 413 11.24 23.48 -33.79
N LYS C 414 12.36 23.34 -33.08
CA LYS C 414 13.44 22.42 -33.42
C LYS C 414 13.13 20.93 -33.53
N ARG C 415 12.13 20.45 -32.79
CA ARG C 415 11.77 19.04 -32.85
C ARG C 415 10.42 18.81 -33.50
N ASN C 416 10.02 19.75 -34.36
CA ASN C 416 8.74 19.65 -35.06
C ASN C 416 8.71 18.44 -35.97
N CYS C 417 7.51 18.06 -36.40
CA CYS C 417 7.36 16.90 -37.26
C CYS C 417 8.10 17.06 -38.59
N PHE C 418 9.07 16.18 -38.86
CA PHE C 418 9.77 16.29 -40.15
C PHE C 418 9.08 15.37 -41.15
N GLY C 419 7.91 14.89 -40.77
CA GLY C 419 7.11 14.06 -41.64
C GLY C 419 6.00 14.89 -42.26
N GLU C 420 5.98 16.18 -41.96
CA GLU C 420 4.95 17.08 -42.48
C GLU C 420 4.85 17.08 -44.00
N GLY C 421 6.00 17.13 -44.67
CA GLY C 421 5.99 17.13 -46.13
C GLY C 421 5.25 15.95 -46.70
N LEU C 422 5.61 14.75 -46.26
CA LEU C 422 4.95 13.53 -46.75
C LEU C 422 3.48 13.45 -46.37
N ALA C 423 3.14 13.89 -45.16
CA ALA C 423 1.76 13.85 -44.70
C ALA C 423 0.83 14.76 -45.51
N ARG C 424 1.28 15.98 -45.80
CA ARG C 424 0.47 16.92 -46.56
C ARG C 424 0.28 16.42 -47.99
N MET C 425 1.37 16.00 -48.63
CA MET C 425 1.26 15.48 -50.00
C MET C 425 0.26 14.33 -49.96
N GLU C 426 0.37 13.48 -48.94
CA GLU C 426 -0.54 12.34 -48.79
C GLU C 426 -1.99 12.75 -48.55
N LEU C 427 -2.21 13.73 -47.67
CA LEU C 427 -3.57 14.19 -47.39
C LEU C 427 -4.22 14.75 -48.65
N PHE C 428 -3.51 15.61 -49.36
CA PHE C 428 -4.04 16.20 -50.58
C PHE C 428 -4.39 15.15 -51.63
N LEU C 429 -3.43 14.31 -51.99
CA LEU C 429 -3.67 13.29 -53.01
C LEU C 429 -4.76 12.28 -52.65
N PHE C 430 -4.75 11.78 -51.42
CA PHE C 430 -5.78 10.82 -51.03
C PHE C 430 -7.17 11.42 -50.92
N PHE C 431 -7.28 12.62 -50.33
CA PHE C 431 -8.58 13.26 -50.19
C PHE C 431 -9.14 13.59 -51.58
N THR C 432 -8.33 14.25 -52.41
CA THR C 432 -8.76 14.62 -53.76
C THR C 432 -9.09 13.43 -54.63
N THR C 433 -8.21 12.44 -54.64
CA THR C 433 -8.42 11.25 -55.46
C THR C 433 -9.67 10.50 -55.06
N VAL C 434 -9.95 10.42 -53.77
CA VAL C 434 -11.16 9.73 -53.33
C VAL C 434 -12.40 10.56 -53.65
N MET C 435 -12.31 11.87 -53.41
CA MET C 435 -13.45 12.76 -53.68
C MET C 435 -13.74 12.86 -55.17
N GLN C 436 -12.70 12.69 -55.99
CA GLN C 436 -12.83 12.75 -57.44
C GLN C 436 -13.62 11.55 -57.96
N ASN C 437 -13.42 10.39 -57.34
CA ASN C 437 -14.09 9.17 -57.78
C ASN C 437 -15.35 8.75 -57.03
N PHE C 438 -15.59 9.34 -55.87
CA PHE C 438 -16.78 8.98 -55.10
C PHE C 438 -17.41 10.15 -54.37
N ARG C 439 -18.65 9.94 -53.94
CA ARG C 439 -19.35 10.92 -53.14
C ARG C 439 -19.67 10.11 -51.90
N LEU C 440 -19.62 10.75 -50.74
CA LEU C 440 -19.84 10.05 -49.48
C LEU C 440 -21.28 9.90 -49.03
N LYS C 441 -21.65 8.68 -48.64
CA LYS C 441 -23.00 8.44 -48.15
C LYS C 441 -22.91 7.97 -46.70
N SER C 442 -23.35 8.81 -45.77
CA SER C 442 -23.31 8.46 -44.36
C SER C 442 -24.39 7.44 -44.06
N SER C 443 -24.26 6.75 -42.93
CA SER C 443 -25.25 5.76 -42.55
C SER C 443 -26.34 6.40 -41.68
N GLN C 444 -26.19 7.69 -41.40
CA GLN C 444 -27.17 8.43 -40.62
C GLN C 444 -27.41 9.74 -41.35
N SER C 445 -28.36 10.54 -40.87
CA SER C 445 -28.62 11.83 -41.49
C SER C 445 -27.58 12.77 -40.93
N PRO C 446 -27.04 13.67 -41.76
CA PRO C 446 -26.02 14.62 -41.32
C PRO C 446 -26.23 15.16 -39.91
N LYS C 447 -27.46 15.55 -39.61
CA LYS C 447 -27.79 16.10 -38.29
C LYS C 447 -27.57 15.13 -37.14
N ASP C 448 -27.68 13.83 -37.40
CA ASP C 448 -27.49 12.85 -36.34
C ASP C 448 -26.07 12.30 -36.26
N ILE C 449 -25.19 12.76 -37.14
CA ILE C 449 -23.79 12.32 -37.15
C ILE C 449 -23.05 12.97 -35.98
N ASP C 450 -22.44 12.15 -35.13
CA ASP C 450 -21.71 12.65 -33.98
C ASP C 450 -20.22 12.79 -34.27
N VAL C 451 -19.76 14.02 -34.47
CA VAL C 451 -18.35 14.23 -34.76
C VAL C 451 -17.52 14.56 -33.52
N SER C 452 -18.08 14.32 -32.33
CA SER C 452 -17.31 14.57 -31.11
C SER C 452 -16.43 13.34 -30.98
N PRO C 453 -15.20 13.50 -30.46
CA PRO C 453 -14.33 12.33 -30.33
C PRO C 453 -14.75 11.21 -29.39
N LYS C 454 -14.30 10.01 -29.72
CA LYS C 454 -14.57 8.82 -28.93
C LYS C 454 -13.61 8.83 -27.73
N HIS C 455 -12.37 9.20 -28.00
CA HIS C 455 -11.34 9.27 -26.96
C HIS C 455 -10.45 10.46 -27.23
N VAL C 456 -9.91 11.03 -26.15
CA VAL C 456 -8.97 12.12 -26.26
C VAL C 456 -7.96 11.96 -25.14
N GLY C 457 -6.70 11.78 -25.52
CA GLY C 457 -5.61 11.63 -24.57
C GLY C 457 -4.38 12.00 -25.36
N PHE C 458 -3.49 11.04 -25.61
CA PHE C 458 -2.33 11.33 -26.42
C PHE C 458 -2.80 11.75 -27.81
N ALA C 459 -3.92 11.17 -28.25
CA ALA C 459 -4.48 11.47 -29.56
C ALA C 459 -5.97 11.75 -29.45
N THR C 460 -6.57 12.18 -30.56
CA THR C 460 -7.99 12.44 -30.61
C THR C 460 -8.51 11.37 -31.57
N ILE C 461 -9.36 10.49 -31.07
CA ILE C 461 -9.90 9.40 -31.85
C ILE C 461 -11.37 9.60 -32.19
N PRO C 462 -11.72 9.58 -33.49
CA PRO C 462 -13.12 9.76 -33.87
C PRO C 462 -13.91 8.50 -33.53
N ARG C 463 -15.21 8.63 -33.35
CA ARG C 463 -16.06 7.48 -33.02
C ARG C 463 -16.07 6.49 -34.18
N ASN C 464 -16.41 5.24 -33.87
CA ASN C 464 -16.45 4.20 -34.89
C ASN C 464 -17.65 4.48 -35.80
N TYR C 465 -17.50 4.23 -37.10
CA TYR C 465 -18.60 4.47 -38.03
C TYR C 465 -18.44 3.73 -39.34
N THR C 466 -19.57 3.53 -40.01
CA THR C 466 -19.57 2.87 -41.31
C THR C 466 -20.05 3.90 -42.31
N MET C 467 -19.69 3.71 -43.57
CA MET C 467 -20.09 4.63 -44.62
C MET C 467 -20.07 3.89 -45.95
N SER C 468 -20.53 4.55 -47.01
CA SER C 468 -20.54 3.96 -48.32
C SER C 468 -19.91 4.92 -49.31
N PHE C 469 -19.19 4.38 -50.28
CA PHE C 469 -18.57 5.20 -51.30
C PHE C 469 -19.31 4.96 -52.62
N LEU C 470 -20.01 5.99 -53.08
CA LEU C 470 -20.80 5.89 -54.31
C LEU C 470 -20.10 6.47 -55.51
N PRO C 471 -19.87 5.64 -56.53
CA PRO C 471 -19.21 6.06 -57.76
C PRO C 471 -19.86 7.30 -58.34
N ARG C 472 -19.06 8.27 -58.75
CA ARG C 472 -19.58 9.48 -59.36
C ARG C 472 -19.67 9.30 -60.87
N GLY D 9 -6.20 -29.96 18.60
CA GLY D 9 -6.12 -30.63 17.26
C GLY D 9 -5.68 -29.66 16.17
N LYS D 10 -6.00 -29.98 14.93
CA LYS D 10 -5.61 -29.13 13.82
C LYS D 10 -6.84 -28.74 12.99
N LEU D 11 -6.79 -27.55 12.39
CA LEU D 11 -7.88 -27.10 11.54
C LEU D 11 -7.90 -28.00 10.33
N PRO D 12 -9.02 -28.03 9.60
CA PRO D 12 -9.09 -28.87 8.41
C PRO D 12 -8.01 -28.42 7.43
N PRO D 13 -7.56 -29.33 6.55
CA PRO D 13 -6.51 -28.95 5.58
C PRO D 13 -7.03 -27.95 4.54
N GLY D 14 -6.11 -27.35 3.81
CA GLY D 14 -6.48 -26.40 2.78
C GLY D 14 -5.28 -25.77 2.11
N PRO D 15 -5.49 -25.03 1.02
CA PRO D 15 -4.38 -24.39 0.32
C PRO D 15 -3.71 -23.36 1.22
N THR D 16 -2.39 -23.27 1.14
CA THR D 16 -1.63 -22.33 1.96
C THR D 16 -1.95 -20.89 1.57
N PRO D 17 -2.46 -20.09 2.52
CA PRO D 17 -2.79 -18.69 2.23
C PRO D 17 -1.60 -17.75 2.30
N LEU D 18 -1.82 -16.53 1.85
CA LEU D 18 -0.81 -15.48 1.90
C LEU D 18 -1.35 -14.43 2.86
N PRO D 19 -0.46 -13.73 3.59
CA PRO D 19 -0.93 -12.71 4.53
C PRO D 19 -1.94 -11.74 3.90
N PHE D 20 -3.00 -11.47 4.66
CA PHE D 20 -4.11 -10.60 4.27
C PHE D 20 -4.96 -11.07 3.08
N ILE D 21 -4.36 -11.29 1.92
CA ILE D 21 -5.15 -11.72 0.77
C ILE D 21 -5.66 -13.17 0.88
N GLY D 22 -5.18 -13.88 1.91
CA GLY D 22 -5.59 -15.26 2.13
C GLY D 22 -5.39 -16.17 0.93
N ASN D 23 -6.47 -16.82 0.50
CA ASN D 23 -6.42 -17.74 -0.65
C ASN D 23 -6.90 -17.11 -1.95
N TYR D 24 -6.74 -15.79 -2.03
CA TYR D 24 -7.11 -15.02 -3.20
C TYR D 24 -6.63 -15.69 -4.49
N LEU D 25 -5.39 -16.16 -4.51
CA LEU D 25 -4.85 -16.80 -5.70
C LEU D 25 -5.55 -18.09 -6.15
N GLN D 26 -6.23 -18.78 -5.24
CA GLN D 26 -6.93 -20.02 -5.61
C GLN D 26 -8.44 -19.77 -5.78
N LEU D 27 -8.87 -18.52 -5.71
CA LEU D 27 -10.28 -18.20 -5.83
C LEU D 27 -10.67 -17.24 -6.96
N ASN D 28 -11.67 -17.63 -7.73
CA ASN D 28 -12.18 -16.79 -8.81
C ASN D 28 -13.45 -16.21 -8.18
N THR D 29 -13.44 -14.92 -7.84
CA THR D 29 -14.61 -14.31 -7.20
C THR D 29 -15.87 -14.28 -8.08
N GLU D 30 -15.74 -14.54 -9.37
CA GLU D 30 -16.91 -14.56 -10.25
C GLU D 30 -17.57 -15.93 -10.12
N GLN D 31 -16.79 -16.93 -9.73
CA GLN D 31 -17.29 -18.30 -9.58
C GLN D 31 -16.77 -18.89 -8.27
N MET D 32 -17.21 -18.33 -7.15
CA MET D 32 -16.74 -18.81 -5.86
C MET D 32 -17.05 -20.30 -5.66
N TYR D 33 -18.24 -20.72 -6.08
CA TYR D 33 -18.65 -22.11 -5.93
C TYR D 33 -17.72 -23.05 -6.67
N ASN D 34 -17.47 -22.79 -7.96
CA ASN D 34 -16.59 -23.65 -8.72
C ASN D 34 -15.16 -23.64 -8.17
N SER D 35 -14.75 -22.50 -7.63
CA SER D 35 -13.40 -22.37 -7.05
C SER D 35 -13.31 -23.28 -5.83
N LEU D 36 -14.31 -23.19 -4.96
CA LEU D 36 -14.36 -24.01 -3.76
C LEU D 36 -14.50 -25.49 -4.09
N MET D 37 -15.19 -25.83 -5.17
CA MET D 37 -15.31 -27.25 -5.52
C MET D 37 -13.97 -27.76 -6.05
N LYS D 38 -13.24 -26.94 -6.81
CA LYS D 38 -11.95 -27.38 -7.30
C LYS D 38 -10.97 -27.56 -6.14
N ILE D 39 -11.14 -26.78 -5.08
CA ILE D 39 -10.27 -26.91 -3.94
C ILE D 39 -10.64 -28.15 -3.15
N SER D 40 -11.94 -28.46 -3.13
CA SER D 40 -12.42 -29.63 -2.40
C SER D 40 -11.91 -30.92 -3.08
N GLU D 41 -11.82 -30.90 -4.41
CA GLU D 41 -11.33 -32.05 -5.17
C GLU D 41 -9.90 -32.40 -4.78
N ARG D 42 -9.16 -31.41 -4.30
CA ARG D 42 -7.77 -31.64 -3.93
C ARG D 42 -7.55 -31.88 -2.44
N TYR D 43 -8.41 -31.30 -1.60
CA TYR D 43 -8.25 -31.44 -0.15
C TYR D 43 -9.26 -32.29 0.60
N GLY D 44 -10.45 -32.48 0.05
CA GLY D 44 -11.44 -33.26 0.76
C GLY D 44 -12.72 -32.46 0.98
N PRO D 45 -13.77 -33.09 1.54
CA PRO D 45 -15.07 -32.48 1.82
C PRO D 45 -15.10 -31.41 2.90
N VAL D 46 -14.13 -31.45 3.80
CA VAL D 46 -14.06 -30.45 4.87
C VAL D 46 -12.68 -29.81 4.81
N PHE D 47 -12.65 -28.53 4.41
CA PHE D 47 -11.38 -27.83 4.28
C PHE D 47 -11.42 -26.39 4.74
N THR D 48 -10.23 -25.84 4.97
CA THR D 48 -10.10 -24.47 5.44
C THR D 48 -9.73 -23.54 4.29
N ILE D 49 -10.40 -22.40 4.22
CA ILE D 49 -10.10 -21.43 3.19
C ILE D 49 -9.99 -20.06 3.84
N HIS D 50 -9.23 -19.17 3.23
CA HIS D 50 -9.07 -17.82 3.75
C HIS D 50 -9.62 -16.84 2.74
N LEU D 51 -10.79 -16.29 3.06
CA LEU D 51 -11.45 -15.32 2.19
C LEU D 51 -10.83 -14.02 2.69
N GLY D 52 -9.68 -13.69 2.12
CA GLY D 52 -8.96 -12.51 2.57
C GLY D 52 -8.54 -12.93 3.96
N PRO D 53 -8.66 -12.06 4.97
CA PRO D 53 -8.27 -12.44 6.33
C PRO D 53 -9.31 -13.31 7.06
N ARG D 54 -10.49 -13.48 6.48
CA ARG D 54 -11.55 -14.29 7.10
C ARG D 54 -11.27 -15.78 6.95
N ARG D 55 -11.01 -16.47 8.06
CA ARG D 55 -10.76 -17.91 7.98
C ARG D 55 -12.11 -18.60 8.05
N VAL D 56 -12.37 -19.48 7.08
CA VAL D 56 -13.63 -20.19 7.01
C VAL D 56 -13.47 -21.69 6.75
N VAL D 57 -14.26 -22.51 7.43
CA VAL D 57 -14.21 -23.94 7.20
C VAL D 57 -15.35 -24.24 6.24
N VAL D 58 -15.05 -24.89 5.12
CA VAL D 58 -16.05 -25.19 4.11
C VAL D 58 -16.50 -26.64 4.27
N LEU D 59 -17.81 -26.88 4.14
CA LEU D 59 -18.38 -28.22 4.23
C LEU D 59 -19.00 -28.57 2.87
N CYS D 60 -18.55 -29.66 2.28
CA CYS D 60 -19.07 -30.08 0.97
C CYS D 60 -19.70 -31.46 1.01
N GLY D 61 -20.77 -31.63 0.24
CA GLY D 61 -21.47 -32.90 0.17
C GLY D 61 -22.45 -33.09 1.30
N HIS D 62 -23.45 -33.94 1.07
CA HIS D 62 -24.46 -34.22 2.07
C HIS D 62 -23.94 -34.63 3.44
N ASP D 63 -23.09 -35.65 3.48
CA ASP D 63 -22.58 -36.14 4.76
C ASP D 63 -21.90 -35.09 5.64
N ALA D 64 -20.93 -34.36 5.08
CA ALA D 64 -20.25 -33.35 5.88
C ALA D 64 -21.24 -32.30 6.41
N VAL D 65 -22.15 -31.84 5.56
CA VAL D 65 -23.12 -30.84 5.99
C VAL D 65 -24.08 -31.35 7.07
N ARG D 66 -24.68 -32.51 6.87
CA ARG D 66 -25.61 -33.03 7.87
C ARG D 66 -24.87 -33.35 9.17
N GLU D 67 -23.75 -34.06 9.07
CA GLU D 67 -22.97 -34.42 10.26
C GLU D 67 -22.68 -33.19 11.12
N ALA D 68 -22.41 -32.06 10.47
CA ALA D 68 -22.13 -30.84 11.22
C ALA D 68 -23.38 -30.12 11.70
N LEU D 69 -24.23 -29.67 10.77
CA LEU D 69 -25.42 -28.91 11.15
C LEU D 69 -26.51 -29.67 11.90
N VAL D 70 -26.55 -30.99 11.74
CA VAL D 70 -27.55 -31.80 12.42
C VAL D 70 -26.95 -32.63 13.56
N ASP D 71 -26.04 -33.55 13.23
CA ASP D 71 -25.43 -34.39 14.26
C ASP D 71 -24.71 -33.58 15.34
N GLN D 72 -24.15 -32.44 14.98
CA GLN D 72 -23.51 -31.56 15.97
C GLN D 72 -24.17 -30.19 15.87
N ALA D 73 -25.50 -30.24 15.71
CA ALA D 73 -26.37 -29.08 15.57
C ALA D 73 -26.08 -27.89 16.49
N GLU D 74 -25.97 -28.17 17.79
CA GLU D 74 -25.72 -27.10 18.76
C GLU D 74 -24.39 -26.40 18.57
N GLU D 75 -23.35 -27.17 18.30
CA GLU D 75 -22.03 -26.59 18.15
C GLU D 75 -21.91 -25.71 16.90
N PHE D 76 -22.64 -26.06 15.84
CA PHE D 76 -22.62 -25.29 14.60
C PHE D 76 -23.82 -24.34 14.47
N SER D 77 -24.45 -23.98 15.59
CA SER D 77 -25.63 -23.11 15.55
C SER D 77 -25.34 -21.62 15.62
N GLY D 78 -24.06 -21.25 15.54
CA GLY D 78 -23.71 -19.84 15.56
C GLY D 78 -23.99 -19.25 14.20
N ARG D 79 -24.05 -17.93 14.14
CA ARG D 79 -24.32 -17.21 12.89
C ARG D 79 -23.07 -16.52 12.40
N GLY D 80 -22.71 -16.77 11.15
CA GLY D 80 -21.53 -16.14 10.56
C GLY D 80 -21.84 -14.78 9.96
N GLU D 81 -20.97 -14.31 9.06
CA GLU D 81 -21.15 -13.01 8.43
C GLU D 81 -21.42 -13.03 6.92
N GLN D 82 -22.08 -11.98 6.45
CA GLN D 82 -22.36 -11.76 5.04
C GLN D 82 -22.08 -10.26 5.06
N ALA D 83 -20.85 -9.93 4.70
CA ALA D 83 -20.36 -8.54 4.75
C ALA D 83 -21.24 -7.46 4.14
N THR D 84 -21.82 -7.71 2.96
CA THR D 84 -22.67 -6.69 2.36
C THR D 84 -23.86 -6.34 3.23
N PHE D 85 -24.57 -7.36 3.70
CA PHE D 85 -25.73 -7.12 4.54
C PHE D 85 -25.32 -6.57 5.89
N ASP D 86 -24.22 -7.10 6.45
CA ASP D 86 -23.77 -6.62 7.74
C ASP D 86 -23.55 -5.11 7.76
N TRP D 87 -23.27 -4.53 6.58
CA TRP D 87 -23.05 -3.09 6.46
C TRP D 87 -24.22 -2.31 7.02
N VAL D 88 -25.41 -2.89 6.94
CA VAL D 88 -26.59 -2.23 7.45
C VAL D 88 -27.13 -2.88 8.72
N PHE D 89 -27.06 -4.21 8.80
CA PHE D 89 -27.58 -4.89 9.99
C PHE D 89 -26.69 -4.80 11.23
N LYS D 90 -25.37 -4.89 11.03
CA LYS D 90 -24.41 -4.81 12.14
C LYS D 90 -24.73 -5.78 13.27
N GLY D 91 -25.19 -6.98 12.93
CA GLY D 91 -25.47 -7.96 13.96
C GLY D 91 -26.82 -7.84 14.65
N TYR D 92 -27.62 -6.85 14.26
CA TYR D 92 -28.95 -6.68 14.85
C TYR D 92 -29.95 -7.38 13.95
N GLY D 93 -31.11 -7.74 14.50
CA GLY D 93 -32.12 -8.44 13.71
C GLY D 93 -32.02 -9.93 13.95
N VAL D 94 -33.04 -10.68 13.58
CA VAL D 94 -33.06 -12.12 13.79
C VAL D 94 -32.08 -12.94 12.94
N VAL D 95 -31.87 -12.53 11.69
CA VAL D 95 -30.97 -13.27 10.82
C VAL D 95 -29.50 -13.24 11.25
N PHE D 96 -28.96 -12.06 11.50
CA PHE D 96 -27.54 -11.98 11.86
C PHE D 96 -27.20 -11.90 13.34
N SER D 97 -28.17 -12.21 14.19
CA SER D 97 -27.95 -12.16 15.62
C SER D 97 -27.37 -13.49 16.10
N ASN D 98 -26.82 -13.47 17.30
CA ASN D 98 -26.23 -14.66 17.91
C ASN D 98 -26.65 -14.72 19.37
N GLY D 99 -26.12 -15.70 20.09
CA GLY D 99 -26.42 -15.85 21.50
C GLY D 99 -27.83 -15.52 21.95
N GLU D 100 -27.95 -14.80 23.05
CA GLU D 100 -29.23 -14.42 23.62
C GLU D 100 -30.14 -13.67 22.65
N ARG D 101 -29.57 -12.72 21.92
CA ARG D 101 -30.33 -11.93 20.96
C ARG D 101 -31.01 -12.81 19.93
N ALA D 102 -30.28 -13.80 19.41
CA ALA D 102 -30.83 -14.70 18.42
C ALA D 102 -31.95 -15.54 19.03
N LYS D 103 -31.71 -16.01 20.25
CA LYS D 103 -32.69 -16.83 20.97
C LYS D 103 -34.02 -16.10 21.12
N GLN D 104 -33.95 -14.85 21.57
CA GLN D 104 -35.15 -14.04 21.78
C GLN D 104 -35.88 -13.69 20.48
N LEU D 105 -35.13 -13.18 19.51
CA LEU D 105 -35.71 -12.78 18.24
C LEU D 105 -36.27 -13.95 17.43
N ARG D 106 -35.56 -15.06 17.39
CA ARG D 106 -36.05 -16.20 16.62
C ARG D 106 -37.32 -16.74 17.24
N ARG D 107 -37.31 -16.92 18.55
CA ARG D 107 -38.48 -17.42 19.27
C ARG D 107 -39.67 -16.52 19.01
N PHE D 108 -39.47 -15.21 19.18
CA PHE D 108 -40.54 -14.26 18.96
C PHE D 108 -41.06 -14.24 17.53
N SER D 109 -40.15 -14.14 16.57
CA SER D 109 -40.54 -14.11 15.16
C SER D 109 -41.38 -15.31 14.74
N ILE D 110 -40.91 -16.50 15.06
CA ILE D 110 -41.64 -17.72 14.70
C ILE D 110 -43.02 -17.75 15.35
N ALA D 111 -43.10 -17.29 16.60
CA ALA D 111 -44.37 -17.29 17.33
C ALA D 111 -45.34 -16.28 16.72
N THR D 112 -44.88 -15.04 16.56
CA THR D 112 -45.68 -13.97 15.99
C THR D 112 -46.12 -14.30 14.57
N LEU D 113 -45.23 -14.92 13.80
CA LEU D 113 -45.52 -15.29 12.42
C LEU D 113 -46.57 -16.39 12.35
N ARG D 114 -46.55 -17.27 13.35
CA ARG D 114 -47.49 -18.38 13.40
C ARG D 114 -48.86 -17.92 13.87
N ASP D 115 -48.88 -16.92 14.74
CA ASP D 115 -50.15 -16.41 15.27
C ASP D 115 -50.77 -15.37 14.34
N PHE D 116 -50.15 -15.18 13.18
CA PHE D 116 -50.63 -14.23 12.18
C PHE D 116 -50.95 -14.99 10.90
N GLY D 117 -50.95 -16.31 10.98
CA GLY D 117 -51.23 -17.13 9.83
C GLY D 117 -50.18 -18.20 9.62
N VAL D 118 -49.35 -18.04 8.59
CA VAL D 118 -48.27 -18.96 8.25
C VAL D 118 -48.53 -20.39 8.75
N GLY D 119 -48.99 -21.26 7.85
CA GLY D 119 -49.28 -22.63 8.22
C GLY D 119 -50.76 -22.74 8.53
N LYS D 120 -51.33 -21.63 9.00
CA LYS D 120 -52.75 -21.55 9.33
C LYS D 120 -53.49 -21.16 8.05
N ARG D 121 -54.62 -21.82 7.78
CA ARG D 121 -55.40 -21.53 6.57
C ARG D 121 -55.54 -20.03 6.31
N GLY D 122 -55.39 -19.23 7.36
CA GLY D 122 -55.50 -17.79 7.20
C GLY D 122 -54.50 -17.27 6.19
N ILE D 123 -53.32 -17.91 6.15
CA ILE D 123 -52.28 -17.48 5.22
C ILE D 123 -52.50 -18.13 3.86
N GLU D 124 -53.13 -19.31 3.84
CA GLU D 124 -53.41 -19.99 2.59
C GLU D 124 -54.41 -19.21 1.77
N GLU D 125 -55.43 -18.67 2.43
CA GLU D 125 -56.45 -17.90 1.73
C GLU D 125 -55.83 -16.60 1.23
N ARG D 126 -54.91 -16.05 2.01
CA ARG D 126 -54.23 -14.81 1.63
C ARG D 126 -53.40 -15.06 0.37
N ILE D 127 -52.73 -16.22 0.32
CA ILE D 127 -51.92 -16.60 -0.81
C ILE D 127 -52.81 -16.85 -2.02
N GLN D 128 -53.94 -17.52 -1.80
CA GLN D 128 -54.88 -17.81 -2.87
C GLN D 128 -55.40 -16.50 -3.49
N GLU D 129 -55.72 -15.55 -2.63
CA GLU D 129 -56.22 -14.26 -3.07
C GLU D 129 -55.14 -13.54 -3.88
N GLU D 130 -53.93 -13.47 -3.34
CA GLU D 130 -52.85 -12.80 -4.04
C GLU D 130 -52.58 -13.55 -5.36
N ALA D 131 -52.73 -14.87 -5.33
CA ALA D 131 -52.51 -15.66 -6.52
C ALA D 131 -53.54 -15.21 -7.56
N GLY D 132 -54.73 -14.86 -7.08
CA GLY D 132 -55.78 -14.40 -7.98
C GLY D 132 -55.37 -13.07 -8.61
N PHE D 133 -54.79 -12.18 -7.81
CA PHE D 133 -54.35 -10.88 -8.30
C PHE D 133 -53.26 -11.04 -9.35
N LEU D 134 -52.43 -12.07 -9.20
CA LEU D 134 -51.37 -12.33 -10.15
C LEU D 134 -51.97 -12.79 -11.47
N ILE D 135 -52.94 -13.70 -11.40
CA ILE D 135 -53.60 -14.19 -12.61
C ILE D 135 -54.25 -13.03 -13.38
N ASP D 136 -54.88 -12.11 -12.66
CA ASP D 136 -55.50 -10.96 -13.31
C ASP D 136 -54.45 -10.10 -14.00
N ALA D 137 -53.32 -9.87 -13.32
CA ALA D 137 -52.24 -9.06 -13.88
C ALA D 137 -51.64 -9.68 -15.14
N LEU D 138 -51.42 -11.00 -15.12
CA LEU D 138 -50.86 -11.68 -16.28
C LEU D 138 -51.87 -11.69 -17.42
N ARG D 139 -53.14 -11.88 -17.07
CA ARG D 139 -54.21 -11.89 -18.06
C ARG D 139 -54.22 -10.52 -18.74
N GLY D 140 -53.94 -9.49 -17.96
CA GLY D 140 -53.91 -8.14 -18.48
C GLY D 140 -52.81 -7.89 -19.51
N THR D 141 -51.78 -8.71 -19.51
CA THR D 141 -50.71 -8.51 -20.49
C THR D 141 -51.18 -8.96 -21.86
N GLY D 142 -52.28 -9.70 -21.87
CA GLY D 142 -52.84 -10.18 -23.12
C GLY D 142 -51.91 -11.10 -23.88
N GLY D 143 -50.98 -11.74 -23.18
CA GLY D 143 -50.07 -12.65 -23.83
C GLY D 143 -48.92 -11.96 -24.52
N ALA D 144 -48.68 -10.70 -24.18
CA ALA D 144 -47.57 -9.98 -24.79
C ALA D 144 -46.26 -10.48 -24.17
N ASN D 145 -45.17 -10.31 -24.91
CA ASN D 145 -43.87 -10.73 -24.43
C ASN D 145 -43.44 -9.74 -23.34
N ILE D 146 -43.31 -10.22 -22.11
CA ILE D 146 -42.94 -9.35 -20.99
C ILE D 146 -41.87 -9.93 -20.08
N ASP D 147 -41.29 -9.08 -19.24
CA ASP D 147 -40.30 -9.52 -18.26
C ASP D 147 -41.14 -9.85 -17.04
N PRO D 148 -41.24 -11.13 -16.66
CA PRO D 148 -42.02 -11.60 -15.52
C PRO D 148 -41.50 -11.26 -14.13
N THR D 149 -40.27 -10.75 -14.07
CA THR D 149 -39.62 -10.41 -12.81
C THR D 149 -40.46 -9.70 -11.77
N PHE D 150 -40.95 -8.51 -12.09
CA PHE D 150 -41.74 -7.79 -11.11
C PHE D 150 -43.19 -8.19 -10.95
N PHE D 151 -43.74 -8.91 -11.93
CA PHE D 151 -45.12 -9.38 -11.77
C PHE D 151 -45.04 -10.42 -10.65
N LEU D 152 -43.97 -11.19 -10.68
CA LEU D 152 -43.73 -12.25 -9.70
C LEU D 152 -43.35 -11.73 -8.32
N SER D 153 -42.36 -10.84 -8.24
CA SER D 153 -41.93 -10.32 -6.95
C SER D 153 -43.01 -9.51 -6.24
N ARG D 154 -43.86 -8.82 -6.99
CA ARG D 154 -44.93 -8.05 -6.37
C ARG D 154 -45.93 -8.98 -5.69
N THR D 155 -46.31 -10.03 -6.39
CA THR D 155 -47.24 -11.00 -5.85
C THR D 155 -46.65 -11.66 -4.62
N VAL D 156 -45.41 -12.13 -4.74
CA VAL D 156 -44.75 -12.78 -3.62
C VAL D 156 -44.61 -11.85 -2.40
N SER D 157 -44.06 -10.66 -2.64
CA SER D 157 -43.83 -9.71 -1.56
C SER D 157 -45.10 -9.30 -0.81
N ASN D 158 -46.23 -9.25 -1.51
CA ASN D 158 -47.47 -8.87 -0.87
C ASN D 158 -47.94 -9.85 0.20
N VAL D 159 -47.45 -11.09 0.13
CA VAL D 159 -47.84 -12.07 1.12
C VAL D 159 -47.19 -11.67 2.46
N ILE D 160 -45.86 -11.76 2.54
CA ILE D 160 -45.17 -11.40 3.77
C ILE D 160 -45.49 -9.96 4.18
N SER D 161 -45.76 -9.11 3.20
CA SER D 161 -46.08 -7.71 3.50
C SER D 161 -47.38 -7.60 4.31
N SER D 162 -48.37 -8.41 3.94
CA SER D 162 -49.64 -8.41 4.65
C SER D 162 -49.38 -8.64 6.14
N ILE D 163 -48.64 -9.72 6.40
CA ILE D 163 -48.27 -10.15 7.74
C ILE D 163 -47.45 -9.13 8.53
N VAL D 164 -46.46 -8.54 7.86
CA VAL D 164 -45.57 -7.58 8.50
C VAL D 164 -46.05 -6.12 8.58
N PHE D 165 -46.68 -5.62 7.52
CA PHE D 165 -47.13 -4.24 7.52
C PHE D 165 -48.60 -4.00 7.81
N GLY D 166 -49.43 -5.03 7.64
CA GLY D 166 -50.85 -4.87 7.89
C GLY D 166 -51.69 -5.21 6.68
N ASP D 167 -51.23 -4.78 5.51
CA ASP D 167 -51.96 -5.07 4.26
C ASP D 167 -51.01 -5.13 3.09
N ARG D 168 -51.56 -5.44 1.92
CA ARG D 168 -50.77 -5.55 0.70
C ARG D 168 -50.45 -4.20 0.09
N PHE D 169 -49.69 -4.24 -1.00
CA PHE D 169 -49.31 -3.05 -1.75
C PHE D 169 -50.13 -3.12 -3.02
N ASP D 170 -50.42 -1.97 -3.63
CA ASP D 170 -51.17 -1.98 -4.88
C ASP D 170 -50.12 -2.17 -5.99
N TYR D 171 -50.37 -3.12 -6.88
CA TYR D 171 -49.42 -3.41 -7.97
C TYR D 171 -48.95 -2.19 -8.74
N LYS D 172 -49.68 -1.08 -8.62
CA LYS D 172 -49.30 0.14 -9.33
C LYS D 172 -48.53 1.12 -8.45
N ASP D 173 -48.39 0.77 -7.17
CA ASP D 173 -47.67 1.62 -6.22
C ASP D 173 -46.22 1.72 -6.67
N LYS D 174 -45.80 2.90 -7.09
CA LYS D 174 -44.44 3.09 -7.57
C LYS D 174 -43.37 2.95 -6.49
N GLU D 175 -43.72 3.21 -5.23
CA GLU D 175 -42.75 3.06 -4.16
C GLU D 175 -42.50 1.59 -3.87
N PHE D 176 -43.55 0.78 -4.04
CA PHE D 176 -43.46 -0.67 -3.82
C PHE D 176 -42.48 -1.22 -4.86
N LEU D 177 -42.65 -0.79 -6.11
CA LEU D 177 -41.78 -1.23 -7.19
C LEU D 177 -40.34 -0.80 -6.92
N SER D 178 -40.18 0.35 -6.28
CA SER D 178 -38.86 0.87 -5.96
C SER D 178 -38.15 -0.06 -4.97
N LEU D 179 -38.88 -0.46 -3.93
CA LEU D 179 -38.35 -1.36 -2.90
C LEU D 179 -37.96 -2.71 -3.52
N LEU D 180 -38.75 -3.18 -4.46
CA LEU D 180 -38.45 -4.45 -5.12
C LEU D 180 -37.17 -4.35 -5.93
N ARG D 181 -36.93 -3.21 -6.58
CA ARG D 181 -35.70 -3.05 -7.34
C ARG D 181 -34.50 -3.04 -6.39
N MET D 182 -34.68 -2.43 -5.23
CA MET D 182 -33.62 -2.34 -4.24
C MET D 182 -33.19 -3.74 -3.82
N MET D 183 -34.16 -4.59 -3.53
CA MET D 183 -33.88 -5.95 -3.15
C MET D 183 -33.17 -6.68 -4.29
N LEU D 184 -33.75 -6.62 -5.47
CA LEU D 184 -33.15 -7.28 -6.63
C LEU D 184 -31.70 -6.83 -6.83
N GLY D 185 -31.46 -5.52 -6.72
CA GLY D 185 -30.11 -5.01 -6.90
C GLY D 185 -29.14 -5.56 -5.88
N ILE D 186 -29.60 -5.67 -4.64
CA ILE D 186 -28.75 -6.19 -3.57
C ILE D 186 -28.49 -7.70 -3.74
N PHE D 187 -29.53 -8.44 -4.10
CA PHE D 187 -29.42 -9.88 -4.29
C PHE D 187 -28.44 -10.17 -5.43
N GLN D 188 -28.55 -9.39 -6.49
CA GLN D 188 -27.68 -9.55 -7.65
C GLN D 188 -26.24 -9.15 -7.31
N PHE D 189 -26.05 -7.98 -6.70
CA PHE D 189 -24.71 -7.52 -6.34
C PHE D 189 -23.95 -8.55 -5.52
N THR D 190 -24.55 -9.09 -4.46
CA THR D 190 -23.88 -10.08 -3.62
C THR D 190 -23.53 -11.36 -4.39
N SER D 191 -24.01 -11.47 -5.62
CA SER D 191 -23.75 -12.65 -6.44
C SER D 191 -22.74 -12.41 -7.56
N THR D 192 -22.23 -11.19 -7.65
CA THR D 192 -21.25 -10.84 -8.68
C THR D 192 -19.82 -10.98 -8.15
N SER D 193 -18.86 -10.90 -9.05
CA SER D 193 -17.45 -10.98 -8.70
C SER D 193 -17.11 -9.93 -7.63
N THR D 194 -17.55 -8.69 -7.86
CA THR D 194 -17.27 -7.61 -6.90
C THR D 194 -17.93 -7.88 -5.55
N GLY D 195 -19.12 -8.46 -5.58
CA GLY D 195 -19.81 -8.78 -4.33
C GLY D 195 -19.07 -9.78 -3.48
N GLN D 196 -18.50 -10.81 -4.12
CA GLN D 196 -17.76 -11.83 -3.39
C GLN D 196 -16.38 -11.32 -3.02
N LEU D 197 -15.85 -10.42 -3.83
CA LEU D 197 -14.55 -9.83 -3.53
C LEU D 197 -14.78 -9.01 -2.25
N TYR D 198 -15.96 -8.39 -2.16
CA TYR D 198 -16.31 -7.60 -0.98
C TYR D 198 -16.33 -8.49 0.28
N GLU D 199 -16.74 -9.74 0.13
CA GLU D 199 -16.77 -10.65 1.27
C GLU D 199 -15.38 -10.93 1.82
N MET D 200 -14.37 -10.76 0.99
CA MET D 200 -12.98 -10.99 1.39
C MET D 200 -12.30 -9.75 1.93
N PHE D 201 -12.59 -8.61 1.32
CA PHE D 201 -11.92 -7.36 1.68
C PHE D 201 -12.82 -6.19 2.05
N SER D 202 -13.91 -6.45 2.76
CA SER D 202 -14.82 -5.38 3.14
C SER D 202 -14.17 -4.29 3.98
N SER D 203 -13.22 -4.66 4.83
CA SER D 203 -12.53 -3.71 5.71
C SER D 203 -11.95 -2.53 4.93
N VAL D 204 -11.59 -2.79 3.68
CA VAL D 204 -11.06 -1.74 2.81
C VAL D 204 -12.15 -1.26 1.86
N MET D 205 -12.69 -2.18 1.06
CA MET D 205 -13.71 -1.86 0.09
C MET D 205 -14.91 -1.02 0.56
N LYS D 206 -15.27 -1.10 1.84
CA LYS D 206 -16.40 -0.30 2.32
C LYS D 206 -16.08 1.20 2.32
N HIS D 207 -14.79 1.54 2.22
CA HIS D 207 -14.38 2.95 2.21
C HIS D 207 -13.94 3.38 0.81
N LEU D 208 -14.17 2.51 -0.18
CA LEU D 208 -13.77 2.81 -1.55
C LEU D 208 -14.95 2.92 -2.51
N PRO D 209 -14.76 3.67 -3.61
CA PRO D 209 -15.83 3.85 -4.61
C PRO D 209 -15.99 2.50 -5.32
N GLY D 210 -17.20 2.23 -5.81
CA GLY D 210 -17.44 0.98 -6.51
C GLY D 210 -18.87 0.49 -6.35
N PRO D 211 -19.23 -0.62 -7.02
CA PRO D 211 -20.59 -1.15 -6.91
C PRO D 211 -21.07 -1.39 -5.47
N GLN D 212 -20.15 -1.58 -4.53
CA GLN D 212 -20.55 -1.82 -3.13
C GLN D 212 -21.36 -0.63 -2.62
N GLN D 213 -20.90 0.57 -2.94
CA GLN D 213 -21.58 1.79 -2.48
C GLN D 213 -23.05 1.83 -2.94
N GLN D 214 -23.29 1.48 -4.20
CA GLN D 214 -24.67 1.47 -4.69
C GLN D 214 -25.49 0.45 -3.89
N ALA D 215 -24.89 -0.69 -3.59
CA ALA D 215 -25.58 -1.72 -2.80
C ALA D 215 -25.94 -1.16 -1.42
N PHE D 216 -25.01 -0.42 -0.81
CA PHE D 216 -25.26 0.16 0.50
C PHE D 216 -26.44 1.11 0.43
N GLN D 217 -26.48 1.94 -0.62
CA GLN D 217 -27.56 2.90 -0.80
C GLN D 217 -28.88 2.17 -0.94
N LEU D 218 -28.86 1.06 -1.65
CA LEU D 218 -30.09 0.27 -1.81
C LEU D 218 -30.53 -0.24 -0.44
N LEU D 219 -29.57 -0.70 0.37
CA LEU D 219 -29.89 -1.20 1.70
C LEU D 219 -30.42 -0.07 2.60
N GLN D 220 -29.78 1.09 2.50
CA GLN D 220 -30.19 2.27 3.27
C GLN D 220 -31.64 2.61 2.90
N GLY D 221 -31.94 2.50 1.60
CA GLY D 221 -33.29 2.77 1.13
C GLY D 221 -34.30 1.82 1.74
N LEU D 222 -33.94 0.54 1.86
CA LEU D 222 -34.86 -0.43 2.45
C LEU D 222 -35.02 -0.16 3.93
N GLU D 223 -33.93 0.18 4.61
CA GLU D 223 -34.01 0.46 6.03
C GLU D 223 -34.86 1.70 6.33
N ASP D 224 -34.67 2.78 5.56
CA ASP D 224 -35.45 3.98 5.78
C ASP D 224 -36.95 3.67 5.71
N PHE D 225 -37.34 2.94 4.65
CA PHE D 225 -38.75 2.58 4.46
C PHE D 225 -39.32 1.84 5.65
N ILE D 226 -38.54 0.89 6.18
CA ILE D 226 -38.98 0.09 7.32
C ILE D 226 -39.17 0.95 8.57
N ALA D 227 -38.19 1.81 8.85
CA ALA D 227 -38.25 2.67 10.02
C ALA D 227 -39.45 3.60 9.91
N LYS D 228 -39.71 4.09 8.70
CA LYS D 228 -40.83 4.98 8.45
C LYS D 228 -42.14 4.26 8.76
N LYS D 229 -42.24 3.01 8.34
CA LYS D 229 -43.43 2.23 8.61
C LYS D 229 -43.57 2.01 10.10
N VAL D 230 -42.44 1.84 10.78
CA VAL D 230 -42.43 1.62 12.21
C VAL D 230 -42.97 2.86 12.91
N GLU D 231 -42.42 4.02 12.56
CA GLU D 231 -42.86 5.28 13.15
C GLU D 231 -44.37 5.46 13.02
N HIS D 232 -44.92 5.07 11.87
CA HIS D 232 -46.34 5.19 11.64
C HIS D 232 -47.10 4.33 12.63
N ASN D 233 -46.75 3.04 12.69
CA ASN D 233 -47.40 2.11 13.60
C ASN D 233 -47.26 2.53 15.06
N GLN D 234 -46.21 3.28 15.36
CA GLN D 234 -45.98 3.72 16.74
C GLN D 234 -46.98 4.78 17.19
N ARG D 235 -47.40 5.63 16.27
CA ARG D 235 -48.34 6.71 16.58
C ARG D 235 -49.80 6.26 16.56
N THR D 236 -50.05 5.10 16.00
CA THR D 236 -51.42 4.58 15.91
C THR D 236 -51.55 3.19 16.54
N LEU D 237 -50.52 2.79 17.28
CA LEU D 237 -50.51 1.48 17.91
C LEU D 237 -51.60 1.28 18.95
N ASP D 238 -52.25 0.13 18.89
CA ASP D 238 -53.30 -0.20 19.86
C ASP D 238 -52.78 -1.41 20.63
N PRO D 239 -52.08 -1.16 21.76
CA PRO D 239 -51.51 -2.20 22.63
C PRO D 239 -52.41 -3.41 22.88
N ASN D 240 -53.68 -3.32 22.52
CA ASN D 240 -54.61 -4.43 22.74
C ASN D 240 -55.03 -5.11 21.43
N SER D 241 -54.81 -4.44 20.30
CA SER D 241 -55.17 -5.00 19.01
C SER D 241 -54.03 -4.88 18.00
N PRO D 242 -53.05 -5.79 18.07
CA PRO D 242 -51.91 -5.77 17.15
C PRO D 242 -52.39 -5.95 15.72
N ARG D 243 -51.99 -5.05 14.84
CA ARG D 243 -52.39 -5.11 13.44
C ARG D 243 -51.48 -6.02 12.62
N ASP D 244 -50.19 -5.93 12.87
CA ASP D 244 -49.20 -6.71 12.13
C ASP D 244 -48.03 -7.12 13.00
N PHE D 245 -47.00 -7.68 12.36
CA PHE D 245 -45.80 -8.13 13.06
C PHE D 245 -45.20 -6.97 13.84
N ILE D 246 -45.10 -5.80 13.21
CA ILE D 246 -44.54 -4.62 13.86
C ILE D 246 -45.25 -4.24 15.16
N ASP D 247 -46.59 -4.19 15.13
CA ASP D 247 -47.36 -3.85 16.32
C ASP D 247 -46.96 -4.79 17.46
N SER D 248 -47.12 -6.09 17.21
CA SER D 248 -46.78 -7.09 18.21
C SER D 248 -45.42 -6.80 18.85
N PHE D 249 -44.42 -6.56 18.01
CA PHE D 249 -43.07 -6.27 18.49
C PHE D 249 -43.02 -4.96 19.26
N LEU D 250 -43.77 -3.96 18.80
CA LEU D 250 -43.80 -2.67 19.49
C LEU D 250 -44.35 -2.81 20.90
N ILE D 251 -45.36 -3.67 21.05
CA ILE D 251 -45.98 -3.92 22.34
C ILE D 251 -44.95 -4.54 23.28
N ARG D 252 -44.31 -5.60 22.80
CA ARG D 252 -43.30 -6.30 23.57
C ARG D 252 -42.28 -5.29 24.08
N MET D 253 -41.81 -4.44 23.18
CA MET D 253 -40.84 -3.41 23.55
C MET D 253 -41.30 -2.59 24.75
N GLN D 254 -42.59 -2.29 24.81
CA GLN D 254 -43.13 -1.51 25.92
C GLN D 254 -43.04 -2.30 27.22
N GLU D 255 -43.37 -3.59 27.15
CA GLU D 255 -43.33 -4.45 28.32
C GLU D 255 -41.91 -4.63 28.84
N GLU D 256 -40.95 -4.63 27.93
CA GLU D 256 -39.54 -4.80 28.30
C GLU D 256 -38.93 -3.44 28.61
N GLU D 257 -39.80 -2.45 28.81
CA GLU D 257 -39.39 -1.08 29.10
C GLU D 257 -38.49 -0.95 30.31
N LYS D 258 -38.66 -1.83 31.29
CA LYS D 258 -37.87 -1.76 32.52
C LYS D 258 -36.74 -2.79 32.62
N ASN D 259 -36.37 -3.38 31.50
CA ASN D 259 -35.29 -4.37 31.48
C ASN D 259 -34.17 -3.86 30.56
N PRO D 260 -33.15 -3.21 31.14
CA PRO D 260 -32.02 -2.67 30.39
C PRO D 260 -31.20 -3.71 29.64
N ASN D 261 -31.54 -4.98 29.82
CA ASN D 261 -30.83 -6.06 29.16
C ASN D 261 -31.71 -6.74 28.11
N THR D 262 -32.87 -6.16 27.85
CA THR D 262 -33.80 -6.72 26.88
C THR D 262 -33.27 -6.67 25.46
N GLU D 263 -33.72 -7.61 24.63
CA GLU D 263 -33.31 -7.66 23.23
C GLU D 263 -34.36 -6.96 22.39
N PHE D 264 -35.48 -6.61 23.02
CA PHE D 264 -36.57 -5.95 22.33
C PHE D 264 -36.48 -4.43 22.39
N TYR D 265 -35.88 -3.86 21.35
CA TYR D 265 -35.73 -2.41 21.24
C TYR D 265 -35.71 -2.04 19.76
N LEU D 266 -36.08 -0.80 19.47
CA LEU D 266 -36.15 -0.29 18.10
C LEU D 266 -35.23 -0.95 17.07
N LYS D 267 -33.92 -0.81 17.29
CA LYS D 267 -32.92 -1.36 16.38
C LYS D 267 -33.24 -2.78 15.92
N ASN D 268 -33.52 -3.67 16.87
CA ASN D 268 -33.84 -5.05 16.53
C ASN D 268 -35.18 -5.19 15.84
N LEU D 269 -36.10 -4.27 16.15
CA LEU D 269 -37.42 -4.31 15.51
C LEU D 269 -37.25 -3.99 14.04
N VAL D 270 -36.57 -2.88 13.75
CA VAL D 270 -36.34 -2.45 12.39
C VAL D 270 -35.65 -3.52 11.57
N MET D 271 -34.53 -4.02 12.07
CA MET D 271 -33.76 -5.04 11.38
C MET D 271 -34.47 -6.37 11.22
N THR D 272 -35.21 -6.79 12.23
CA THR D 272 -35.93 -8.06 12.12
C THR D 272 -37.03 -7.95 11.08
N THR D 273 -37.71 -6.81 11.06
CA THR D 273 -38.79 -6.60 10.10
C THR D 273 -38.20 -6.54 8.70
N LEU D 274 -37.05 -5.89 8.57
CA LEU D 274 -36.37 -5.79 7.29
C LEU D 274 -35.98 -7.20 6.82
N ASN D 275 -35.50 -8.03 7.76
CA ASN D 275 -35.11 -9.42 7.46
C ASN D 275 -36.27 -10.18 6.79
N LEU D 276 -37.43 -10.15 7.45
CA LEU D 276 -38.61 -10.85 6.95
C LEU D 276 -39.10 -10.30 5.62
N PHE D 277 -39.11 -8.97 5.49
CA PHE D 277 -39.55 -8.32 4.27
C PHE D 277 -38.70 -8.81 3.11
N ILE D 278 -37.39 -8.78 3.31
CA ILE D 278 -36.44 -9.22 2.29
C ILE D 278 -36.55 -10.72 2.06
N GLY D 279 -36.35 -11.49 3.13
CA GLY D 279 -36.40 -12.93 3.04
C GLY D 279 -37.68 -13.51 2.45
N GLY D 280 -38.81 -12.94 2.84
CA GLY D 280 -40.08 -13.42 2.34
C GLY D 280 -40.41 -12.93 0.95
N THR D 281 -39.44 -12.29 0.30
CA THR D 281 -39.66 -11.78 -1.05
C THR D 281 -38.71 -12.34 -2.11
N GLU D 282 -37.43 -12.04 -1.95
CA GLU D 282 -36.44 -12.43 -2.96
C GLU D 282 -36.22 -13.89 -3.34
N THR D 283 -36.12 -14.80 -2.38
CA THR D 283 -35.90 -16.19 -2.72
C THR D 283 -37.06 -16.89 -3.44
N VAL D 284 -38.27 -16.73 -2.92
CA VAL D 284 -39.44 -17.35 -3.55
C VAL D 284 -39.62 -16.73 -4.93
N SER D 285 -39.38 -15.43 -5.02
CA SER D 285 -39.49 -14.72 -6.29
C SER D 285 -38.47 -15.26 -7.30
N THR D 286 -37.22 -15.42 -6.87
CA THR D 286 -36.17 -15.93 -7.76
C THR D 286 -36.47 -17.36 -8.19
N THR D 287 -37.01 -18.15 -7.27
CA THR D 287 -37.34 -19.54 -7.54
C THR D 287 -38.43 -19.66 -8.61
N LEU D 288 -39.47 -18.82 -8.48
CA LEU D 288 -40.55 -18.82 -9.46
C LEU D 288 -39.99 -18.43 -10.82
N ARG D 289 -39.22 -17.36 -10.84
CA ARG D 289 -38.65 -16.85 -12.08
C ARG D 289 -37.79 -17.92 -12.76
N TYR D 290 -36.99 -18.63 -11.98
CA TYR D 290 -36.12 -19.67 -12.54
C TYR D 290 -36.98 -20.85 -12.97
N GLY D 291 -38.02 -21.14 -12.18
CA GLY D 291 -38.91 -22.25 -12.49
C GLY D 291 -39.60 -22.12 -13.84
N PHE D 292 -40.11 -20.93 -14.15
CA PHE D 292 -40.78 -20.74 -15.43
C PHE D 292 -39.83 -20.92 -16.60
N LEU D 293 -38.60 -20.44 -16.43
CA LEU D 293 -37.61 -20.56 -17.50
C LEU D 293 -37.29 -22.04 -17.76
N LEU D 294 -37.22 -22.83 -16.69
CA LEU D 294 -36.94 -24.25 -16.79
C LEU D 294 -38.13 -24.98 -17.43
N LEU D 295 -39.34 -24.60 -17.06
CA LEU D 295 -40.53 -25.23 -17.63
C LEU D 295 -40.61 -24.98 -19.13
N MET D 296 -40.18 -23.79 -19.57
CA MET D 296 -40.20 -23.49 -20.99
C MET D 296 -39.06 -24.24 -21.68
N LYS D 297 -38.02 -24.57 -20.91
CA LYS D 297 -36.86 -25.29 -21.43
C LYS D 297 -37.24 -26.75 -21.63
N HIS D 298 -38.19 -27.22 -20.81
CA HIS D 298 -38.63 -28.59 -20.90
C HIS D 298 -40.14 -28.68 -21.15
N PRO D 299 -40.56 -28.50 -22.41
CA PRO D 299 -41.96 -28.55 -22.84
C PRO D 299 -42.67 -29.80 -22.32
N GLU D 300 -41.99 -30.94 -22.42
CA GLU D 300 -42.56 -32.20 -21.97
C GLU D 300 -42.99 -32.17 -20.51
N VAL D 301 -42.21 -31.48 -19.68
CA VAL D 301 -42.53 -31.38 -18.25
C VAL D 301 -43.74 -30.47 -18.03
N GLU D 302 -43.84 -29.40 -18.82
CA GLU D 302 -44.97 -28.49 -18.70
C GLU D 302 -46.25 -29.23 -19.06
N ALA D 303 -46.21 -29.95 -20.17
CA ALA D 303 -47.36 -30.71 -20.66
C ALA D 303 -47.81 -31.76 -19.66
N LYS D 304 -46.86 -32.38 -18.97
CA LYS D 304 -47.19 -33.39 -17.98
C LYS D 304 -47.78 -32.70 -16.75
N VAL D 305 -47.36 -31.47 -16.52
CA VAL D 305 -47.86 -30.68 -15.39
C VAL D 305 -49.32 -30.29 -15.65
N HIS D 306 -49.62 -29.90 -16.88
CA HIS D 306 -50.98 -29.52 -17.23
C HIS D 306 -51.91 -30.72 -17.10
N GLU D 307 -51.49 -31.84 -17.69
CA GLU D 307 -52.26 -33.07 -17.66
C GLU D 307 -52.70 -33.42 -16.24
N GLU D 308 -51.79 -33.26 -15.29
CA GLU D 308 -52.10 -33.58 -13.89
C GLU D 308 -53.00 -32.52 -13.26
N ILE D 309 -52.81 -31.26 -13.64
CA ILE D 309 -53.64 -30.18 -13.09
C ILE D 309 -55.08 -30.28 -13.62
N ASP D 310 -55.22 -30.50 -14.92
CA ASP D 310 -56.54 -30.60 -15.54
C ASP D 310 -57.34 -31.80 -15.02
N ARG D 311 -56.62 -32.86 -14.65
CA ARG D 311 -57.26 -34.07 -14.16
C ARG D 311 -57.57 -34.06 -12.66
N VAL D 312 -56.72 -33.37 -11.89
CA VAL D 312 -56.90 -33.32 -10.45
C VAL D 312 -57.62 -32.08 -9.93
N ILE D 313 -57.44 -30.95 -10.60
CA ILE D 313 -58.07 -29.71 -10.16
C ILE D 313 -59.13 -29.13 -11.11
N GLY D 314 -58.96 -29.34 -12.40
CA GLY D 314 -59.92 -28.79 -13.34
C GLY D 314 -59.54 -27.37 -13.70
N LYS D 315 -60.39 -26.69 -14.46
CA LYS D 315 -60.09 -25.32 -14.88
C LYS D 315 -60.98 -24.29 -14.20
N ASN D 316 -61.72 -24.70 -13.18
CA ASN D 316 -62.61 -23.77 -12.50
C ASN D 316 -62.19 -23.46 -11.07
N ARG D 317 -62.10 -24.50 -10.25
CA ARG D 317 -61.72 -24.35 -8.86
C ARG D 317 -60.27 -23.86 -8.75
N GLN D 318 -60.01 -22.97 -7.80
CA GLN D 318 -58.64 -22.50 -7.63
C GLN D 318 -57.90 -23.42 -6.68
N PRO D 319 -56.66 -23.77 -7.03
CA PRO D 319 -55.80 -24.66 -6.24
C PRO D 319 -55.79 -24.41 -4.72
N LYS D 320 -55.68 -25.51 -3.98
CA LYS D 320 -55.62 -25.49 -2.52
C LYS D 320 -54.35 -26.28 -2.23
N PHE D 321 -53.73 -26.05 -1.07
CA PHE D 321 -52.51 -26.77 -0.74
C PHE D 321 -52.73 -28.29 -0.69
N GLU D 322 -53.93 -28.69 -0.27
CA GLU D 322 -54.29 -30.11 -0.16
C GLU D 322 -54.12 -30.84 -1.48
N ASP D 323 -54.35 -30.15 -2.59
CA ASP D 323 -54.26 -30.77 -3.90
C ASP D 323 -52.92 -31.45 -4.21
N ARG D 324 -51.86 -31.04 -3.53
CA ARG D 324 -50.56 -31.64 -3.79
C ARG D 324 -50.55 -33.16 -3.59
N ALA D 325 -51.27 -33.63 -2.57
CA ALA D 325 -51.35 -35.06 -2.27
C ALA D 325 -51.68 -35.89 -3.51
N LYS D 326 -52.44 -35.30 -4.42
CA LYS D 326 -52.83 -35.99 -5.65
C LYS D 326 -52.00 -35.54 -6.85
N MET D 327 -51.07 -34.63 -6.62
CA MET D 327 -50.24 -34.11 -7.71
C MET D 327 -48.76 -34.37 -7.44
N PRO D 328 -48.35 -35.64 -7.46
CA PRO D 328 -46.96 -36.03 -7.22
C PRO D 328 -46.00 -35.48 -8.26
N TYR D 329 -46.44 -35.39 -9.52
CA TYR D 329 -45.56 -34.87 -10.54
C TYR D 329 -45.24 -33.41 -10.27
N MET D 330 -46.28 -32.62 -10.01
CA MET D 330 -46.12 -31.20 -9.73
C MET D 330 -45.23 -30.99 -8.52
N GLU D 331 -45.48 -31.76 -7.46
CA GLU D 331 -44.69 -31.62 -6.25
C GLU D 331 -43.24 -32.00 -6.55
N ALA D 332 -43.04 -32.94 -7.48
CA ALA D 332 -41.70 -33.36 -7.86
C ALA D 332 -41.05 -32.25 -8.69
N VAL D 333 -41.86 -31.61 -9.54
CA VAL D 333 -41.37 -30.53 -10.37
C VAL D 333 -40.87 -29.34 -9.54
N ILE D 334 -41.64 -28.97 -8.51
CA ILE D 334 -41.27 -27.84 -7.67
C ILE D 334 -39.98 -28.13 -6.88
N HIS D 335 -39.85 -29.35 -6.39
CA HIS D 335 -38.66 -29.75 -5.66
C HIS D 335 -37.45 -29.73 -6.59
N GLU D 336 -37.64 -30.22 -7.80
CA GLU D 336 -36.57 -30.26 -8.78
C GLU D 336 -36.16 -28.83 -9.17
N ILE D 337 -37.12 -27.90 -9.15
CA ILE D 337 -36.82 -26.51 -9.49
C ILE D 337 -35.97 -25.91 -8.37
N GLN D 338 -36.31 -26.21 -7.13
CA GLN D 338 -35.53 -25.71 -6.00
C GLN D 338 -34.16 -26.37 -5.94
N ARG D 339 -34.09 -27.65 -6.31
CA ARG D 339 -32.82 -28.39 -6.28
C ARG D 339 -31.90 -27.88 -7.38
N PHE D 340 -32.46 -27.70 -8.57
CA PHE D 340 -31.72 -27.21 -9.72
C PHE D 340 -31.40 -25.74 -9.52
N GLY D 341 -32.38 -24.99 -9.03
CA GLY D 341 -32.23 -23.56 -8.79
C GLY D 341 -31.13 -23.18 -7.83
N ASP D 342 -30.95 -23.99 -6.78
CA ASP D 342 -29.90 -23.76 -5.78
C ASP D 342 -29.76 -22.26 -5.50
N VAL D 343 -30.88 -21.63 -5.15
CA VAL D 343 -30.95 -20.19 -4.91
C VAL D 343 -29.93 -19.56 -3.94
N ILE D 344 -29.67 -20.21 -2.80
CA ILE D 344 -28.68 -19.74 -1.82
C ILE D 344 -27.70 -20.92 -1.78
N PRO D 345 -26.78 -20.98 -2.75
CA PRO D 345 -25.78 -22.06 -2.88
C PRO D 345 -24.79 -22.33 -1.74
N MET D 346 -24.46 -21.31 -0.96
CA MET D 346 -23.53 -21.50 0.15
C MET D 346 -24.24 -21.16 1.46
N SER D 347 -25.58 -21.15 1.39
CA SER D 347 -26.41 -20.83 2.55
C SER D 347 -26.01 -19.49 3.13
N LEU D 348 -26.34 -19.29 4.40
CA LEU D 348 -25.93 -18.09 5.13
C LEU D 348 -24.93 -18.73 6.09
N ALA D 349 -23.76 -18.12 6.22
CA ALA D 349 -22.71 -18.69 7.05
C ALA D 349 -23.09 -19.00 8.50
N ARG D 350 -22.55 -20.09 9.01
CA ARG D 350 -22.76 -20.48 10.40
C ARG D 350 -21.46 -20.11 11.12
N ARG D 351 -21.40 -20.46 12.40
CA ARG D 351 -20.23 -20.18 13.21
C ARG D 351 -20.25 -21.22 14.35
N VAL D 352 -19.08 -21.71 14.77
CA VAL D 352 -19.03 -22.69 15.86
C VAL D 352 -19.17 -21.99 17.21
N LYS D 353 -20.12 -22.46 18.02
CA LYS D 353 -20.41 -21.89 19.35
C LYS D 353 -19.20 -21.81 20.29
N LYS D 354 -18.43 -22.89 20.35
CA LYS D 354 -17.25 -22.95 21.21
C LYS D 354 -16.24 -23.86 20.52
N ASP D 355 -15.08 -24.06 21.13
CA ASP D 355 -14.08 -24.95 20.54
C ASP D 355 -14.80 -26.25 20.21
N THR D 356 -14.65 -26.73 19.00
CA THR D 356 -15.35 -27.94 18.59
C THR D 356 -14.46 -28.95 17.86
N LYS D 357 -14.76 -30.23 18.07
CA LYS D 357 -14.04 -31.30 17.39
C LYS D 357 -15.01 -31.85 16.36
N PHE D 358 -14.67 -31.67 15.09
CA PHE D 358 -15.52 -32.17 14.02
C PHE D 358 -14.68 -33.13 13.20
N ARG D 359 -15.13 -34.38 13.14
CA ARG D 359 -14.39 -35.43 12.43
C ARG D 359 -12.99 -35.48 13.05
N ASP D 360 -11.93 -35.33 12.26
CA ASP D 360 -10.60 -35.36 12.87
C ASP D 360 -10.03 -33.97 13.06
N PHE D 361 -10.88 -32.95 13.08
CA PHE D 361 -10.37 -31.60 13.21
C PHE D 361 -10.80 -30.83 14.44
N PHE D 362 -10.07 -29.74 14.69
CA PHE D 362 -10.34 -28.87 15.81
C PHE D 362 -10.77 -27.50 15.26
N LEU D 363 -11.98 -27.08 15.58
CA LEU D 363 -12.47 -25.78 15.14
C LEU D 363 -12.55 -24.82 16.32
N PRO D 364 -11.70 -23.79 16.34
CA PRO D 364 -11.70 -22.81 17.43
C PRO D 364 -13.02 -22.05 17.51
N LYS D 365 -13.46 -21.79 18.72
CA LYS D 365 -14.69 -21.03 18.97
C LYS D 365 -14.71 -19.80 18.07
N GLY D 366 -15.83 -19.57 17.40
CA GLY D 366 -15.95 -18.42 16.53
C GLY D 366 -15.58 -18.64 15.06
N THR D 367 -15.04 -19.81 14.75
CA THR D 367 -14.66 -20.10 13.37
C THR D 367 -15.91 -20.07 12.48
N GLU D 368 -15.84 -19.34 11.37
CA GLU D 368 -16.96 -19.25 10.44
C GLU D 368 -17.06 -20.53 9.63
N VAL D 369 -18.29 -20.90 9.25
CA VAL D 369 -18.52 -22.12 8.49
C VAL D 369 -19.43 -21.89 7.29
N TYR D 370 -19.01 -22.43 6.14
CA TYR D 370 -19.77 -22.30 4.91
C TYR D 370 -20.43 -23.63 4.53
N PRO D 371 -21.73 -23.79 4.80
CA PRO D 371 -22.36 -25.06 4.41
C PRO D 371 -22.68 -24.94 2.92
N MET D 372 -22.00 -25.70 2.07
CA MET D 372 -22.24 -25.63 0.62
C MET D 372 -23.51 -26.39 0.19
N LEU D 373 -24.67 -25.81 0.48
CA LEU D 373 -25.95 -26.43 0.15
C LEU D 373 -26.02 -26.89 -1.30
N GLY D 374 -25.50 -26.08 -2.20
CA GLY D 374 -25.54 -26.44 -3.62
C GLY D 374 -24.88 -27.79 -3.88
N SER D 375 -23.83 -28.11 -3.11
CA SER D 375 -23.12 -29.37 -3.28
C SER D 375 -23.93 -30.53 -2.71
N VAL D 376 -24.90 -30.23 -1.86
CA VAL D 376 -25.74 -31.28 -1.30
C VAL D 376 -26.85 -31.51 -2.34
N LEU D 377 -27.40 -30.41 -2.86
CA LEU D 377 -28.46 -30.47 -3.86
C LEU D 377 -27.99 -31.21 -5.12
N ARG D 378 -26.68 -31.27 -5.35
CA ARG D 378 -26.15 -31.98 -6.51
C ARG D 378 -25.31 -33.19 -6.12
N ASP D 379 -25.41 -33.63 -4.87
CA ASP D 379 -24.62 -34.77 -4.41
C ASP D 379 -25.01 -36.00 -5.24
N PRO D 380 -24.08 -36.48 -6.07
CA PRO D 380 -24.28 -37.64 -6.95
C PRO D 380 -24.63 -38.93 -6.22
N SER D 381 -24.47 -38.94 -4.90
CA SER D 381 -24.82 -40.13 -4.13
C SER D 381 -26.31 -40.13 -3.85
N PHE D 382 -26.97 -39.00 -4.09
CA PHE D 382 -28.42 -38.89 -3.85
C PHE D 382 -29.25 -38.63 -5.10
N PHE D 383 -28.62 -38.12 -6.15
CA PHE D 383 -29.35 -37.85 -7.40
C PHE D 383 -28.54 -38.46 -8.54
N SER D 384 -29.22 -39.20 -9.42
CA SER D 384 -28.54 -39.87 -10.54
C SER D 384 -27.96 -38.94 -11.62
N ASN D 385 -28.64 -37.85 -11.93
CA ASN D 385 -28.15 -36.91 -12.93
C ASN D 385 -28.33 -35.51 -12.37
N PRO D 386 -27.60 -35.21 -11.27
CA PRO D 386 -27.62 -33.92 -10.56
C PRO D 386 -27.47 -32.67 -11.41
N GLN D 387 -26.77 -32.77 -12.53
CA GLN D 387 -26.57 -31.61 -13.40
C GLN D 387 -27.76 -31.36 -14.33
N ASP D 388 -28.66 -32.32 -14.40
CA ASP D 388 -29.82 -32.20 -15.27
C ASP D 388 -31.07 -31.80 -14.50
N PHE D 389 -32.02 -31.20 -15.20
CA PHE D 389 -33.28 -30.81 -14.59
C PHE D 389 -34.20 -32.00 -14.89
N ASN D 390 -34.50 -32.80 -13.87
CA ASN D 390 -35.35 -33.95 -14.07
C ASN D 390 -36.25 -34.27 -12.88
N PRO D 391 -37.56 -34.04 -13.03
CA PRO D 391 -38.52 -34.31 -11.95
C PRO D 391 -38.42 -35.74 -11.44
N GLN D 392 -37.87 -36.65 -12.24
CA GLN D 392 -37.73 -38.05 -11.82
C GLN D 392 -36.92 -38.17 -10.53
N HIS D 393 -36.08 -37.17 -10.26
CA HIS D 393 -35.26 -37.16 -9.05
C HIS D 393 -36.11 -37.24 -7.78
N PHE D 394 -37.41 -36.96 -7.91
CA PHE D 394 -38.32 -37.00 -6.76
C PHE D 394 -39.54 -37.90 -6.99
N LEU D 395 -39.41 -38.85 -7.91
CA LEU D 395 -40.49 -39.79 -8.23
C LEU D 395 -39.99 -41.23 -8.21
N ASN D 396 -40.86 -42.16 -7.79
CA ASN D 396 -40.51 -43.58 -7.77
C ASN D 396 -40.78 -44.13 -9.16
N GLU D 397 -40.67 -45.44 -9.28
CA GLU D 397 -40.96 -46.11 -10.54
C GLU D 397 -42.47 -46.08 -10.65
N LYS D 398 -43.13 -46.12 -9.50
CA LYS D 398 -44.59 -46.11 -9.41
C LYS D 398 -45.14 -44.73 -9.79
N GLY D 399 -44.26 -43.73 -9.80
CA GLY D 399 -44.69 -42.38 -10.12
C GLY D 399 -45.10 -41.63 -8.86
N GLN D 400 -44.75 -42.19 -7.71
CA GLN D 400 -45.07 -41.56 -6.43
C GLN D 400 -43.94 -40.59 -6.03
N PHE D 401 -44.28 -39.55 -5.28
CA PHE D 401 -43.27 -38.59 -4.84
C PHE D 401 -42.30 -39.23 -3.86
N LYS D 402 -41.01 -39.01 -4.10
CA LYS D 402 -39.97 -39.57 -3.27
C LYS D 402 -39.10 -38.50 -2.61
N LYS D 403 -39.13 -38.45 -1.28
CA LYS D 403 -38.34 -37.47 -0.54
C LYS D 403 -36.86 -37.79 -0.66
N SER D 404 -36.03 -36.82 -0.31
CA SER D 404 -34.58 -37.03 -0.36
C SER D 404 -33.93 -36.30 0.81
N ASP D 405 -32.98 -36.97 1.45
CA ASP D 405 -32.27 -36.37 2.56
C ASP D 405 -31.33 -35.27 2.07
N ALA D 406 -31.07 -35.24 0.77
CA ALA D 406 -30.17 -34.23 0.21
C ALA D 406 -30.92 -32.98 -0.26
N PHE D 407 -32.22 -32.93 0.00
CA PHE D 407 -33.02 -31.77 -0.38
C PHE D 407 -32.91 -30.77 0.77
N VAL D 408 -31.95 -29.85 0.66
CA VAL D 408 -31.71 -28.87 1.71
C VAL D 408 -31.64 -27.40 1.27
N PRO D 409 -32.53 -26.97 0.36
CA PRO D 409 -32.50 -25.58 -0.10
C PRO D 409 -32.76 -24.61 1.04
N PHE D 410 -33.42 -25.07 2.10
CA PHE D 410 -33.71 -24.24 3.26
C PHE D 410 -32.68 -24.50 4.35
N SER D 411 -31.72 -25.36 4.05
CA SER D 411 -30.68 -25.74 4.99
C SER D 411 -31.32 -26.63 6.06
N ILE D 412 -30.56 -26.90 7.12
CA ILE D 412 -31.00 -27.76 8.23
C ILE D 412 -30.29 -27.34 9.52
N GLY D 413 -30.75 -27.86 10.65
CA GLY D 413 -30.12 -27.51 11.91
C GLY D 413 -30.85 -26.49 12.75
N LYS D 414 -30.18 -25.99 13.78
CA LYS D 414 -30.73 -25.03 14.71
C LYS D 414 -31.15 -23.67 14.16
N ARG D 415 -30.41 -23.14 13.19
CA ARG D 415 -30.75 -21.84 12.62
C ARG D 415 -31.26 -21.96 11.19
N ASN D 416 -31.93 -23.06 10.87
CA ASN D 416 -32.44 -23.26 9.52
C ASN D 416 -33.54 -22.25 9.19
N CYS D 417 -33.89 -22.13 7.91
CA CYS D 417 -34.93 -21.17 7.49
C CYS D 417 -36.25 -21.44 8.19
N PHE D 418 -36.75 -20.49 8.96
CA PHE D 418 -38.05 -20.71 9.60
C PHE D 418 -39.15 -20.15 8.71
N GLY D 419 -38.77 -19.78 7.48
CA GLY D 419 -39.72 -19.28 6.52
C GLY D 419 -40.08 -20.41 5.56
N GLU D 420 -39.53 -21.59 5.79
CA GLU D 420 -39.78 -22.75 4.92
C GLU D 420 -41.25 -23.07 4.70
N GLY D 421 -42.02 -23.09 5.77
CA GLY D 421 -43.45 -23.40 5.66
C GLY D 421 -44.18 -22.47 4.70
N LEU D 422 -43.97 -21.17 4.90
CA LEU D 422 -44.59 -20.16 4.05
C LEU D 422 -44.14 -20.34 2.60
N ALA D 423 -42.83 -20.44 2.40
CA ALA D 423 -42.27 -20.60 1.07
C ALA D 423 -42.83 -21.79 0.31
N ARG D 424 -42.96 -22.93 0.98
CA ARG D 424 -43.48 -24.12 0.32
C ARG D 424 -44.91 -23.92 -0.15
N MET D 425 -45.69 -23.22 0.66
CA MET D 425 -47.08 -22.96 0.34
C MET D 425 -47.22 -21.99 -0.82
N GLU D 426 -46.35 -20.98 -0.86
CA GLU D 426 -46.39 -20.01 -1.95
C GLU D 426 -45.97 -20.67 -3.25
N LEU D 427 -44.90 -21.47 -3.21
CA LEU D 427 -44.42 -22.15 -4.40
C LEU D 427 -45.46 -23.06 -5.02
N PHE D 428 -46.10 -23.89 -4.20
CA PHE D 428 -47.11 -24.80 -4.74
C PHE D 428 -48.30 -24.03 -5.31
N LEU D 429 -48.87 -23.15 -4.50
CA LEU D 429 -50.01 -22.37 -4.94
C LEU D 429 -49.74 -21.41 -6.10
N PHE D 430 -48.63 -20.68 -6.08
CA PHE D 430 -48.35 -19.77 -7.19
C PHE D 430 -48.03 -20.53 -8.47
N PHE D 431 -47.24 -21.59 -8.36
CA PHE D 431 -46.88 -22.38 -9.53
C PHE D 431 -48.09 -23.08 -10.17
N THR D 432 -48.93 -23.69 -9.34
CA THR D 432 -50.10 -24.41 -9.85
C THR D 432 -51.19 -23.49 -10.39
N THR D 433 -51.48 -22.41 -9.67
CA THR D 433 -52.52 -21.48 -10.12
C THR D 433 -52.13 -20.88 -11.46
N VAL D 434 -50.86 -20.51 -11.61
CA VAL D 434 -50.38 -19.93 -12.85
C VAL D 434 -50.44 -20.96 -13.99
N MET D 435 -49.94 -22.16 -13.74
CA MET D 435 -49.94 -23.19 -14.77
C MET D 435 -51.35 -23.67 -15.12
N GLN D 436 -52.27 -23.52 -14.18
CA GLN D 436 -53.66 -23.90 -14.41
C GLN D 436 -54.27 -22.96 -15.44
N ASN D 437 -53.95 -21.67 -15.30
CA ASN D 437 -54.49 -20.63 -16.16
C ASN D 437 -53.74 -20.28 -17.43
N PHE D 438 -52.45 -20.57 -17.50
CA PHE D 438 -51.67 -20.20 -18.67
C PHE D 438 -50.75 -21.31 -19.20
N ARG D 439 -50.32 -21.14 -20.44
CA ARG D 439 -49.35 -22.04 -21.04
C ARG D 439 -48.22 -21.05 -21.30
N LEU D 440 -46.98 -21.51 -21.23
CA LEU D 440 -45.86 -20.60 -21.40
C LEU D 440 -45.32 -20.58 -22.83
N LYS D 441 -44.89 -19.41 -23.29
CA LYS D 441 -44.31 -19.28 -24.62
C LYS D 441 -43.04 -18.44 -24.54
N SER D 442 -41.91 -19.08 -24.80
CA SER D 442 -40.62 -18.39 -24.75
C SER D 442 -40.36 -17.65 -26.04
N SER D 443 -39.42 -16.70 -25.99
CA SER D 443 -39.08 -15.92 -27.16
C SER D 443 -37.97 -16.60 -27.94
N GLN D 444 -37.72 -17.87 -27.61
CA GLN D 444 -36.67 -18.64 -28.27
C GLN D 444 -37.04 -20.12 -28.23
N SER D 445 -36.56 -20.89 -29.19
CA SER D 445 -36.85 -22.33 -29.22
C SER D 445 -36.18 -23.01 -28.04
N PRO D 446 -36.87 -23.96 -27.39
CA PRO D 446 -36.37 -24.70 -26.23
C PRO D 446 -34.89 -25.04 -26.28
N LYS D 447 -34.41 -25.42 -27.46
CA LYS D 447 -33.01 -25.78 -27.63
C LYS D 447 -32.05 -24.61 -27.37
N ASP D 448 -32.51 -23.38 -27.63
CA ASP D 448 -31.69 -22.20 -27.45
C ASP D 448 -31.85 -21.47 -26.11
N ILE D 449 -32.75 -21.95 -25.26
CA ILE D 449 -32.95 -21.31 -23.96
C ILE D 449 -31.76 -21.63 -23.04
N ASP D 450 -31.13 -20.59 -22.52
CA ASP D 450 -29.98 -20.78 -21.64
C ASP D 450 -30.39 -20.74 -20.18
N VAL D 451 -30.35 -21.90 -19.51
CA VAL D 451 -30.73 -21.96 -18.11
C VAL D 451 -29.53 -21.91 -17.15
N SER D 452 -28.34 -21.63 -17.67
CA SER D 452 -27.18 -21.52 -16.80
C SER D 452 -27.36 -20.17 -16.10
N PRO D 453 -26.93 -20.05 -14.85
CA PRO D 453 -27.09 -18.79 -14.13
C PRO D 453 -26.34 -17.59 -14.71
N LYS D 454 -26.89 -16.41 -14.46
CA LYS D 454 -26.31 -15.15 -14.88
C LYS D 454 -25.22 -14.83 -13.87
N HIS D 455 -25.52 -15.07 -12.59
CA HIS D 455 -24.56 -14.81 -11.51
C HIS D 455 -24.67 -15.90 -10.44
N VAL D 456 -23.56 -16.20 -9.77
CA VAL D 456 -23.53 -17.16 -8.69
C VAL D 456 -22.53 -16.68 -7.66
N GLY D 457 -23.05 -16.39 -6.47
CA GLY D 457 -22.23 -15.91 -5.37
C GLY D 457 -23.03 -16.22 -4.14
N PHE D 458 -23.55 -15.20 -3.48
CA PHE D 458 -24.39 -15.42 -2.31
C PHE D 458 -25.66 -16.12 -2.76
N ALA D 459 -26.11 -15.82 -3.96
CA ALA D 459 -27.32 -16.43 -4.52
C ALA D 459 -27.03 -16.87 -5.93
N THR D 460 -28.00 -17.57 -6.52
CA THR D 460 -27.90 -18.01 -7.90
C THR D 460 -28.94 -17.19 -8.68
N ILE D 461 -28.46 -16.43 -9.65
CA ILE D 461 -29.34 -15.57 -10.43
C ILE D 461 -29.57 -16.07 -11.84
N PRO D 462 -30.85 -16.29 -12.22
CA PRO D 462 -31.13 -16.74 -13.58
C PRO D 462 -30.92 -15.60 -14.56
N ARG D 463 -30.66 -15.91 -15.82
CA ARG D 463 -30.45 -14.88 -16.82
C ARG D 463 -31.73 -14.10 -17.07
N ASN D 464 -31.58 -12.85 -17.50
CA ASN D 464 -32.72 -11.99 -17.80
C ASN D 464 -33.45 -12.59 -19.00
N TYR D 465 -34.76 -12.53 -18.99
CA TYR D 465 -35.51 -13.06 -20.13
C TYR D 465 -36.92 -12.51 -20.20
N THR D 466 -37.57 -12.72 -21.34
CA THR D 466 -38.94 -12.28 -21.54
C THR D 466 -39.73 -13.51 -21.97
N MET D 467 -41.03 -13.48 -21.74
CA MET D 467 -41.87 -14.61 -22.09
C MET D 467 -43.31 -14.14 -22.21
N SER D 468 -44.17 -15.01 -22.71
CA SER D 468 -45.59 -14.71 -22.85
C SER D 468 -46.40 -15.74 -22.08
N PHE D 469 -47.45 -15.29 -21.41
CA PHE D 469 -48.37 -16.17 -20.69
C PHE D 469 -49.62 -16.20 -21.57
N LEU D 470 -49.90 -17.36 -22.15
CA LEU D 470 -51.05 -17.52 -23.04
C LEU D 470 -52.19 -18.23 -22.32
N PRO D 471 -53.42 -17.70 -22.40
CA PRO D 471 -54.57 -18.33 -21.74
C PRO D 471 -54.74 -19.77 -22.24
N ARG D 472 -55.19 -20.65 -21.36
CA ARG D 472 -55.38 -22.05 -21.74
C ARG D 472 -56.81 -22.29 -22.20
#